data_5AH2
#
_entry.id   5AH2
#
_cell.length_a   80.241
_cell.length_b   125.868
_cell.length_c   94.899
_cell.angle_alpha   90.00
_cell.angle_beta   104.42
_cell.angle_gamma   90.00
#
_symmetry.space_group_name_H-M   'P 1 21 1'
#
loop_
_entity.id
_entity.type
_entity.pdbx_description
1 polymer 'DNA POLYMERASE III SUBUNIT BETA'
2 polymer GRISELIMYCIN
3 non-polymer 'SODIUM ION'
4 water water
#
loop_
_entity_poly.entity_id
_entity_poly.type
_entity_poly.pdbx_seq_one_letter_code
_entity_poly.pdbx_strand_id
1 'polypeptide(L)'
;GGGRMATTTAGLTDLKFRVVREDFADAVAWVARSLPTRPTIPVLAGVLLTGTDEGLTISGFDYEVSAEVKVSAEIASAGS
VLVSGRLLSDITKALPAKPVEVSVEGTRVSLTCGSARFSLPTLAVEDYPALPALPEETGVIASDLFAEAIGQVAVAAGRD
DTLPMLTGIRVEISGESVVLAATDRFRLAVRELTWVTTAGDVEAAVLVPAKTLAEAAKAGTDGNQVHLALGSGASVGKDG
LLGIRSEGKRSTTRLLDAEFPKFRQLLPAEHTAVATIGVAELTEAIKRVALVADRGAQIRMEFSDDTLKLSAGADDVGRA
EEDLPVDFAGEPLTIAFNPTYLTDGLGSLHSERVTFGFTTPSRPAVLRPAGEDDGANGGSGPFPAAKTDYVYLLMPVRLP
G
;
A,B,C,D
2 'polypeptide(L)' (ACE)(MVA)(MP8)(NZC)L(MP8)L(MVA)P(MLU)G E,F,G,H
#
loop_
_chem_comp.id
_chem_comp.type
_chem_comp.name
_chem_comp.formula
ACE non-polymer 'ACETYL GROUP' 'C2 H4 O'
NA non-polymer 'SODIUM ION' 'Na 1'
#
# COMPACT_ATOMS: atom_id res chain seq x y z
N THR A 13 18.57 19.64 39.11
CA THR A 13 19.68 20.12 38.31
C THR A 13 19.40 19.93 36.81
N ASP A 14 19.79 20.90 35.99
CA ASP A 14 19.44 20.92 34.57
C ASP A 14 20.63 20.71 33.63
N LEU A 15 20.48 19.76 32.71
CA LEU A 15 21.56 19.39 31.79
C LEU A 15 22.06 20.54 30.91
N LYS A 16 23.38 20.65 30.82
CA LYS A 16 24.02 21.66 29.98
C LYS A 16 25.40 21.13 29.57
N PHE A 17 25.65 21.04 28.27
CA PHE A 17 26.94 20.54 27.82
C PHE A 17 27.39 21.05 26.45
N ARG A 18 28.66 20.82 26.16
CA ARG A 18 29.22 21.06 24.84
C ARG A 18 29.88 19.77 24.32
N VAL A 19 29.74 19.52 23.03
CA VAL A 19 30.17 18.26 22.43
C VAL A 19 30.59 18.47 20.96
N VAL A 20 31.61 17.75 20.50
CA VAL A 20 31.99 17.75 19.09
C VAL A 20 30.80 17.26 18.24
N ARG A 21 30.53 17.94 17.11
CA ARG A 21 29.32 17.62 16.33
C ARG A 21 29.35 16.21 15.78
N GLU A 22 30.49 15.80 15.24
CA GLU A 22 30.62 14.46 14.68
C GLU A 22 30.30 13.37 15.70
N ASP A 23 30.92 13.44 16.87
CA ASP A 23 30.70 12.49 17.95
C ASP A 23 29.23 12.38 18.31
N PHE A 24 28.61 13.54 18.54
CA PHE A 24 27.21 13.62 18.93
C PHE A 24 26.32 13.00 17.86
N ALA A 25 26.59 13.34 16.60
CA ALA A 25 25.74 12.94 15.50
C ALA A 25 25.81 11.44 15.27
N ASP A 26 27.04 10.92 15.24
CA ASP A 26 27.27 9.48 15.07
C ASP A 26 26.62 8.70 16.19
N ALA A 27 26.70 9.21 17.40
CA ALA A 27 26.11 8.53 18.57
C ALA A 27 24.59 8.48 18.48
N VAL A 28 23.96 9.62 18.18
CA VAL A 28 22.50 9.69 18.09
C VAL A 28 21.96 8.79 16.98
N ALA A 29 22.65 8.79 15.83
CA ALA A 29 22.27 7.93 14.71
C ALA A 29 22.26 6.45 15.12
N TRP A 30 23.35 6.03 15.76
CA TRP A 30 23.48 4.66 16.25
C TRP A 30 22.31 4.30 17.16
N VAL A 31 21.99 5.16 18.12
CA VAL A 31 20.86 4.90 18.99
C VAL A 31 19.54 4.86 18.21
N ALA A 32 19.37 5.82 17.31
CA ALA A 32 18.09 5.97 16.60
C ALA A 32 17.77 4.75 15.74
N ARG A 33 18.80 4.01 15.35
CA ARG A 33 18.60 2.81 14.55
C ARG A 33 17.70 1.79 15.25
N SER A 34 17.77 1.77 16.59
CA SER A 34 17.03 0.82 17.40
C SER A 34 15.72 1.38 17.97
N LEU A 35 15.48 2.67 17.76
CA LEU A 35 14.24 3.29 18.22
C LEU A 35 13.05 2.77 17.42
N PRO A 36 11.90 2.57 18.08
CA PRO A 36 10.68 2.15 17.39
C PRO A 36 10.09 3.26 16.51
N THR A 37 9.55 2.89 15.36
CA THR A 37 8.86 3.87 14.52
C THR A 37 7.38 3.88 14.86
N ARG A 38 6.88 5.06 15.22
CA ARG A 38 5.47 5.28 15.53
C ARG A 38 4.87 4.28 16.54
N PRO A 39 5.43 4.23 17.77
CA PRO A 39 4.94 3.29 18.79
C PRO A 39 3.65 3.76 19.49
N THR A 40 2.85 2.80 19.96
CA THR A 40 1.63 3.10 20.72
C THR A 40 1.93 3.92 21.98
N ILE A 41 3.12 3.72 22.53
CA ILE A 41 3.65 4.54 23.61
C ILE A 41 4.67 5.54 23.04
N PRO A 42 4.22 6.78 22.75
CA PRO A 42 5.00 7.81 22.03
C PRO A 42 6.35 8.25 22.66
N VAL A 43 6.53 8.17 23.98
CA VAL A 43 7.83 8.51 24.58
C VAL A 43 8.90 7.43 24.32
N LEU A 44 8.50 6.25 23.87
CA LEU A 44 9.45 5.21 23.48
C LEU A 44 10.31 5.62 22.28
N ALA A 45 9.78 6.51 21.43
CA ALA A 45 10.58 7.10 20.36
C ALA A 45 11.59 8.13 20.88
N GLY A 46 11.62 8.35 22.19
CA GLY A 46 12.54 9.33 22.73
C GLY A 46 14.00 8.88 22.77
N VAL A 47 14.90 9.85 22.89
CA VAL A 47 16.29 9.59 23.20
C VAL A 47 16.63 10.28 24.50
N LEU A 48 17.24 9.55 25.44
CA LEU A 48 17.62 10.05 26.76
C LEU A 48 19.05 10.58 26.73
N LEU A 49 19.24 11.84 27.16
CA LEU A 49 20.57 12.41 27.25
C LEU A 49 20.95 12.56 28.73
N THR A 50 22.05 11.96 29.16
CA THR A 50 22.46 12.10 30.56
C THR A 50 23.89 12.60 30.64
N GLY A 51 24.07 13.68 31.40
CA GLY A 51 25.39 14.22 31.64
C GLY A 51 25.89 13.69 32.96
N THR A 52 27.11 13.14 32.93
CA THR A 52 27.69 12.48 34.08
C THR A 52 29.06 13.09 34.40
N ASP A 53 29.75 12.51 35.39
CA ASP A 53 31.11 12.93 35.72
C ASP A 53 32.09 12.43 34.65
N GLU A 54 31.65 11.41 33.90
CA GLU A 54 32.45 10.82 32.83
C GLU A 54 32.29 11.59 31.53
N GLY A 55 31.11 12.15 31.32
CA GLY A 55 30.75 12.79 30.07
C GLY A 55 29.27 12.58 29.73
N LEU A 56 28.95 12.49 28.44
CA LEU A 56 27.58 12.35 27.98
C LEU A 56 27.15 10.91 27.69
N THR A 57 25.96 10.54 28.16
CA THR A 57 25.36 9.26 27.78
C THR A 57 24.12 9.49 26.93
N ILE A 58 23.96 8.68 25.91
CA ILE A 58 22.81 8.77 25.02
C ILE A 58 22.15 7.39 24.94
N SER A 59 20.84 7.32 25.17
CA SER A 59 20.21 6.00 25.14
C SER A 59 18.76 5.98 24.63
N GLY A 60 18.34 4.79 24.21
CA GLY A 60 16.96 4.53 23.84
C GLY A 60 16.55 3.20 24.42
N PHE A 61 15.25 3.03 24.64
CA PHE A 61 14.71 1.79 25.19
C PHE A 61 13.22 1.77 24.89
N ASP A 62 12.70 0.61 24.48
CA ASP A 62 11.27 0.51 24.18
C ASP A 62 10.64 -0.68 24.89
N TYR A 63 11.24 -1.07 26.01
CA TYR A 63 10.93 -2.27 26.81
C TYR A 63 11.56 -3.55 26.24
N GLU A 64 11.82 -3.59 24.93
CA GLU A 64 12.30 -4.82 24.30
C GLU A 64 13.80 -4.76 23.92
N VAL A 65 14.19 -3.66 23.31
CA VAL A 65 15.55 -3.45 22.86
C VAL A 65 16.06 -2.11 23.38
N SER A 66 17.28 -2.11 23.94
CA SER A 66 17.91 -0.90 24.42
C SER A 66 19.25 -0.68 23.72
N ALA A 67 19.67 0.58 23.67
CA ALA A 67 20.92 0.95 23.06
C ALA A 67 21.42 2.17 23.80
N GLU A 68 22.69 2.14 24.20
CA GLU A 68 23.27 3.19 25.02
C GLU A 68 24.71 3.39 24.63
N VAL A 69 25.09 4.64 24.38
CA VAL A 69 26.46 4.94 23.97
C VAL A 69 26.99 6.11 24.78
N LYS A 70 28.24 6.01 25.23
CA LYS A 70 28.88 7.09 25.98
C LYS A 70 29.80 7.86 25.08
N VAL A 71 29.72 9.19 25.16
CA VAL A 71 30.50 10.10 24.33
CA VAL A 71 30.56 10.05 24.34
C VAL A 71 31.28 11.09 25.20
N SER A 72 32.44 11.56 24.71
CA SER A 72 33.17 12.61 25.42
C SER A 72 32.40 13.91 25.28
N ALA A 73 32.31 14.68 26.35
CA ALA A 73 31.60 15.95 26.33
C ALA A 73 31.99 16.82 27.52
N GLU A 74 32.10 18.13 27.28
CA GLU A 74 32.33 19.08 28.36
C GLU A 74 31.00 19.32 29.08
N ILE A 75 30.88 18.77 30.28
CA ILE A 75 29.62 18.87 31.02
C ILE A 75 29.66 20.06 31.95
N ALA A 76 28.89 21.10 31.62
CA ALA A 76 28.79 22.29 32.46
C ALA A 76 27.87 22.01 33.63
N SER A 77 26.77 21.31 33.36
CA SER A 77 25.80 20.94 34.38
C SER A 77 25.24 19.55 34.15
N ALA A 78 25.24 18.74 35.21
CA ALA A 78 24.74 17.38 35.11
C ALA A 78 23.21 17.34 35.16
N GLY A 79 22.64 16.24 34.70
CA GLY A 79 21.20 16.08 34.67
C GLY A 79 20.83 15.18 33.52
N SER A 80 19.54 15.01 33.29
CA SER A 80 19.10 14.20 32.17
C SER A 80 17.87 14.82 31.52
N VAL A 81 17.59 14.41 30.30
CA VAL A 81 16.44 14.93 29.57
C VAL A 81 16.07 13.98 28.45
N LEU A 82 14.78 13.88 28.16
CA LEU A 82 14.31 13.03 27.07
C LEU A 82 13.76 13.92 25.96
N VAL A 83 14.24 13.71 24.73
CA VAL A 83 13.83 14.52 23.60
C VAL A 83 13.47 13.60 22.44
N SER A 84 12.64 14.09 21.52
CA SER A 84 12.27 13.31 20.36
C SER A 84 13.48 12.74 19.59
N GLY A 85 13.53 11.41 19.52
CA GLY A 85 14.59 10.71 18.82
C GLY A 85 14.77 11.03 17.34
N ARG A 86 13.70 10.99 16.56
CA ARG A 86 13.86 11.24 15.13
C ARG A 86 14.23 12.70 14.85
N LEU A 87 13.65 13.60 15.62
CA LEU A 87 13.94 15.00 15.47
C LEU A 87 15.42 15.29 15.85
N LEU A 88 15.91 14.70 16.94
CA LEU A 88 17.29 14.93 17.35
C LEU A 88 18.26 14.36 16.31
N SER A 89 17.95 13.19 15.76
CA SER A 89 18.86 12.64 14.78
C SER A 89 18.87 13.49 13.49
N ASP A 90 17.71 13.90 12.99
CA ASP A 90 17.65 14.77 11.80
C ASP A 90 18.45 16.04 12.01
N ILE A 91 18.33 16.62 13.20
CA ILE A 91 18.97 17.89 13.48
C ILE A 91 20.48 17.72 13.52
N THR A 92 20.98 16.78 14.31
CA THR A 92 22.43 16.60 14.44
C THR A 92 23.08 16.28 13.08
N LYS A 93 22.39 15.53 12.22
CA LYS A 93 22.90 15.25 10.88
C LYS A 93 23.07 16.50 9.99
N ALA A 94 22.37 17.57 10.34
CA ALA A 94 22.33 18.76 9.48
C ALA A 94 23.11 19.96 10.03
N LEU A 95 23.73 19.80 11.20
CA LEU A 95 24.43 20.92 11.83
C LEU A 95 25.74 21.31 11.11
N PRO A 96 26.15 22.58 11.23
CA PRO A 96 27.41 23.04 10.65
C PRO A 96 28.62 22.37 11.30
N ALA A 97 29.81 22.62 10.77
CA ALA A 97 31.03 22.01 11.30
C ALA A 97 31.54 22.79 12.50
N LYS A 98 30.81 22.71 13.60
CA LYS A 98 31.02 23.60 14.73
C LYS A 98 30.66 22.93 16.05
N PRO A 99 31.24 23.39 17.16
CA PRO A 99 30.88 22.82 18.46
C PRO A 99 29.37 22.94 18.73
N VAL A 100 28.80 21.91 19.33
CA VAL A 100 27.37 21.91 19.66
C VAL A 100 27.20 22.20 21.14
N GLU A 101 26.27 23.10 21.44
CA GLU A 101 25.97 23.46 22.82
C GLU A 101 24.51 23.12 23.09
N VAL A 102 24.29 22.30 24.12
CA VAL A 102 22.95 21.86 24.50
C VAL A 102 22.65 22.36 25.92
N SER A 103 21.44 22.86 26.13
CA SER A 103 21.07 23.46 27.41
C SER A 103 19.60 23.21 27.73
N VAL A 104 19.30 22.57 28.85
CA VAL A 104 17.90 22.36 29.24
C VAL A 104 17.38 23.53 30.07
N GLU A 105 16.35 24.22 29.58
CA GLU A 105 15.71 25.31 30.33
C GLU A 105 14.20 25.09 30.38
N GLY A 106 13.67 24.87 31.58
CA GLY A 106 12.25 24.59 31.74
C GLY A 106 11.77 23.40 30.94
N THR A 107 10.77 23.63 30.08
CA THR A 107 10.16 22.54 29.33
C THR A 107 10.80 22.36 27.96
N ARG A 108 11.94 23.01 27.74
CA ARG A 108 12.59 23.02 26.42
C ARG A 108 14.06 22.73 26.49
N VAL A 109 14.56 22.05 25.47
CA VAL A 109 15.99 21.86 25.25
C VAL A 109 16.43 22.74 24.09
N SER A 110 17.42 23.59 24.38
CA SER A 110 17.98 24.45 23.37
C SER A 110 19.27 23.83 22.81
N LEU A 111 19.42 23.92 21.50
CA LEU A 111 20.58 23.38 20.81
C LEU A 111 21.09 24.47 19.87
N THR A 112 22.34 24.88 20.07
CA THR A 112 22.98 25.87 19.22
C THR A 112 24.27 25.32 18.61
N CYS A 113 24.52 25.67 17.35
CA CYS A 113 25.72 25.25 16.66
C CYS A 113 25.99 26.24 15.54
N GLY A 114 26.99 27.09 15.75
CA GLY A 114 27.20 28.21 14.85
C GLY A 114 26.02 29.16 14.89
N SER A 115 25.52 29.53 13.72
CA SER A 115 24.39 30.44 13.66
C SER A 115 23.04 29.72 13.69
N ALA A 116 23.05 28.41 13.87
CA ALA A 116 21.81 27.66 13.93
C ALA A 116 21.34 27.48 15.38
N ARG A 117 20.09 27.82 15.65
CA ARG A 117 19.52 27.65 16.98
C ARG A 117 18.23 26.83 16.97
N PHE A 118 18.21 25.74 17.72
CA PHE A 118 17.02 24.89 17.84
C PHE A 118 16.47 24.89 19.29
N SER A 119 15.14 24.87 19.40
CA SER A 119 14.50 24.70 20.71
C SER A 119 13.48 23.56 20.71
N LEU A 120 13.89 22.40 21.19
CA LEU A 120 13.02 21.21 21.24
C LEU A 120 12.25 21.12 22.56
N PRO A 121 11.01 20.63 22.52
CA PRO A 121 10.26 20.43 23.76
C PRO A 121 10.75 19.18 24.51
N THR A 122 10.80 19.20 25.83
CA THR A 122 11.24 18.00 26.54
C THR A 122 10.07 17.03 26.66
N LEU A 123 10.39 15.73 26.68
CA LEU A 123 9.41 14.68 26.87
C LEU A 123 9.34 14.25 28.33
N ALA A 124 8.14 13.96 28.82
CA ALA A 124 7.97 13.49 30.19
C ALA A 124 8.59 12.11 30.38
N VAL A 125 9.27 11.90 31.50
CA VAL A 125 9.93 10.62 31.77
C VAL A 125 9.08 9.67 32.64
N GLU A 126 7.99 10.16 33.23
CA GLU A 126 7.20 9.35 34.17
C GLU A 126 6.79 7.97 33.62
N ASP A 127 6.60 7.88 32.30
CA ASP A 127 6.20 6.62 31.68
C ASP A 127 7.29 6.08 30.76
N TYR A 128 8.52 6.57 30.95
CA TYR A 128 9.64 6.09 30.19
C TYR A 128 10.43 5.02 30.98
N PRO A 129 10.53 3.80 30.42
CA PRO A 129 11.18 2.70 31.17
C PRO A 129 12.69 2.90 31.37
N ALA A 130 13.20 2.39 32.49
CA ALA A 130 14.62 2.46 32.77
C ALA A 130 15.36 1.35 32.00
N LEU A 131 16.53 1.69 31.46
CA LEU A 131 17.45 0.71 30.86
C LEU A 131 17.70 -0.49 31.77
N PRO A 132 17.60 -1.71 31.24
CA PRO A 132 18.03 -2.87 32.04
C PRO A 132 19.55 -2.96 32.20
N ALA A 133 19.99 -3.54 33.31
CA ALA A 133 21.40 -3.85 33.45
C ALA A 133 21.74 -5.06 32.57
N LEU A 134 22.90 -5.03 31.91
CA LEU A 134 23.42 -6.22 31.22
C LEU A 134 23.54 -7.38 32.19
N PRO A 135 23.31 -8.62 31.72
CA PRO A 135 23.66 -9.81 32.48
C PRO A 135 25.18 -9.87 32.66
N GLU A 136 25.67 -10.79 33.47
CA GLU A 136 27.12 -10.96 33.59
C GLU A 136 27.71 -11.32 32.22
N GLU A 137 28.90 -10.79 31.96
CA GLU A 137 29.59 -11.06 30.71
C GLU A 137 29.96 -12.53 30.58
N THR A 138 29.70 -13.09 29.42
CA THR A 138 29.91 -14.51 29.24
C THR A 138 31.18 -14.85 28.45
N GLY A 139 31.45 -14.06 27.41
CA GLY A 139 32.63 -14.26 26.56
C GLY A 139 32.82 -13.15 25.55
N VAL A 140 33.96 -13.20 24.88
CA VAL A 140 34.43 -12.12 24.00
C VAL A 140 34.67 -12.66 22.61
N ILE A 141 34.25 -11.94 21.60
CA ILE A 141 34.43 -12.43 20.25
C ILE A 141 34.91 -11.29 19.37
N ALA A 142 35.71 -11.60 18.34
CA ALA A 142 36.16 -10.58 17.42
C ALA A 142 34.96 -9.96 16.68
N SER A 143 34.97 -8.63 16.55
CA SER A 143 33.82 -7.93 15.96
C SER A 143 33.52 -8.35 14.53
N ASP A 144 34.52 -8.50 13.67
CA ASP A 144 34.19 -8.87 12.29
C ASP A 144 33.73 -10.34 12.17
N LEU A 145 34.29 -11.24 12.99
CA LEU A 145 33.79 -12.61 13.05
C LEU A 145 32.32 -12.67 13.48
N PHE A 146 31.96 -11.88 14.48
CA PHE A 146 30.63 -11.84 15.04
C PHE A 146 29.60 -11.33 14.00
N ALA A 147 29.94 -10.23 13.32
CA ALA A 147 29.10 -9.67 12.29
C ALA A 147 28.92 -10.68 11.15
N GLU A 148 30.00 -11.34 10.76
CA GLU A 148 29.91 -12.28 9.65
C GLU A 148 29.08 -13.52 10.03
N ALA A 149 29.34 -14.08 11.20
CA ALA A 149 28.65 -15.27 11.67
C ALA A 149 27.16 -15.03 11.80
N ILE A 150 26.77 -13.92 12.42
CA ILE A 150 25.34 -13.57 12.52
C ILE A 150 24.69 -13.37 11.15
N GLY A 151 25.35 -12.62 10.27
CA GLY A 151 24.81 -12.38 8.93
C GLY A 151 24.60 -13.67 8.15
N GLN A 152 25.49 -14.65 8.35
CA GLN A 152 25.42 -15.94 7.66
C GLN A 152 24.20 -16.77 8.04
N VAL A 153 23.95 -16.86 9.35
CA VAL A 153 22.88 -17.66 9.92
CA VAL A 153 22.85 -17.71 9.80
C VAL A 153 21.50 -16.99 9.77
N ALA A 154 21.50 -15.65 9.90
CA ALA A 154 20.26 -14.89 9.91
C ALA A 154 19.48 -15.00 8.61
N VAL A 155 20.19 -15.25 7.51
CA VAL A 155 19.56 -15.39 6.21
C VAL A 155 18.55 -16.54 6.21
N ALA A 156 18.73 -17.51 7.12
CA ALA A 156 17.89 -18.69 7.13
C ALA A 156 16.77 -18.61 8.16
N ALA A 157 16.71 -17.52 8.93
CA ALA A 157 15.69 -17.42 9.97
C ALA A 157 14.32 -17.11 9.35
N GLY A 158 13.27 -17.68 9.96
CA GLY A 158 11.90 -17.36 9.54
C GLY A 158 11.50 -15.90 9.75
N ARG A 159 10.59 -15.41 8.92
CA ARG A 159 10.06 -14.04 9.05
C ARG A 159 9.06 -13.95 10.20
N LEU A 163 5.74 -18.47 13.17
CA LEU A 163 6.25 -19.43 14.15
C LEU A 163 7.43 -18.89 14.97
N PRO A 164 7.18 -18.62 16.25
CA PRO A 164 8.17 -18.03 17.17
C PRO A 164 9.52 -18.76 17.18
N MET A 165 9.53 -20.09 17.20
CA MET A 165 10.80 -20.80 17.30
C MET A 165 11.67 -20.62 16.04
N LEU A 166 11.05 -20.33 14.91
CA LEU A 166 11.77 -20.15 13.65
C LEU A 166 12.33 -18.72 13.50
N THR A 167 11.83 -17.78 14.31
CA THR A 167 12.22 -16.38 14.18
C THR A 167 13.50 -16.08 14.99
N GLY A 168 14.01 -17.08 15.70
CA GLY A 168 15.21 -16.89 16.48
C GLY A 168 16.50 -17.40 15.84
N ILE A 169 17.62 -16.92 16.37
CA ILE A 169 18.92 -17.55 16.16
C ILE A 169 19.28 -18.28 17.43
N ARG A 170 19.51 -19.60 17.32
CA ARG A 170 19.94 -20.38 18.47
C ARG A 170 21.42 -20.13 18.71
N VAL A 171 21.78 -19.85 19.95
CA VAL A 171 23.18 -19.73 20.37
C VAL A 171 23.55 -20.81 21.37
N GLU A 172 24.40 -21.74 20.96
CA GLU A 172 24.91 -22.74 21.89
C GLU A 172 26.34 -22.40 22.29
N ILE A 173 26.61 -22.49 23.58
CA ILE A 173 27.95 -22.26 24.09
C ILE A 173 28.43 -23.55 24.72
N SER A 174 29.65 -23.95 24.39
CA SER A 174 30.28 -25.04 25.11
C SER A 174 31.79 -24.77 25.24
N GLY A 175 32.20 -24.28 26.41
CA GLY A 175 33.55 -23.83 26.63
C GLY A 175 33.93 -22.64 25.75
N GLU A 176 34.89 -22.87 24.86
CA GLU A 176 35.37 -21.84 23.96
C GLU A 176 34.58 -21.87 22.69
N SER A 177 33.70 -22.85 22.56
CA SER A 177 32.99 -23.07 21.30
C SER A 177 31.60 -22.44 21.31
N VAL A 178 31.29 -21.70 20.26
CA VAL A 178 29.97 -21.13 20.08
C VAL A 178 29.35 -21.66 18.80
N VAL A 179 28.07 -22.05 18.86
CA VAL A 179 27.36 -22.52 17.66
C VAL A 179 26.11 -21.69 17.41
N LEU A 180 25.96 -21.19 16.19
CA LEU A 180 24.78 -20.40 15.81
C LEU A 180 23.97 -21.15 14.76
N ALA A 181 22.66 -21.21 14.95
CA ALA A 181 21.81 -21.90 13.99
C ALA A 181 20.50 -21.16 13.81
N ALA A 182 19.95 -21.20 12.60
CA ALA A 182 18.64 -20.65 12.29
C ALA A 182 18.03 -21.47 11.16
N THR A 183 16.70 -21.54 11.14
CA THR A 183 15.99 -22.25 10.10
C THR A 183 14.58 -21.67 9.91
N ASP A 184 14.04 -21.88 8.71
CA ASP A 184 12.69 -21.48 8.39
C ASP A 184 11.90 -22.64 7.78
N ARG A 185 12.40 -23.86 8.00
CA ARG A 185 11.84 -25.14 7.50
C ARG A 185 12.23 -25.44 6.06
N PHE A 186 12.79 -24.46 5.36
CA PHE A 186 13.24 -24.69 3.99
C PHE A 186 14.76 -24.70 3.87
N ARG A 187 15.43 -23.84 4.61
CA ARG A 187 16.89 -23.90 4.74
C ARG A 187 17.29 -23.88 6.21
N LEU A 188 18.44 -24.46 6.51
CA LEU A 188 19.01 -24.45 7.85
C LEU A 188 20.43 -23.97 7.75
N ALA A 189 20.79 -22.95 8.52
CA ALA A 189 22.18 -22.48 8.52
C ALA A 189 22.84 -22.76 9.87
N VAL A 190 24.06 -23.29 9.86
CA VAL A 190 24.81 -23.54 11.10
C VAL A 190 26.25 -23.03 10.98
N ARG A 191 26.62 -22.14 11.89
CA ARG A 191 27.98 -21.60 11.96
C ARG A 191 28.61 -21.89 13.30
N GLU A 192 29.76 -22.57 13.31
CA GLU A 192 30.52 -22.75 14.55
CA GLU A 192 30.46 -22.67 14.57
C GLU A 192 31.72 -21.80 14.52
N LEU A 193 32.07 -21.29 15.69
CA LEU A 193 33.19 -20.39 15.83
C LEU A 193 33.79 -20.59 17.21
N THR A 194 34.98 -20.02 17.43
CA THR A 194 35.61 -20.07 18.73
C THR A 194 35.73 -18.67 19.33
N TRP A 195 35.41 -18.52 20.61
CA TRP A 195 35.54 -17.22 21.23
C TRP A 195 36.55 -17.29 22.39
N VAL A 196 36.72 -16.20 23.14
CA VAL A 196 37.44 -16.28 24.43
C VAL A 196 36.44 -16.17 25.58
N THR A 197 36.42 -17.16 26.46
CA THR A 197 35.47 -17.15 27.56
C THR A 197 35.76 -16.05 28.58
N THR A 198 34.70 -15.50 29.17
CA THR A 198 34.82 -14.59 30.30
C THR A 198 34.28 -15.25 31.58
N ALA A 199 33.13 -15.90 31.48
CA ALA A 199 32.52 -16.54 32.64
C ALA A 199 33.16 -17.88 33.01
N GLY A 200 33.93 -18.48 32.11
CA GLY A 200 34.57 -19.75 32.40
C GLY A 200 33.88 -20.97 31.83
N ASP A 201 33.58 -21.95 32.68
CA ASP A 201 32.89 -23.16 32.26
C ASP A 201 31.41 -22.87 31.99
N VAL A 202 31.02 -22.97 30.72
CA VAL A 202 29.64 -22.71 30.29
C VAL A 202 29.17 -23.77 29.30
N GLU A 203 28.07 -24.44 29.64
CA GLU A 203 27.37 -25.31 28.70
C GLU A 203 25.92 -24.83 28.71
N ALA A 204 25.49 -24.22 27.62
CA ALA A 204 24.20 -23.51 27.61
C ALA A 204 23.76 -23.28 26.19
N ALA A 205 22.45 -23.11 26.03
CA ALA A 205 21.87 -22.68 24.77
C ALA A 205 20.78 -21.66 25.03
N VAL A 206 20.71 -20.61 24.22
CA VAL A 206 19.58 -19.71 24.26
C VAL A 206 19.07 -19.43 22.83
N LEU A 207 17.95 -18.71 22.75
CA LEU A 207 17.33 -18.36 21.48
C LEU A 207 17.12 -16.84 21.43
N VAL A 208 17.72 -16.17 20.44
CA VAL A 208 17.67 -14.71 20.31
C VAL A 208 16.88 -14.34 19.04
N PRO A 209 15.97 -13.35 19.12
CA PRO A 209 15.24 -12.87 17.93
C PRO A 209 16.22 -12.49 16.83
N ALA A 210 16.07 -13.11 15.65
CA ALA A 210 17.08 -13.04 14.62
C ALA A 210 17.23 -11.63 14.03
N LYS A 211 16.11 -10.95 13.79
CA LYS A 211 16.11 -9.64 13.15
C LYS A 211 16.85 -8.60 14.01
N THR A 212 16.53 -8.52 15.29
CA THR A 212 17.24 -7.55 16.13
C THR A 212 18.70 -7.94 16.34
N LEU A 213 18.98 -9.23 16.48
CA LEU A 213 20.39 -9.64 16.59
C LEU A 213 21.16 -9.29 15.31
N ALA A 214 20.57 -9.53 14.14
CA ALA A 214 21.22 -9.17 12.86
C ALA A 214 21.43 -7.66 12.72
N GLU A 215 20.43 -6.88 13.14
CA GLU A 215 20.56 -5.43 13.08
C GLU A 215 21.70 -4.98 14.00
N ALA A 216 21.74 -5.53 15.22
CA ALA A 216 22.83 -5.24 16.17
C ALA A 216 24.19 -5.52 15.55
N ALA A 217 24.30 -6.64 14.85
CA ALA A 217 25.58 -7.03 14.25
C ALA A 217 26.01 -6.14 13.08
N LYS A 218 25.05 -5.46 12.45
CA LYS A 218 25.37 -4.57 11.34
C LYS A 218 25.59 -3.15 11.81
N ALA A 219 25.01 -2.81 12.96
CA ALA A 219 25.03 -1.42 13.45
C ALA A 219 26.45 -0.97 13.71
N GLY A 220 27.32 -1.94 14.01
CA GLY A 220 28.74 -1.68 14.12
C GLY A 220 29.26 -1.72 15.55
N THR A 221 30.58 -1.77 15.66
CA THR A 221 31.28 -1.65 16.94
C THR A 221 32.50 -0.78 16.72
N ASP A 222 32.86 0.01 17.71
CA ASP A 222 34.02 0.88 17.57
C ASP A 222 35.34 0.10 17.62
N GLY A 223 35.41 -0.90 18.50
CA GLY A 223 36.62 -1.68 18.68
C GLY A 223 36.53 -3.07 18.08
N ASN A 224 37.51 -3.91 18.39
CA ASN A 224 37.55 -5.26 17.83
C ASN A 224 36.96 -6.31 18.78
N GLN A 225 36.80 -5.95 20.04
CA GLN A 225 36.27 -6.93 20.98
C GLN A 225 34.79 -6.67 21.18
N VAL A 226 34.00 -7.71 20.95
CA VAL A 226 32.58 -7.70 21.30
C VAL A 226 32.34 -8.63 22.48
N HIS A 227 31.90 -8.05 23.59
CA HIS A 227 31.53 -8.81 24.79
C HIS A 227 30.06 -9.20 24.79
N LEU A 228 29.78 -10.50 24.89
CA LEU A 228 28.42 -11.02 24.92
C LEU A 228 28.06 -11.35 26.35
N ALA A 229 26.95 -10.78 26.81
CA ALA A 229 26.57 -10.95 28.20
C ALA A 229 25.26 -11.73 28.31
N LEU A 230 25.35 -12.98 28.78
CA LEU A 230 24.17 -13.87 28.95
C LEU A 230 24.12 -14.47 30.34
N GLY A 231 25.09 -14.12 31.19
CA GLY A 231 25.15 -14.67 32.53
C GLY A 231 26.33 -15.61 32.65
N SER A 232 26.42 -16.29 33.80
CA SER A 232 27.48 -17.27 34.05
C SER A 232 26.94 -18.43 34.84
N GLY A 233 27.78 -19.45 35.02
CA GLY A 233 27.45 -20.60 35.83
C GLY A 233 26.18 -21.24 35.30
N ALA A 234 25.30 -21.63 36.22
CA ALA A 234 24.02 -22.27 35.90
C ALA A 234 22.95 -21.24 35.56
N SER A 235 23.34 -19.97 35.46
CA SER A 235 22.36 -18.90 35.24
C SER A 235 22.40 -18.29 33.85
N VAL A 236 22.93 -19.02 32.88
CA VAL A 236 23.05 -18.45 31.54
C VAL A 236 21.66 -18.33 30.97
N GLY A 237 21.28 -17.13 30.55
CA GLY A 237 19.96 -16.88 29.99
C GLY A 237 18.88 -16.59 31.05
N LYS A 238 19.25 -16.68 32.32
CA LYS A 238 18.29 -16.52 33.41
C LYS A 238 17.63 -15.15 33.44
N ASP A 239 18.40 -14.10 33.17
CA ASP A 239 17.83 -12.76 33.19
C ASP A 239 16.90 -12.48 31.99
N GLY A 240 16.78 -13.45 31.08
CA GLY A 240 15.93 -13.29 29.90
C GLY A 240 16.49 -12.30 28.88
N LEU A 241 17.79 -12.04 28.95
CA LEU A 241 18.42 -10.97 28.16
C LEU A 241 19.72 -11.38 27.43
N LEU A 242 19.91 -10.90 26.20
CA LEU A 242 21.25 -10.89 25.62
C LEU A 242 21.84 -9.48 25.68
N GLY A 243 22.99 -9.33 26.33
CA GLY A 243 23.68 -8.04 26.36
C GLY A 243 24.86 -8.06 25.40
N ILE A 244 25.13 -6.94 24.76
CA ILE A 244 26.23 -6.81 23.81
C ILE A 244 27.00 -5.53 24.07
N ARG A 245 28.26 -5.66 24.45
CA ARG A 245 29.09 -4.53 24.83
C ARG A 245 30.35 -4.42 23.96
N SER A 246 30.61 -3.21 23.47
CA SER A 246 31.89 -2.87 22.86
C SER A 246 32.25 -1.50 23.43
N GLU A 247 33.39 -0.95 23.07
CA GLU A 247 33.86 0.24 23.77
C GLU A 247 32.89 1.43 23.60
N GLY A 248 32.31 1.87 24.71
CA GLY A 248 31.39 2.99 24.70
C GLY A 248 29.94 2.59 24.43
N LYS A 249 29.74 1.40 23.86
CA LYS A 249 28.44 0.98 23.41
C LYS A 249 27.92 -0.23 24.15
N ARG A 250 26.64 -0.20 24.50
N ARG A 250 26.63 -0.17 24.48
CA ARG A 250 26.02 -1.40 25.04
CA ARG A 250 25.94 -1.27 25.12
C ARG A 250 24.54 -1.44 24.71
C ARG A 250 24.54 -1.41 24.54
N SER A 251 24.09 -2.63 24.32
CA SER A 251 22.72 -2.86 23.90
C SER A 251 22.16 -4.14 24.53
N THR A 252 20.84 -4.22 24.66
CA THR A 252 20.20 -5.42 25.19
C THR A 252 19.06 -5.84 24.27
N THR A 253 18.79 -7.13 24.26
CA THR A 253 17.63 -7.68 23.57
C THR A 253 17.04 -8.82 24.39
N ARG A 254 15.71 -8.89 24.40
CA ARG A 254 15.00 -9.96 25.07
C ARG A 254 15.23 -11.28 24.36
N LEU A 255 15.40 -12.34 25.13
CA LEU A 255 15.44 -13.72 24.63
C LEU A 255 14.06 -14.30 24.31
N LEU A 256 14.04 -15.24 23.35
CA LEU A 256 12.82 -16.01 23.04
C LEU A 256 12.68 -17.24 23.93
N ASP A 257 11.43 -17.53 24.32
CA ASP A 257 11.10 -18.65 25.19
C ASP A 257 10.88 -19.96 24.44
N ALA A 258 10.68 -19.85 23.13
CA ALA A 258 10.32 -21.00 22.31
C ALA A 258 11.40 -22.07 22.29
N GLU A 259 10.98 -23.32 22.10
CA GLU A 259 11.95 -24.39 21.94
C GLU A 259 12.40 -24.46 20.48
N PHE A 260 13.70 -24.46 20.26
CA PHE A 260 14.25 -24.54 18.91
C PHE A 260 14.27 -26.02 18.50
N PRO A 261 14.07 -26.29 17.21
CA PRO A 261 14.07 -27.69 16.74
C PRO A 261 15.43 -28.36 16.90
N LYS A 262 15.41 -29.70 16.94
CA LYS A 262 16.62 -30.50 17.02
C LYS A 262 17.27 -30.62 15.65
N PHE A 263 18.06 -29.63 15.27
CA PHE A 263 18.48 -29.45 13.89
C PHE A 263 19.56 -30.44 13.45
N ARG A 264 20.35 -30.94 14.38
CA ARG A 264 21.52 -31.75 14.00
C ARG A 264 21.13 -33.07 13.33
N GLN A 265 19.93 -33.57 13.63
CA GLN A 265 19.46 -34.78 12.96
C GLN A 265 19.09 -34.49 11.50
N LEU A 266 18.99 -33.21 11.13
CA LEU A 266 18.66 -32.83 9.74
C LEU A 266 19.86 -32.97 8.78
N LEU A 267 21.06 -32.95 9.34
CA LEU A 267 22.29 -32.98 8.55
C LEU A 267 22.69 -34.40 8.17
N PRO A 268 22.81 -34.64 6.86
CA PRO A 268 23.15 -35.98 6.34
C PRO A 268 24.57 -36.38 6.72
N ALA A 269 24.75 -37.63 7.10
CA ALA A 269 26.07 -38.10 7.49
C ALA A 269 26.89 -38.48 6.26
N GLU A 270 26.23 -38.65 5.13
CA GLU A 270 26.87 -39.14 3.90
C GLU A 270 26.15 -38.64 2.64
N HIS A 271 26.90 -38.46 1.56
CA HIS A 271 26.28 -38.07 0.27
C HIS A 271 26.54 -39.13 -0.78
N THR A 272 25.64 -39.26 -1.75
CA THR A 272 25.86 -40.20 -2.84
C THR A 272 26.41 -39.49 -4.07
N ALA A 273 26.51 -38.17 -3.99
CA ALA A 273 27.09 -37.37 -5.06
C ALA A 273 27.55 -36.03 -4.53
N VAL A 274 28.66 -35.53 -5.07
N VAL A 274 28.66 -35.54 -5.06
CA VAL A 274 29.28 -34.29 -4.61
CA VAL A 274 29.21 -34.25 -4.63
C VAL A 274 29.76 -33.45 -5.80
C VAL A 274 29.65 -33.45 -5.84
N ALA A 275 29.61 -32.13 -5.70
CA ALA A 275 30.01 -31.23 -6.76
C ALA A 275 30.70 -30.01 -6.18
N THR A 276 31.85 -29.66 -6.73
CA THR A 276 32.53 -28.43 -6.33
C THR A 276 32.59 -27.46 -7.50
N ILE A 277 32.37 -26.18 -7.22
CA ILE A 277 32.30 -25.16 -8.27
C ILE A 277 32.56 -23.78 -7.68
N GLY A 278 33.04 -22.85 -8.50
CA GLY A 278 33.27 -21.49 -8.06
C GLY A 278 31.97 -20.80 -7.69
N VAL A 279 31.95 -20.12 -6.55
CA VAL A 279 30.74 -19.47 -6.03
C VAL A 279 30.25 -18.32 -6.91
N ALA A 280 31.17 -17.43 -7.30
CA ALA A 280 30.87 -16.27 -8.15
C ALA A 280 30.22 -16.66 -9.47
N GLU A 281 30.88 -17.59 -10.15
CA GLU A 281 30.43 -18.07 -11.46
C GLU A 281 29.02 -18.69 -11.38
N LEU A 282 28.80 -19.55 -10.41
CA LEU A 282 27.50 -20.20 -10.29
C LEU A 282 26.39 -19.21 -9.93
N THR A 283 26.67 -18.29 -8.99
CA THR A 283 25.68 -17.31 -8.57
C THR A 283 25.21 -16.46 -9.76
N GLU A 284 26.18 -15.92 -10.49
CA GLU A 284 25.92 -15.10 -11.67
C GLU A 284 25.10 -15.88 -12.69
N ALA A 285 25.44 -17.16 -12.89
CA ALA A 285 24.73 -17.98 -13.86
C ALA A 285 23.27 -18.19 -13.41
N ILE A 286 23.07 -18.43 -12.12
CA ILE A 286 21.71 -18.65 -11.58
C ILE A 286 20.80 -17.43 -11.75
N LYS A 287 21.35 -16.26 -11.42
CA LYS A 287 20.58 -15.04 -11.52
C LYS A 287 20.13 -14.79 -12.97
N ARG A 288 21.01 -15.04 -13.93
CA ARG A 288 20.71 -14.98 -15.38
C ARG A 288 19.58 -15.93 -15.79
N VAL A 289 19.80 -17.22 -15.57
CA VAL A 289 18.85 -18.27 -15.97
C VAL A 289 17.48 -18.11 -15.30
N ALA A 290 17.48 -17.73 -14.02
CA ALA A 290 16.23 -17.67 -13.24
C ALA A 290 15.32 -16.52 -13.70
N LEU A 291 15.83 -15.65 -14.57
CA LEU A 291 15.01 -14.52 -15.04
C LEU A 291 13.73 -14.98 -15.76
N VAL A 292 13.73 -16.21 -16.28
CA VAL A 292 12.55 -16.74 -16.96
C VAL A 292 11.78 -17.77 -16.13
N ALA A 293 12.17 -17.93 -14.87
CA ALA A 293 11.49 -18.89 -14.00
C ALA A 293 10.06 -18.45 -13.73
N ASP A 294 9.17 -19.42 -13.55
CA ASP A 294 7.78 -19.10 -13.23
C ASP A 294 7.71 -18.61 -11.79
N ARG A 295 7.33 -17.36 -11.59
CA ARG A 295 7.20 -16.79 -10.24
C ARG A 295 8.49 -16.95 -9.45
N GLY A 296 9.61 -17.05 -10.17
CA GLY A 296 10.89 -17.39 -9.57
C GLY A 296 10.86 -18.68 -8.76
N ALA A 297 9.96 -19.59 -9.10
CA ALA A 297 9.76 -20.82 -8.34
C ALA A 297 10.98 -21.75 -8.33
N GLN A 298 11.57 -22.03 -9.50
CA GLN A 298 12.62 -23.05 -9.50
C GLN A 298 13.65 -22.96 -10.63
N ILE A 299 14.86 -23.38 -10.28
CA ILE A 299 15.96 -23.49 -11.22
C ILE A 299 16.38 -24.94 -11.14
N ARG A 300 16.66 -25.52 -12.31
CA ARG A 300 16.97 -26.95 -12.43
C ARG A 300 18.48 -27.17 -12.66
N MET A 301 19.04 -28.15 -11.96
CA MET A 301 20.48 -28.41 -11.98
C MET A 301 20.73 -29.85 -12.40
N GLU A 302 21.30 -30.04 -13.59
CA GLU A 302 21.59 -31.36 -14.11
C GLU A 302 23.11 -31.58 -14.06
N PHE A 303 23.55 -32.51 -13.20
CA PHE A 303 24.97 -32.83 -13.07
C PHE A 303 25.30 -34.13 -13.77
N SER A 304 26.29 -34.12 -14.64
CA SER A 304 26.81 -35.34 -15.22
C SER A 304 28.16 -35.05 -15.83
N ASP A 305 29.06 -36.03 -15.70
CA ASP A 305 30.45 -35.90 -16.14
C ASP A 305 31.11 -34.69 -15.48
N ASP A 306 31.51 -33.72 -16.29
CA ASP A 306 32.20 -32.55 -15.77
C ASP A 306 31.40 -31.27 -16.04
N THR A 307 30.11 -31.39 -16.26
CA THR A 307 29.30 -30.21 -16.58
C THR A 307 28.02 -30.10 -15.76
N LEU A 308 27.80 -28.90 -15.24
CA LEU A 308 26.53 -28.56 -14.64
C LEU A 308 25.70 -27.82 -15.71
N LYS A 309 24.50 -28.31 -15.98
CA LYS A 309 23.57 -27.60 -16.86
C LYS A 309 22.45 -26.98 -16.06
N LEU A 310 22.43 -25.65 -16.02
CA LEU A 310 21.37 -24.90 -15.36
C LEU A 310 20.24 -24.59 -16.35
N SER A 311 18.99 -24.80 -15.94
CA SER A 311 17.88 -24.37 -16.77
C SER A 311 16.69 -23.88 -15.95
N ALA A 312 15.84 -23.10 -16.61
CA ALA A 312 14.60 -22.63 -16.02
C ALA A 312 13.70 -22.20 -17.15
N GLY A 313 12.42 -22.05 -16.86
CA GLY A 313 11.46 -21.81 -17.92
C GLY A 313 10.04 -21.67 -17.41
N ALA A 314 9.19 -21.06 -18.25
CA ALA A 314 7.78 -20.88 -17.96
C ALA A 314 7.03 -20.52 -19.25
N ASP A 315 5.82 -21.05 -19.40
CA ASP A 315 5.04 -20.78 -20.59
C ASP A 315 4.69 -19.30 -20.67
N ASP A 316 4.70 -18.76 -21.89
CA ASP A 316 4.44 -17.34 -22.16
C ASP A 316 5.45 -16.36 -21.57
N VAL A 317 6.65 -16.83 -21.23
CA VAL A 317 7.68 -15.87 -20.82
C VAL A 317 9.01 -16.24 -21.47
N GLY A 318 9.50 -17.46 -21.22
CA GLY A 318 10.69 -17.96 -21.90
C GLY A 318 11.36 -19.15 -21.24
N ARG A 319 12.39 -19.66 -21.92
CA ARG A 319 13.23 -20.72 -21.39
C ARG A 319 14.66 -20.24 -21.40
N ALA A 320 15.49 -20.81 -20.55
CA ALA A 320 16.91 -20.44 -20.51
C ALA A 320 17.74 -21.62 -20.04
N GLU A 321 18.99 -21.66 -20.47
CA GLU A 321 19.93 -22.63 -19.94
C GLU A 321 21.36 -22.13 -20.07
N GLU A 322 22.25 -22.76 -19.33
CA GLU A 322 23.65 -22.40 -19.31
C GLU A 322 24.48 -23.58 -18.76
N ASP A 323 25.54 -23.93 -19.49
CA ASP A 323 26.48 -24.97 -19.05
C ASP A 323 27.65 -24.38 -18.27
N LEU A 324 27.96 -24.96 -17.11
CA LEU A 324 29.15 -24.56 -16.37
C LEU A 324 30.04 -25.77 -16.09
N PRO A 325 31.36 -25.58 -16.17
CA PRO A 325 32.32 -26.62 -15.74
C PRO A 325 32.13 -26.92 -14.25
N VAL A 326 32.18 -28.18 -13.85
CA VAL A 326 32.09 -28.51 -12.43
C VAL A 326 32.88 -29.78 -12.10
N ASP A 327 33.42 -29.85 -10.88
CA ASP A 327 34.01 -31.08 -10.39
CA ASP A 327 34.02 -31.08 -10.38
C ASP A 327 32.91 -31.90 -9.73
N PHE A 328 32.51 -32.99 -10.38
CA PHE A 328 31.38 -33.79 -9.91
C PHE A 328 31.73 -35.27 -9.81
N ALA A 329 31.16 -35.93 -8.80
CA ALA A 329 31.39 -37.37 -8.58
C ALA A 329 30.15 -38.04 -7.98
N GLY A 330 29.88 -39.27 -8.43
N GLY A 330 29.82 -39.24 -8.45
CA GLY A 330 28.67 -39.98 -8.08
CA GLY A 330 28.80 -40.07 -7.80
C GLY A 330 27.87 -40.18 -9.35
C GLY A 330 27.47 -40.33 -8.51
N GLU A 331 26.69 -40.79 -9.23
N GLU A 331 27.53 -40.58 -9.82
CA GLU A 331 25.84 -40.97 -10.40
CA GLU A 331 26.34 -40.85 -10.65
C GLU A 331 25.23 -39.63 -10.79
C GLU A 331 25.47 -39.61 -10.86
N PRO A 332 25.01 -39.42 -12.11
CA PRO A 332 24.40 -38.16 -12.54
C PRO A 332 23.10 -37.88 -11.83
N LEU A 333 22.78 -36.61 -11.63
CA LEU A 333 21.63 -36.20 -10.84
CA LEU A 333 21.53 -36.29 -10.98
C LEU A 333 20.98 -34.93 -11.40
N THR A 334 19.66 -34.90 -11.48
CA THR A 334 18.95 -33.67 -11.76
C THR A 334 18.12 -33.29 -10.54
N ILE A 335 18.35 -32.10 -10.03
CA ILE A 335 17.72 -31.64 -8.81
C ILE A 335 17.33 -30.18 -9.03
N ALA A 336 16.33 -29.71 -8.29
CA ALA A 336 15.85 -28.35 -8.50
C ALA A 336 15.73 -27.59 -7.16
N PHE A 337 15.91 -26.28 -7.23
CA PHE A 337 15.91 -25.42 -6.05
C PHE A 337 15.13 -24.13 -6.31
N ASN A 338 14.61 -23.55 -5.24
CA ASN A 338 14.16 -22.16 -5.25
C ASN A 338 15.40 -21.31 -5.49
N PRO A 339 15.43 -20.54 -6.60
CA PRO A 339 16.59 -19.76 -7.03
C PRO A 339 17.08 -18.82 -5.93
N THR A 340 16.13 -18.22 -5.21
CA THR A 340 16.46 -17.22 -4.19
C THR A 340 17.11 -17.86 -2.95
N TYR A 341 16.50 -18.94 -2.45
CA TYR A 341 17.05 -19.73 -1.35
C TYR A 341 18.44 -20.23 -1.69
N LEU A 342 18.65 -20.53 -2.97
CA LEU A 342 19.92 -21.05 -3.46
C LEU A 342 21.00 -19.96 -3.46
N THR A 343 20.68 -18.78 -4.00
CA THR A 343 21.66 -17.71 -4.02
C THR A 343 21.84 -17.11 -2.61
N ASP A 344 20.80 -17.24 -1.78
CA ASP A 344 20.89 -16.83 -0.38
C ASP A 344 22.02 -17.61 0.29
N GLY A 345 21.99 -18.94 0.12
CA GLY A 345 23.02 -19.80 0.69
C GLY A 345 24.39 -19.52 0.11
N LEU A 346 24.49 -19.44 -1.23
CA LEU A 346 25.76 -19.20 -1.90
C LEU A 346 26.38 -17.92 -1.36
N GLY A 347 25.53 -16.92 -1.18
CA GLY A 347 25.98 -15.61 -0.73
C GLY A 347 26.45 -15.62 0.71
N SER A 348 26.10 -16.65 1.48
CA SER A 348 26.46 -16.67 2.89
C SER A 348 27.76 -17.49 3.15
N LEU A 349 28.27 -18.14 2.11
CA LEU A 349 29.46 -18.99 2.24
C LEU A 349 30.74 -18.24 2.51
N HIS A 350 30.93 -17.11 1.83
CA HIS A 350 32.14 -16.31 1.94
C HIS A 350 33.39 -17.07 1.51
N SER A 351 33.25 -18.06 0.65
CA SER A 351 34.42 -18.77 0.13
C SER A 351 34.48 -18.66 -1.39
N GLU A 352 35.63 -18.98 -1.96
CA GLU A 352 35.82 -18.92 -3.41
C GLU A 352 35.06 -20.04 -4.12
N ARG A 353 34.99 -21.22 -3.50
CA ARG A 353 34.26 -22.34 -4.10
CA ARG A 353 34.28 -22.36 -4.10
C ARG A 353 33.27 -22.96 -3.12
N VAL A 354 32.20 -23.55 -3.65
CA VAL A 354 31.22 -24.26 -2.86
C VAL A 354 31.29 -25.74 -3.21
N THR A 355 31.11 -26.58 -2.20
CA THR A 355 30.94 -28.00 -2.42
C THR A 355 29.52 -28.39 -2.00
N PHE A 356 28.78 -28.96 -2.95
CA PHE A 356 27.44 -29.45 -2.71
C PHE A 356 27.51 -30.91 -2.25
N GLY A 357 26.67 -31.28 -1.29
CA GLY A 357 26.50 -32.67 -0.90
C GLY A 357 25.07 -33.11 -1.15
N PHE A 358 24.89 -34.12 -2.01
CA PHE A 358 23.58 -34.60 -2.46
C PHE A 358 23.26 -36.05 -2.10
N THR A 359 21.98 -36.34 -1.89
CA THR A 359 21.48 -37.73 -1.98
C THR A 359 20.53 -37.83 -3.18
N THR A 360 19.23 -37.72 -2.96
CA THR A 360 18.23 -37.87 -4.02
C THR A 360 17.68 -36.50 -4.45
N PRO A 361 16.98 -36.44 -5.59
CA PRO A 361 16.46 -35.13 -5.99
C PRO A 361 15.43 -34.51 -5.03
N SER A 362 14.94 -35.28 -4.06
CA SER A 362 13.90 -34.78 -3.15
C SER A 362 14.32 -34.77 -1.69
N ARG A 363 15.63 -34.77 -1.46
CA ARG A 363 16.18 -34.77 -0.10
C ARG A 363 17.16 -33.61 0.05
N PRO A 364 17.34 -33.10 1.28
CA PRO A 364 18.12 -31.87 1.49
C PRO A 364 19.51 -31.92 0.87
N ALA A 365 19.94 -30.76 0.38
CA ALA A 365 21.27 -30.60 -0.16
C ALA A 365 22.12 -29.77 0.77
N VAL A 366 23.35 -30.23 0.95
CA VAL A 366 24.34 -29.50 1.72
C VAL A 366 25.15 -28.55 0.83
N LEU A 367 25.25 -27.28 1.25
CA LEU A 367 26.22 -26.34 0.69
C LEU A 367 27.24 -26.05 1.78
N ARG A 368 28.51 -26.30 1.48
N ARG A 368 28.51 -26.31 1.49
CA ARG A 368 29.61 -25.98 2.38
CA ARG A 368 29.61 -25.99 2.40
C ARG A 368 30.69 -25.20 1.63
C ARG A 368 30.72 -25.25 1.65
N PRO A 369 31.46 -24.37 2.35
CA PRO A 369 32.64 -23.77 1.73
C PRO A 369 33.59 -24.88 1.28
N ALA A 370 34.06 -24.83 0.04
CA ALA A 370 34.95 -25.88 -0.45
C ALA A 370 36.32 -25.79 0.21
N GLY A 371 36.88 -26.94 0.55
CA GLY A 371 38.25 -27.03 1.03
C GLY A 371 39.09 -27.79 0.02
N GLU A 372 40.02 -28.62 0.51
CA GLU A 372 40.84 -29.50 -0.34
C GLU A 372 40.96 -30.90 0.25
N GLY A 378 36.30 -37.55 -4.88
CA GLY A 378 36.94 -37.99 -6.11
C GLY A 378 36.97 -39.49 -6.29
N GLY A 379 35.97 -40.18 -5.74
CA GLY A 379 35.81 -41.61 -5.93
C GLY A 379 34.52 -41.94 -6.66
N SER A 380 33.85 -43.01 -6.24
CA SER A 380 32.57 -43.39 -6.81
C SER A 380 31.45 -43.16 -5.81
N GLY A 381 31.78 -43.26 -4.53
CA GLY A 381 30.81 -43.01 -3.47
C GLY A 381 30.50 -44.23 -2.64
N PRO A 382 29.75 -44.05 -1.54
CA PRO A 382 29.24 -42.76 -1.04
C PRO A 382 30.36 -41.90 -0.46
N PHE A 383 30.06 -40.64 -0.20
CA PHE A 383 31.05 -39.68 0.27
C PHE A 383 30.67 -39.20 1.67
N PRO A 384 31.59 -39.33 2.64
CA PRO A 384 31.27 -38.90 4.01
C PRO A 384 31.09 -37.39 4.06
N ALA A 385 30.27 -36.90 4.98
CA ALA A 385 30.02 -35.47 5.09
C ALA A 385 31.29 -34.75 5.55
N ALA A 386 31.58 -33.61 4.93
CA ALA A 386 32.79 -32.88 5.30
C ALA A 386 32.63 -32.22 6.67
N LYS A 387 33.76 -31.93 7.31
CA LYS A 387 33.76 -31.14 8.53
C LYS A 387 34.12 -29.70 8.18
N THR A 388 33.16 -28.79 8.31
CA THR A 388 33.43 -27.37 8.13
C THR A 388 32.82 -26.59 9.27
N ASP A 389 33.22 -25.34 9.42
CA ASP A 389 32.66 -24.48 10.46
C ASP A 389 31.29 -23.91 10.05
N TYR A 390 30.98 -23.97 8.75
CA TYR A 390 29.71 -23.45 8.23
C TYR A 390 29.04 -24.43 7.28
N VAL A 391 27.73 -24.61 7.44
CA VAL A 391 26.95 -25.37 6.47
C VAL A 391 25.60 -24.67 6.24
N TYR A 392 25.10 -24.73 5.00
CA TYR A 392 23.78 -24.22 4.64
C TYR A 392 23.05 -25.37 4.02
N LEU A 393 22.02 -25.87 4.72
CA LEU A 393 21.29 -27.05 4.29
C LEU A 393 20.02 -26.60 3.61
N LEU A 394 19.84 -27.00 2.36
CA LEU A 394 18.73 -26.47 1.52
C LEU A 394 17.82 -27.59 1.02
N MET A 395 16.52 -27.49 1.31
CA MET A 395 15.57 -28.45 0.75
C MET A 395 15.36 -28.14 -0.74
N PRO A 396 15.44 -29.18 -1.59
CA PRO A 396 15.11 -29.02 -3.02
C PRO A 396 13.62 -28.79 -3.21
N VAL A 397 13.21 -28.36 -4.41
CA VAL A 397 11.79 -28.38 -4.78
C VAL A 397 11.53 -29.55 -5.74
N ARG A 398 10.28 -29.96 -5.84
CA ARG A 398 9.90 -31.15 -6.60
C ARG A 398 9.88 -30.88 -8.11
N LEU A 399 10.72 -31.59 -8.85
CA LEU A 399 10.66 -31.51 -10.32
C LEU A 399 9.34 -32.09 -10.82
N PRO A 400 8.67 -31.39 -11.74
CA PRO A 400 7.39 -31.86 -12.30
C PRO A 400 7.51 -33.22 -12.98
N THR B 13 12.74 -13.50 -44.99
CA THR B 13 13.82 -13.96 -44.13
C THR B 13 13.50 -13.71 -42.66
N ASP B 14 14.17 -14.44 -41.76
CA ASP B 14 14.01 -14.22 -40.32
C ASP B 14 15.15 -13.37 -39.79
N LEU B 15 14.84 -12.45 -38.88
CA LEU B 15 15.84 -11.58 -38.30
C LEU B 15 16.95 -12.36 -37.60
N LYS B 16 18.19 -12.07 -37.97
CA LYS B 16 19.35 -12.63 -37.28
C LYS B 16 20.49 -11.62 -37.25
N PHE B 17 21.00 -11.34 -36.06
CA PHE B 17 22.08 -10.37 -35.96
C PHE B 17 23.02 -10.63 -34.78
N ARG B 18 24.17 -9.95 -34.82
CA ARG B 18 25.15 -9.95 -33.74
C ARG B 18 25.33 -8.49 -33.27
N VAL B 19 25.40 -8.29 -31.96
CA VAL B 19 25.47 -6.93 -31.39
C VAL B 19 26.36 -6.91 -30.14
N VAL B 20 26.99 -5.78 -29.89
CA VAL B 20 27.79 -5.59 -28.67
C VAL B 20 26.84 -5.48 -27.48
N ARG B 21 27.14 -6.19 -26.39
CA ARG B 21 26.17 -6.33 -25.31
C ARG B 21 25.73 -4.99 -24.69
N GLU B 22 26.69 -4.14 -24.34
CA GLU B 22 26.38 -2.89 -23.66
C GLU B 22 25.46 -1.99 -24.49
N ASP B 23 25.78 -1.84 -25.78
CA ASP B 23 24.98 -1.05 -26.70
C ASP B 23 23.56 -1.56 -26.79
N PHE B 24 23.44 -2.89 -26.85
CA PHE B 24 22.14 -3.55 -26.95
C PHE B 24 21.33 -3.28 -25.68
N ALA B 25 21.97 -3.49 -24.53
CA ALA B 25 21.28 -3.39 -23.25
C ALA B 25 20.88 -1.95 -22.94
N ASP B 26 21.77 -1.01 -23.25
CA ASP B 26 21.44 0.41 -23.07
C ASP B 26 20.21 0.80 -23.92
N ALA B 27 20.20 0.42 -25.19
CA ALA B 27 19.08 0.77 -26.07
C ALA B 27 17.76 0.18 -25.59
N VAL B 28 17.76 -1.14 -25.32
CA VAL B 28 16.55 -1.79 -24.85
C VAL B 28 16.06 -1.17 -23.54
N ALA B 29 16.99 -0.84 -22.64
CA ALA B 29 16.63 -0.26 -21.35
C ALA B 29 15.96 1.11 -21.51
N TRP B 30 16.45 1.91 -22.46
CA TRP B 30 15.89 3.24 -22.68
C TRP B 30 14.49 3.12 -23.27
N VAL B 31 14.30 2.19 -24.19
CA VAL B 31 12.98 2.00 -24.77
C VAL B 31 12.05 1.39 -23.72
N ALA B 32 12.58 0.48 -22.89
CA ALA B 32 11.76 -0.22 -21.90
C ALA B 32 11.31 0.70 -20.77
N ARG B 33 12.05 1.77 -20.50
CA ARG B 33 11.70 2.67 -19.42
C ARG B 33 10.39 3.36 -19.76
N SER B 34 10.23 3.68 -21.05
CA SER B 34 9.00 4.31 -21.54
C SER B 34 7.83 3.34 -21.63
N LEU B 35 8.12 2.05 -21.62
CA LEU B 35 7.06 1.03 -21.68
C LEU B 35 6.12 1.10 -20.48
N PRO B 36 4.82 0.82 -20.72
CA PRO B 36 3.84 0.67 -19.63
C PRO B 36 4.05 -0.62 -18.83
N THR B 37 3.38 -0.71 -17.69
CA THR B 37 3.47 -1.85 -16.80
C THR B 37 2.19 -1.91 -15.96
N PRO B 39 -0.14 -3.16 -18.54
CA PRO B 39 -1.04 -2.44 -19.45
C PRO B 39 -2.25 -3.29 -19.87
N THR B 40 -3.40 -2.67 -20.13
CA THR B 40 -4.58 -3.40 -20.55
C THR B 40 -4.33 -4.12 -21.88
N ILE B 41 -3.50 -3.52 -22.74
CA ILE B 41 -3.09 -4.18 -23.98
C ILE B 41 -1.67 -4.75 -23.80
N PRO B 42 -1.57 -6.05 -23.41
CA PRO B 42 -0.32 -6.71 -23.04
C PRO B 42 0.85 -6.52 -24.00
N VAL B 43 0.61 -6.54 -25.31
CA VAL B 43 1.72 -6.42 -26.27
C VAL B 43 2.32 -5.02 -26.30
N LEU B 44 1.65 -4.06 -25.65
CA LEU B 44 2.23 -2.72 -25.58
C LEU B 44 3.50 -2.74 -24.72
N ALA B 45 3.63 -3.80 -23.93
CA ALA B 45 4.87 -4.08 -23.21
C ALA B 45 5.93 -4.70 -24.12
N GLY B 46 5.58 -4.97 -25.37
CA GLY B 46 6.58 -5.46 -26.30
C GLY B 46 7.57 -4.41 -26.78
N VAL B 47 8.74 -4.86 -27.20
CA VAL B 47 9.71 -4.00 -27.86
CA VAL B 47 9.74 -4.01 -27.85
C VAL B 47 9.97 -4.56 -29.26
N LEU B 48 10.02 -3.68 -30.25
CA LEU B 48 10.15 -4.14 -31.63
C LEU B 48 11.60 -4.07 -32.07
N LEU B 49 12.17 -5.20 -32.51
CA LEU B 49 13.52 -5.20 -33.08
C LEU B 49 13.46 -5.30 -34.60
N THR B 50 14.19 -4.43 -35.29
CA THR B 50 14.22 -4.42 -36.75
C THR B 50 15.63 -4.29 -37.27
N GLY B 51 16.01 -5.18 -38.17
CA GLY B 51 17.35 -5.17 -38.72
C GLY B 51 17.20 -4.85 -40.18
N THR B 52 17.93 -3.84 -40.64
CA THR B 52 18.01 -3.53 -42.07
C THR B 52 19.46 -3.26 -42.48
N ASP B 53 19.63 -2.53 -43.58
CA ASP B 53 20.95 -2.24 -44.13
C ASP B 53 21.75 -1.25 -43.27
N GLU B 54 21.07 -0.45 -42.47
CA GLU B 54 21.74 0.52 -41.61
C GLU B 54 22.21 -0.12 -40.30
N GLY B 55 21.44 -1.08 -39.81
CA GLY B 55 21.75 -1.75 -38.57
C GLY B 55 20.50 -2.18 -37.85
N LEU B 56 20.55 -2.13 -36.52
CA LEU B 56 19.41 -2.54 -35.75
C LEU B 56 18.62 -1.33 -35.24
N THR B 57 17.29 -1.42 -35.33
CA THR B 57 16.43 -0.44 -34.69
CA THR B 57 16.39 -0.44 -34.74
C THR B 57 15.61 -1.10 -33.59
N ILE B 58 15.42 -0.39 -32.50
CA ILE B 58 14.66 -0.89 -31.36
C ILE B 58 13.61 0.17 -31.00
N SER B 59 12.35 -0.24 -30.93
CA SER B 59 11.32 0.77 -30.67
C SER B 59 10.19 0.26 -29.81
N GLY B 60 9.43 1.21 -29.27
CA GLY B 60 8.22 0.92 -28.51
C GLY B 60 7.23 2.06 -28.73
N PHE B 61 5.95 1.72 -28.62
CA PHE B 61 4.84 2.63 -28.85
C PHE B 61 3.61 2.11 -28.12
N ASP B 62 2.95 2.97 -27.36
CA ASP B 62 1.80 2.56 -26.58
C ASP B 62 0.57 3.37 -26.98
N TYR B 63 0.60 3.86 -28.22
CA TYR B 63 -0.39 4.78 -28.79
C TYR B 63 -0.22 6.25 -28.33
N GLU B 64 0.58 6.50 -27.30
CA GLU B 64 0.75 7.88 -26.81
C GLU B 64 2.17 8.39 -26.98
N VAL B 65 3.12 7.55 -26.59
CA VAL B 65 4.53 7.92 -26.62
C VAL B 65 5.30 6.85 -27.37
N SER B 66 6.08 7.26 -28.36
CA SER B 66 6.98 6.33 -29.04
C SER B 66 8.44 6.63 -28.74
N ALA B 67 9.27 5.60 -28.86
CA ALA B 67 10.69 5.69 -28.61
C ALA B 67 11.39 4.76 -29.58
N GLU B 68 12.41 5.26 -30.26
CA GLU B 68 13.15 4.46 -31.24
C GLU B 68 14.64 4.76 -31.16
N VAL B 69 15.45 3.71 -31.18
CA VAL B 69 16.89 3.89 -31.08
C VAL B 69 17.62 3.01 -32.09
N LYS B 70 18.58 3.60 -32.79
CA LYS B 70 19.40 2.86 -33.73
C LYS B 70 20.72 2.45 -33.10
N VAL B 71 21.05 1.17 -33.24
CA VAL B 71 22.33 0.70 -32.74
CA VAL B 71 22.27 0.58 -32.70
C VAL B 71 23.11 -0.02 -33.83
N SER B 72 24.43 0.10 -33.73
CA SER B 72 25.32 -0.62 -34.61
C SER B 72 25.11 -2.11 -34.34
N ALA B 73 24.94 -2.89 -35.39
CA ALA B 73 24.83 -4.33 -35.26
C ALA B 73 25.32 -4.96 -36.55
N GLU B 74 25.74 -6.21 -36.49
CA GLU B 74 26.03 -6.97 -37.70
C GLU B 74 24.78 -7.78 -38.06
N ILE B 75 24.09 -7.35 -39.11
CA ILE B 75 22.83 -7.97 -39.50
C ILE B 75 23.09 -9.08 -40.49
N ALA B 76 22.90 -10.34 -40.09
CA ALA B 76 23.16 -11.43 -41.02
C ALA B 76 21.94 -11.63 -41.89
N SER B 77 20.77 -11.32 -41.33
CA SER B 77 19.51 -11.52 -42.03
C SER B 77 18.51 -10.45 -41.63
N ALA B 78 17.93 -9.78 -42.61
CA ALA B 78 17.01 -8.69 -42.32
C ALA B 78 15.68 -9.22 -41.81
N GLY B 79 14.96 -8.42 -41.03
CA GLY B 79 13.63 -8.81 -40.60
C GLY B 79 13.22 -8.10 -39.33
N SER B 80 12.15 -8.59 -38.70
CA SER B 80 11.52 -7.90 -37.58
C SER B 80 10.99 -8.86 -36.51
N VAL B 81 10.95 -8.43 -35.26
CA VAL B 81 10.34 -9.28 -34.25
C VAL B 81 9.89 -8.45 -33.06
N LEU B 82 8.74 -8.81 -32.47
CA LEU B 82 8.29 -8.16 -31.24
C LEU B 82 8.51 -9.10 -30.06
N VAL B 83 9.13 -8.58 -29.00
N VAL B 83 9.12 -8.60 -28.99
CA VAL B 83 9.57 -9.38 -27.86
CA VAL B 83 9.39 -9.45 -27.85
C VAL B 83 9.16 -8.68 -26.56
C VAL B 83 9.14 -8.70 -26.56
N SER B 84 8.93 -9.45 -25.49
CA SER B 84 8.57 -8.88 -24.19
C SER B 84 9.65 -7.89 -23.69
N GLY B 85 9.23 -6.67 -23.37
CA GLY B 85 10.16 -5.56 -23.20
C GLY B 85 11.02 -5.56 -21.96
N ARG B 86 10.38 -5.62 -20.80
CA ARG B 86 11.10 -5.58 -19.54
C ARG B 86 12.01 -6.81 -19.39
N LEU B 87 11.53 -7.95 -19.88
CA LEU B 87 12.28 -9.19 -19.77
C LEU B 87 13.51 -9.12 -20.67
N LEU B 88 13.35 -8.61 -21.90
CA LEU B 88 14.50 -8.46 -22.78
C LEU B 88 15.52 -7.50 -22.16
N SER B 89 15.02 -6.48 -21.47
CA SER B 89 15.87 -5.53 -20.77
C SER B 89 16.67 -6.22 -19.64
N ASP B 90 15.97 -6.91 -18.73
CA ASP B 90 16.62 -7.62 -17.62
C ASP B 90 17.63 -8.65 -18.11
N ILE B 91 17.26 -9.41 -19.14
CA ILE B 91 18.19 -10.38 -19.70
C ILE B 91 19.47 -9.73 -20.24
N THR B 92 19.33 -8.70 -21.06
CA THR B 92 20.50 -8.15 -21.75
C THR B 92 21.42 -7.49 -20.73
N LYS B 93 20.83 -6.98 -19.66
CA LYS B 93 21.59 -6.40 -18.57
C LYS B 93 22.37 -7.47 -17.79
N ALA B 94 21.85 -8.70 -17.74
CA ALA B 94 22.52 -9.74 -16.96
C ALA B 94 23.44 -10.62 -17.82
N LEU B 95 23.52 -10.36 -19.12
CA LEU B 95 24.36 -11.19 -19.97
C LEU B 95 25.86 -10.99 -19.69
N PRO B 96 26.67 -12.01 -19.97
CA PRO B 96 28.11 -11.83 -19.74
C PRO B 96 28.78 -10.94 -20.80
N ALA B 97 30.05 -10.58 -20.58
CA ALA B 97 30.77 -9.65 -21.44
C ALA B 97 31.25 -10.32 -22.71
N LYS B 98 30.30 -10.67 -23.57
CA LYS B 98 30.60 -11.37 -24.81
C LYS B 98 29.65 -10.85 -25.88
N PRO B 99 29.96 -11.09 -27.16
CA PRO B 99 29.00 -10.66 -28.19
C PRO B 99 27.65 -11.36 -28.04
N VAL B 100 26.57 -10.65 -28.36
CA VAL B 100 25.23 -11.19 -28.26
C VAL B 100 24.69 -11.55 -29.65
N GLU B 101 24.26 -12.81 -29.79
CA GLU B 101 23.72 -13.31 -31.05
C GLU B 101 22.20 -13.45 -30.91
N VAL B 102 21.46 -12.88 -31.85
CA VAL B 102 20.01 -12.92 -31.78
C VAL B 102 19.49 -13.54 -33.07
N SER B 103 18.62 -14.53 -32.91
CA SER B 103 18.14 -15.28 -34.05
C SER B 103 16.65 -15.61 -33.86
N VAL B 104 15.84 -15.23 -34.84
CA VAL B 104 14.44 -15.58 -34.83
C VAL B 104 14.27 -16.91 -35.52
N GLU B 105 13.55 -17.81 -34.88
CA GLU B 105 13.42 -19.18 -35.38
C GLU B 105 12.04 -19.73 -35.07
N GLY B 106 11.20 -19.78 -36.10
CA GLY B 106 9.80 -20.16 -35.92
C GLY B 106 9.08 -19.19 -34.99
N THR B 107 8.54 -19.73 -33.89
CA THR B 107 7.78 -18.92 -32.96
C THR B 107 8.65 -18.35 -31.85
N ARG B 108 9.95 -18.58 -31.92
CA ARG B 108 10.83 -18.11 -30.85
C ARG B 108 11.90 -17.18 -31.35
N VAL B 109 12.46 -16.41 -30.43
CA VAL B 109 13.66 -15.66 -30.69
C VAL B 109 14.71 -16.21 -29.70
N SER B 110 15.86 -16.60 -30.21
CA SER B 110 16.89 -17.09 -29.32
C SER B 110 18.02 -16.06 -29.13
N LEU B 111 18.54 -16.00 -27.92
CA LEU B 111 19.67 -15.13 -27.59
C LEU B 111 20.77 -15.97 -27.00
N THR B 112 21.96 -15.86 -27.58
CA THR B 112 23.12 -16.58 -27.07
C THR B 112 24.19 -15.56 -26.81
N CYS B 113 24.84 -15.72 -25.65
CA CYS B 113 25.91 -14.83 -25.22
C CYS B 113 26.79 -15.63 -24.29
N GLY B 114 28.03 -15.85 -24.71
CA GLY B 114 28.92 -16.75 -23.99
C GLY B 114 28.27 -18.11 -23.87
N SER B 115 28.26 -18.66 -22.66
CA SER B 115 27.60 -19.94 -22.42
C SER B 115 26.08 -19.79 -22.20
N ALA B 116 25.57 -18.57 -22.15
CA ALA B 116 24.15 -18.41 -21.85
C ALA B 116 23.28 -18.55 -23.11
N ARG B 117 22.15 -19.23 -22.97
CA ARG B 117 21.21 -19.40 -24.07
C ARG B 117 19.78 -19.16 -23.59
N PHE B 118 19.10 -18.19 -24.20
CA PHE B 118 17.69 -17.87 -23.93
C PHE B 118 16.81 -18.13 -25.16
N SER B 119 15.58 -18.58 -24.93
CA SER B 119 14.62 -18.75 -26.02
C SER B 119 13.26 -18.16 -25.61
N LEU B 120 12.95 -16.98 -26.14
CA LEU B 120 11.73 -16.24 -25.82
C LEU B 120 10.63 -16.44 -26.85
N PRO B 121 9.37 -16.44 -26.43
CA PRO B 121 8.33 -16.49 -27.47
C PRO B 121 8.21 -15.13 -28.19
N THR B 122 8.00 -15.16 -29.50
CA THR B 122 7.75 -13.93 -30.23
C THR B 122 6.32 -13.47 -29.95
N LEU B 123 6.11 -12.16 -29.93
CA LEU B 123 4.81 -11.58 -29.61
C LEU B 123 4.02 -11.32 -30.89
N ALA B 124 2.71 -11.54 -30.87
CA ALA B 124 1.87 -11.27 -32.04
C ALA B 124 1.87 -9.78 -32.34
N VAL B 125 1.91 -9.44 -33.62
CA VAL B 125 2.04 -8.03 -34.00
C VAL B 125 0.72 -7.44 -34.57
N GLU B 126 -0.28 -8.29 -34.79
CA GLU B 126 -1.55 -7.84 -35.39
C GLU B 126 -2.25 -6.71 -34.62
N ASP B 127 -2.07 -6.62 -33.30
CA ASP B 127 -2.67 -5.54 -32.53
C ASP B 127 -1.64 -4.60 -31.93
N TYR B 128 -0.47 -4.55 -32.55
CA TYR B 128 0.58 -3.67 -32.08
C TYR B 128 0.66 -2.50 -33.05
N PRO B 129 0.55 -1.27 -32.54
CA PRO B 129 0.42 -0.11 -33.42
C PRO B 129 1.75 0.31 -34.06
N ALA B 130 1.67 0.78 -35.30
CA ALA B 130 2.86 1.19 -36.03
C ALA B 130 3.32 2.56 -35.56
N LEU B 131 4.63 2.74 -35.36
CA LEU B 131 5.19 4.04 -35.00
C LEU B 131 4.66 5.15 -35.90
N PRO B 132 4.32 6.30 -35.31
CA PRO B 132 3.83 7.39 -36.16
C PRO B 132 4.99 8.08 -36.85
N ALA B 133 4.77 8.62 -38.03
CA ALA B 133 5.79 9.47 -38.67
C ALA B 133 5.94 10.75 -37.84
N LEU B 134 7.16 11.28 -37.75
CA LEU B 134 7.37 12.56 -37.09
C LEU B 134 6.88 13.70 -37.96
N PRO B 135 6.33 14.76 -37.35
CA PRO B 135 6.02 15.95 -38.17
C PRO B 135 7.28 16.55 -38.79
N GLU B 136 7.11 17.56 -39.63
CA GLU B 136 8.24 18.26 -40.21
C GLU B 136 9.11 18.92 -39.12
N GLU B 137 10.41 18.99 -39.37
CA GLU B 137 11.35 19.57 -38.41
C GLU B 137 11.11 21.08 -38.26
N THR B 138 11.14 21.57 -37.02
CA THR B 138 10.78 22.95 -36.77
C THR B 138 11.97 23.76 -36.28
N GLY B 139 12.84 23.14 -35.47
CA GLY B 139 13.99 23.87 -34.94
C GLY B 139 15.02 23.03 -34.21
N VAL B 140 16.19 23.60 -33.98
CA VAL B 140 17.27 22.87 -33.33
C VAL B 140 17.79 23.64 -32.11
N ILE B 141 18.06 22.91 -31.03
CA ILE B 141 18.61 23.48 -29.81
C ILE B 141 19.82 22.65 -29.32
N ALA B 142 20.94 23.33 -29.00
CA ALA B 142 22.07 22.69 -28.34
C ALA B 142 21.58 21.84 -27.16
N SER B 143 22.13 20.64 -27.02
CA SER B 143 21.53 19.68 -26.08
C SER B 143 21.70 20.10 -24.62
N ASP B 144 22.82 20.72 -24.28
CA ASP B 144 23.06 21.18 -22.92
C ASP B 144 22.07 22.31 -22.54
N LEU B 145 21.82 23.23 -23.47
CA LEU B 145 20.85 24.30 -23.26
C LEU B 145 19.45 23.73 -23.07
N PHE B 146 19.12 22.75 -23.92
CA PHE B 146 17.83 22.05 -23.85
C PHE B 146 17.62 21.35 -22.49
N ALA B 147 18.60 20.56 -22.06
CA ALA B 147 18.51 19.85 -20.78
C ALA B 147 18.28 20.83 -19.63
N GLU B 148 19.08 21.89 -19.61
CA GLU B 148 18.96 22.88 -18.53
C GLU B 148 17.59 23.57 -18.57
N ALA B 149 17.18 24.02 -19.74
CA ALA B 149 15.96 24.82 -19.85
C ALA B 149 14.72 24.00 -19.49
N ILE B 150 14.60 22.81 -20.06
CA ILE B 150 13.46 21.95 -19.73
C ILE B 150 13.51 21.57 -18.25
N GLY B 151 14.71 21.37 -17.72
CA GLY B 151 14.88 20.97 -16.33
C GLY B 151 14.41 22.07 -15.40
N GLN B 152 14.76 23.32 -15.72
CA GLN B 152 14.29 24.47 -14.96
C GLN B 152 12.77 24.62 -14.94
N VAL B 153 12.10 24.50 -16.09
CA VAL B 153 10.67 24.73 -16.16
CA VAL B 153 10.66 24.75 -16.09
C VAL B 153 9.85 23.56 -15.56
N ALA B 154 10.29 22.32 -15.81
CA ALA B 154 9.50 21.16 -15.38
C ALA B 154 9.33 21.08 -13.87
N VAL B 155 10.19 21.75 -13.12
CA VAL B 155 10.09 21.70 -11.66
C VAL B 155 8.79 22.33 -11.20
N ALA B 156 8.21 23.20 -12.04
CA ALA B 156 6.98 23.88 -11.65
C ALA B 156 5.71 23.25 -12.22
N ALA B 157 5.83 22.24 -13.08
CA ALA B 157 4.63 21.60 -13.63
C ALA B 157 3.84 20.86 -12.57
N GLY B 158 2.51 20.90 -12.66
CA GLY B 158 1.66 20.10 -11.81
C GLY B 158 1.86 18.60 -12.04
N ARG B 159 1.70 17.82 -10.98
CA ARG B 159 1.83 16.37 -11.06
C ARG B 159 0.52 15.70 -10.72
N LEU B 163 -5.73 18.54 -12.95
CA LEU B 163 -5.82 19.66 -13.88
C LEU B 163 -4.87 19.48 -15.06
N PRO B 164 -5.41 19.07 -16.21
CA PRO B 164 -4.66 18.77 -17.44
C PRO B 164 -3.76 19.90 -17.90
N MET B 165 -4.21 21.15 -17.80
CA MET B 165 -3.40 22.26 -18.30
C MET B 165 -2.14 22.48 -17.46
N LEU B 166 -2.16 22.02 -16.22
CA LEU B 166 -0.99 22.19 -15.33
C LEU B 166 0.09 21.12 -15.53
N THR B 167 -0.27 19.96 -16.10
CA THR B 167 0.72 18.90 -16.28
C THR B 167 1.60 19.10 -17.51
N GLY B 168 1.35 20.14 -18.30
CA GLY B 168 2.13 20.38 -19.49
C GLY B 168 3.20 21.46 -19.41
N ILE B 169 4.15 21.43 -20.34
CA ILE B 169 5.04 22.57 -20.53
C ILE B 169 4.60 23.32 -21.76
N ARG B 170 4.32 24.60 -21.60
CA ARG B 170 3.96 25.45 -22.73
C ARG B 170 5.23 25.79 -23.49
N VAL B 171 5.17 25.64 -24.81
CA VAL B 171 6.28 25.97 -25.70
C VAL B 171 5.73 27.02 -26.67
N GLU B 172 6.17 28.27 -26.51
CA GLU B 172 5.83 29.35 -27.43
C GLU B 172 6.98 29.61 -28.38
N ILE B 173 6.69 29.65 -29.68
CA ILE B 173 7.72 29.90 -30.68
C ILE B 173 7.42 31.20 -31.43
N SER B 174 8.40 32.09 -31.44
CA SER B 174 8.30 33.28 -32.27
C SER B 174 9.60 33.51 -33.01
N GLY B 175 9.70 32.99 -34.24
CA GLY B 175 10.93 33.05 -35.00
C GLY B 175 12.05 32.31 -34.29
N GLU B 176 13.16 32.97 -34.03
CA GLU B 176 14.26 32.28 -33.38
C GLU B 176 14.12 32.30 -31.86
N SER B 177 13.06 32.93 -31.35
CA SER B 177 12.78 32.96 -29.91
C SER B 177 11.83 31.87 -29.45
N VAL B 178 12.18 31.26 -28.33
CA VAL B 178 11.37 30.24 -27.71
C VAL B 178 11.13 30.57 -26.23
N VAL B 179 9.88 30.48 -25.79
CA VAL B 179 9.55 30.65 -24.38
C VAL B 179 8.93 29.35 -23.84
N LEU B 180 9.49 28.84 -22.75
CA LEU B 180 8.93 27.68 -22.05
C LEU B 180 8.35 28.15 -20.72
N ALA B 181 7.18 27.61 -20.35
CA ALA B 181 6.52 27.94 -19.10
C ALA B 181 5.75 26.77 -18.53
N ALA B 182 5.72 26.69 -17.20
CA ALA B 182 4.96 25.67 -16.50
C ALA B 182 4.55 26.23 -15.15
N THR B 183 3.41 25.76 -14.66
CA THR B 183 2.92 26.21 -13.37
C THR B 183 2.07 25.11 -12.75
N ASP B 184 1.94 25.15 -11.43
CA ASP B 184 1.06 24.21 -10.76
C ASP B 184 0.10 25.01 -9.85
N ARG B 185 0.04 26.32 -10.11
CA ARG B 185 -0.75 27.32 -9.35
C ARG B 185 -0.06 27.86 -8.08
N PHE B 186 1.03 27.23 -7.65
CA PHE B 186 1.75 27.77 -6.51
C PHE B 186 3.10 28.35 -6.94
N ARG B 187 3.69 27.79 -7.99
CA ARG B 187 4.83 28.41 -8.64
C ARG B 187 4.63 28.43 -10.14
N LEU B 188 5.33 29.34 -10.78
CA LEU B 188 5.36 29.47 -12.21
C LEU B 188 6.81 29.62 -12.62
N ALA B 189 7.26 28.85 -13.61
CA ALA B 189 8.63 29.00 -14.07
C ALA B 189 8.64 29.32 -15.55
N VAL B 190 9.46 30.30 -15.94
CA VAL B 190 9.53 30.77 -17.32
C VAL B 190 10.99 30.87 -17.77
N ARG B 191 11.34 30.15 -18.83
CA ARG B 191 12.66 30.26 -19.44
C ARG B 191 12.55 30.70 -20.89
N GLU B 192 13.21 31.80 -21.23
CA GLU B 192 13.32 32.24 -22.61
C GLU B 192 14.67 31.79 -23.18
N LEU B 193 14.70 31.36 -24.43
CA LEU B 193 15.96 31.02 -25.08
C LEU B 193 15.89 31.27 -26.59
N THR B 194 17.05 31.18 -27.23
CA THR B 194 17.14 31.31 -28.67
CA THR B 194 17.15 31.31 -28.67
C THR B 194 17.52 29.97 -29.30
N TRP B 195 16.80 29.58 -30.35
CA TRP B 195 17.15 28.35 -31.06
C TRP B 195 17.43 28.65 -32.53
N VAL B 196 17.58 27.59 -33.31
CA VAL B 196 17.89 27.70 -34.72
C VAL B 196 16.66 27.23 -35.47
N THR B 197 16.05 28.07 -36.30
CA THR B 197 14.84 27.64 -37.01
C THR B 197 15.25 26.86 -38.24
N THR B 198 14.59 25.74 -38.48
CA THR B 198 14.99 24.90 -39.59
C THR B 198 14.13 25.19 -40.80
N ALA B 199 12.89 25.62 -40.56
CA ALA B 199 11.97 25.88 -41.65
C ALA B 199 11.36 27.28 -41.60
N GLY B 200 12.21 28.29 -41.44
CA GLY B 200 11.74 29.68 -41.48
C GLY B 200 10.98 30.07 -40.23
N ASP B 201 10.49 31.30 -40.19
CA ASP B 201 9.88 31.84 -38.99
C ASP B 201 8.42 31.42 -38.81
N VAL B 202 8.13 30.83 -37.65
CA VAL B 202 6.78 30.46 -37.27
C VAL B 202 6.36 31.27 -36.05
N GLU B 203 5.06 31.46 -35.87
CA GLU B 203 4.53 31.97 -34.60
C GLU B 203 3.42 31.04 -34.12
N ALA B 204 3.72 30.29 -33.06
CA ALA B 204 2.83 29.23 -32.57
C ALA B 204 3.10 28.94 -31.11
N ALA B 205 2.18 28.21 -30.51
CA ALA B 205 2.27 27.82 -29.11
C ALA B 205 1.61 26.44 -28.95
N VAL B 206 2.27 25.53 -28.25
CA VAL B 206 1.70 24.21 -28.02
C VAL B 206 1.91 23.85 -26.55
N LEU B 207 1.23 22.80 -26.10
CA LEU B 207 1.38 22.34 -24.73
C LEU B 207 1.82 20.88 -24.70
N VAL B 208 2.98 20.60 -24.09
CA VAL B 208 3.57 19.28 -24.12
C VAL B 208 3.56 18.66 -22.73
N PRO B 209 3.14 17.38 -22.61
CA PRO B 209 3.19 16.68 -21.32
C PRO B 209 4.58 16.79 -20.69
N ALA B 210 4.66 17.34 -19.48
CA ALA B 210 5.93 17.72 -18.91
C ALA B 210 6.85 16.53 -18.63
N LYS B 211 6.31 15.43 -18.11
CA LYS B 211 7.16 14.29 -17.79
C LYS B 211 7.87 13.74 -19.01
N THR B 212 7.17 13.70 -20.14
CA THR B 212 7.75 13.12 -21.35
C THR B 212 8.83 14.05 -21.92
N LEU B 213 8.55 15.34 -21.93
CA LEU B 213 9.52 16.29 -22.44
C LEU B 213 10.79 16.25 -21.55
N ALA B 214 10.61 16.17 -20.24
CA ALA B 214 11.73 16.10 -19.29
C ALA B 214 12.64 14.88 -19.50
N GLU B 215 12.05 13.73 -19.86
CA GLU B 215 12.82 12.53 -20.18
C GLU B 215 13.63 12.71 -21.47
N ALA B 216 12.98 13.22 -22.51
CA ALA B 216 13.65 13.46 -23.77
C ALA B 216 14.83 14.42 -23.61
N ALA B 217 14.66 15.44 -22.78
CA ALA B 217 15.70 16.42 -22.56
C ALA B 217 16.89 15.79 -21.82
N LYS B 218 16.61 14.83 -20.95
CA LYS B 218 17.71 14.16 -20.25
C LYS B 218 18.45 13.20 -21.19
N ALA B 219 17.73 12.58 -22.12
CA ALA B 219 18.34 11.69 -23.09
C ALA B 219 19.14 12.46 -24.16
N GLY B 220 18.77 13.72 -24.37
CA GLY B 220 19.33 14.51 -25.46
C GLY B 220 20.83 14.77 -25.31
N THR B 221 21.32 14.75 -24.09
CA THR B 221 22.72 15.10 -23.90
C THR B 221 23.70 14.02 -24.39
N ASP B 222 23.20 12.90 -24.92
CA ASP B 222 24.09 11.89 -25.53
C ASP B 222 24.81 12.43 -26.76
N GLY B 223 24.26 13.47 -27.38
CA GLY B 223 24.90 14.11 -28.50
C GLY B 223 24.89 15.61 -28.31
N ASN B 224 25.23 16.35 -29.37
CA ASN B 224 25.50 17.76 -29.25
C ASN B 224 24.23 18.61 -29.34
N GLN B 225 23.18 18.07 -29.96
CA GLN B 225 21.98 18.87 -30.20
C GLN B 225 20.72 18.03 -30.31
N VAL B 226 19.60 18.72 -30.18
CA VAL B 226 18.28 18.14 -30.25
C VAL B 226 17.45 18.86 -31.33
N HIS B 227 16.73 18.06 -32.13
CA HIS B 227 15.83 18.59 -33.16
C HIS B 227 14.37 18.48 -32.73
N LEU B 228 13.66 19.60 -32.75
CA LEU B 228 12.24 19.59 -32.41
C LEU B 228 11.36 19.62 -33.66
N ALA B 229 10.42 18.68 -33.73
CA ALA B 229 9.58 18.52 -34.91
C ALA B 229 8.12 18.78 -34.55
N LEU B 230 7.58 19.92 -34.99
CA LEU B 230 6.17 20.27 -34.77
C LEU B 230 5.47 20.61 -36.08
N GLY B 231 6.20 20.54 -37.18
CA GLY B 231 5.65 20.97 -38.44
C GLY B 231 6.21 22.34 -38.79
N SER B 232 5.80 22.87 -39.94
CA SER B 232 6.26 24.18 -40.38
C SER B 232 5.14 25.02 -40.99
N GLY B 233 5.46 26.29 -41.26
CA GLY B 233 4.54 27.17 -41.95
C GLY B 233 3.34 27.44 -41.09
N ALA B 234 2.15 27.18 -41.62
CA ALA B 234 0.92 27.48 -40.89
C ALA B 234 0.46 26.33 -40.00
N SER B 235 0.89 25.11 -40.31
CA SER B 235 0.34 23.93 -39.67
C SER B 235 1.20 23.43 -38.51
N VAL B 236 1.90 24.34 -37.84
CA VAL B 236 2.65 23.96 -36.64
C VAL B 236 1.69 23.46 -35.56
N GLY B 237 1.86 22.21 -35.13
CA GLY B 237 0.94 21.59 -34.18
C GLY B 237 -0.25 20.86 -34.79
N LYS B 238 -0.40 20.89 -36.11
CA LYS B 238 -1.57 20.32 -36.79
C LYS B 238 -1.68 18.80 -36.60
N ASP B 239 -0.54 18.13 -36.60
CA ASP B 239 -0.50 16.68 -36.43
C ASP B 239 -0.87 16.27 -35.01
N GLY B 240 -0.90 17.24 -34.09
CA GLY B 240 -1.11 16.95 -32.68
C GLY B 240 0.03 16.20 -31.99
N LEU B 241 1.24 16.33 -32.54
CA LEU B 241 2.39 15.52 -32.10
C LEU B 241 3.64 16.38 -31.96
N LEU B 242 4.49 16.06 -30.97
CA LEU B 242 5.84 16.61 -30.94
C LEU B 242 6.86 15.48 -31.16
N GLY B 243 7.66 15.63 -32.20
CA GLY B 243 8.79 14.74 -32.40
C GLY B 243 10.06 15.35 -31.84
N ILE B 244 10.92 14.49 -31.29
CA ILE B 244 12.22 14.91 -30.77
C ILE B 244 13.29 13.95 -31.27
N ARG B 245 14.28 14.48 -31.98
CA ARG B 245 15.40 13.67 -32.43
CA ARG B 245 15.41 13.68 -32.45
C ARG B 245 16.68 14.09 -31.72
N SER B 246 17.39 13.12 -31.17
CA SER B 246 18.70 13.36 -30.58
C SER B 246 19.58 12.25 -31.13
N GLU B 247 20.82 12.17 -30.65
CA GLU B 247 21.79 11.27 -31.27
C GLU B 247 21.35 9.82 -31.16
N GLY B 248 21.19 9.16 -32.30
CA GLY B 248 20.74 7.77 -32.33
C GLY B 248 19.32 7.50 -31.87
N LYS B 249 18.58 8.53 -31.47
CA LYS B 249 17.28 8.38 -30.85
C LYS B 249 16.20 9.27 -31.49
N ARG B 250 14.97 8.77 -31.49
CA ARG B 250 13.81 9.65 -31.68
C ARG B 250 12.63 9.27 -30.81
N SER B 251 11.87 10.29 -30.43
CA SER B 251 10.67 10.05 -29.67
C SER B 251 9.53 10.93 -30.17
N THR B 252 8.30 10.49 -29.92
CA THR B 252 7.14 11.32 -30.16
C THR B 252 6.26 11.35 -28.92
N THR B 253 5.50 12.44 -28.77
CA THR B 253 4.52 12.55 -27.72
C THR B 253 3.33 13.33 -28.26
N ARG B 254 2.14 12.90 -27.87
CA ARG B 254 0.90 13.61 -28.13
C ARG B 254 0.92 14.97 -27.47
N LEU B 255 0.41 15.99 -28.16
CA LEU B 255 0.25 17.31 -27.55
C LEU B 255 -1.00 17.36 -26.68
N LEU B 256 -1.02 18.24 -25.68
CA LEU B 256 -2.20 18.45 -24.82
C LEU B 256 -3.19 19.46 -25.43
N ASP B 257 -4.49 19.20 -25.27
CA ASP B 257 -5.51 20.07 -25.87
C ASP B 257 -5.79 21.32 -25.03
N ALA B 258 -5.63 21.19 -23.71
CA ALA B 258 -6.02 22.24 -22.75
C ALA B 258 -5.36 23.59 -23.00
N GLU B 259 -6.11 24.66 -22.76
CA GLU B 259 -5.56 26.01 -22.83
C GLU B 259 -4.68 26.28 -21.61
N PHE B 260 -3.45 26.69 -21.85
CA PHE B 260 -2.55 27.07 -20.77
C PHE B 260 -2.97 28.45 -20.26
N PRO B 261 -2.86 28.66 -18.94
CA PRO B 261 -3.25 29.99 -18.43
C PRO B 261 -2.39 31.14 -19.00
N LYS B 262 -2.96 32.35 -19.02
CA LYS B 262 -2.22 33.55 -19.42
C LYS B 262 -1.28 33.96 -18.29
N PHE B 263 -0.02 33.55 -18.36
CA PHE B 263 0.87 33.69 -17.22
C PHE B 263 1.62 35.02 -17.17
N ARG B 264 1.74 35.72 -18.28
CA ARG B 264 2.53 36.94 -18.27
C ARG B 264 1.92 38.02 -17.38
N GLN B 265 0.62 37.92 -17.10
CA GLN B 265 -0.01 38.87 -16.21
C GLN B 265 0.38 38.62 -14.75
N LEU B 266 0.98 37.47 -14.47
CA LEU B 266 1.39 37.14 -13.10
C LEU B 266 2.72 37.79 -12.71
N LEU B 267 3.52 38.17 -13.70
CA LEU B 267 4.87 38.69 -13.43
C LEU B 267 4.86 40.17 -13.04
N PRO B 268 5.31 40.49 -11.83
CA PRO B 268 5.25 41.87 -11.31
C PRO B 268 6.11 42.84 -12.10
N ALA B 269 5.63 44.06 -12.31
CA ALA B 269 6.37 45.06 -13.06
C ALA B 269 7.44 45.71 -12.20
N GLU B 270 7.22 45.76 -10.89
CA GLU B 270 8.18 46.38 -9.98
C GLU B 270 8.00 45.84 -8.56
N HIS B 271 9.02 46.07 -7.74
CA HIS B 271 9.07 45.48 -6.41
C HIS B 271 9.22 46.56 -5.34
N THR B 272 8.71 46.30 -4.14
CA THR B 272 8.91 47.22 -3.03
C THR B 272 10.23 46.91 -2.31
N ALA B 273 10.67 45.66 -2.41
CA ALA B 273 11.89 45.24 -1.73
C ALA B 273 12.64 44.20 -2.54
N VAL B 274 13.97 44.22 -2.45
CA VAL B 274 14.82 43.27 -3.16
C VAL B 274 15.91 42.72 -2.24
N ALA B 275 16.23 41.44 -2.42
CA ALA B 275 17.26 40.79 -1.62
C ALA B 275 18.17 39.96 -2.50
N THR B 276 19.48 40.09 -2.29
CA THR B 276 20.42 39.25 -3.03
C THR B 276 21.30 38.49 -2.04
N ILE B 277 21.55 37.22 -2.33
CA ILE B 277 22.16 36.32 -1.35
C ILE B 277 22.65 35.04 -2.06
N GLY B 278 23.61 34.35 -1.46
CA GLY B 278 24.14 33.15 -2.08
C GLY B 278 23.15 32.02 -2.10
N VAL B 279 22.98 31.37 -3.26
CA VAL B 279 22.08 30.22 -3.37
C VAL B 279 22.48 29.06 -2.43
N ALA B 280 23.76 28.68 -2.43
CA ALA B 280 24.21 27.55 -1.62
C ALA B 280 23.97 27.80 -0.12
N GLU B 281 24.43 28.94 0.37
CA GLU B 281 24.26 29.31 1.77
C GLU B 281 22.79 29.32 2.19
N LEU B 282 21.95 29.95 1.39
CA LEU B 282 20.52 30.04 1.71
C LEU B 282 19.86 28.66 1.69
N THR B 283 20.13 27.89 0.64
CA THR B 283 19.55 26.55 0.50
C THR B 283 19.92 25.66 1.70
N GLU B 284 21.17 25.72 2.13
CA GLU B 284 21.58 24.90 3.25
C GLU B 284 20.85 25.31 4.55
N ALA B 285 20.71 26.62 4.75
CA ALA B 285 20.06 27.12 5.97
C ALA B 285 18.56 26.78 5.99
N ILE B 286 17.92 26.83 4.83
CA ILE B 286 16.52 26.47 4.75
C ILE B 286 16.30 25.02 5.16
N LYS B 287 17.10 24.13 4.58
CA LYS B 287 16.92 22.71 4.78
C LYS B 287 17.11 22.34 6.25
N ARG B 288 17.94 23.10 6.94
CA ARG B 288 18.20 22.76 8.33
CA ARG B 288 18.27 22.85 8.34
C ARG B 288 17.17 23.40 9.26
N VAL B 289 16.71 24.62 8.99
CA VAL B 289 15.65 25.23 9.81
C VAL B 289 14.27 24.59 9.56
N ALA B 290 14.00 24.20 8.32
CA ALA B 290 12.72 23.56 7.97
C ALA B 290 12.56 22.15 8.55
N LEU B 291 13.55 21.68 9.32
CA LEU B 291 13.48 20.35 9.91
C LEU B 291 12.38 20.26 10.95
N VAL B 292 12.05 21.37 11.56
CA VAL B 292 11.06 21.36 12.64
C VAL B 292 9.68 21.84 12.17
N ALA B 293 9.56 22.12 10.87
CA ALA B 293 8.28 22.58 10.33
C ALA B 293 7.28 21.42 10.29
N ASP B 294 6.12 21.63 10.92
CA ASP B 294 5.05 20.63 10.95
C ASP B 294 4.60 20.21 9.56
N ARG B 295 4.98 18.99 9.15
CA ARG B 295 4.70 18.46 7.81
C ARG B 295 5.25 19.35 6.69
N GLY B 296 6.38 19.99 6.94
CA GLY B 296 7.02 20.89 5.97
C GLY B 296 6.12 22.00 5.46
N ALA B 297 5.32 22.56 6.36
CA ALA B 297 4.30 23.56 6.00
C ALA B 297 4.91 24.89 5.56
N GLN B 298 5.68 25.53 6.45
CA GLN B 298 6.24 26.83 6.09
C GLN B 298 7.57 27.17 6.75
N ILE B 299 8.35 28.00 6.07
CA ILE B 299 9.53 28.61 6.65
C ILE B 299 9.41 30.14 6.53
N ARG B 300 9.75 30.83 7.60
CA ARG B 300 9.62 32.29 7.71
C ARG B 300 10.88 33.04 7.32
N MET B 301 10.73 34.12 6.55
CA MET B 301 11.87 34.94 6.17
C MET B 301 11.64 36.39 6.61
N GLU B 302 12.42 36.83 7.60
CA GLU B 302 12.37 38.19 8.06
C GLU B 302 13.54 38.95 7.50
N PHE B 303 13.25 39.94 6.67
CA PHE B 303 14.29 40.77 6.05
C PHE B 303 14.28 42.12 6.73
N SER B 304 15.45 42.59 7.13
CA SER B 304 15.61 43.97 7.60
C SER B 304 17.08 44.27 7.77
N ASP B 305 17.44 45.53 7.53
CA ASP B 305 18.83 45.97 7.52
C ASP B 305 19.65 45.16 6.54
N ASP B 306 20.67 44.48 7.04
CA ASP B 306 21.53 43.67 6.17
C ASP B 306 21.46 42.20 6.56
N THR B 307 20.38 41.78 7.22
CA THR B 307 20.28 40.42 7.73
C THR B 307 18.95 39.70 7.43
N LEU B 308 19.06 38.42 7.12
CA LEU B 308 17.90 37.58 6.96
C LEU B 308 17.77 36.61 8.13
N LYS B 309 16.62 36.62 8.79
CA LYS B 309 16.34 35.66 9.86
C LYS B 309 15.34 34.61 9.37
N LEU B 310 15.83 33.38 9.20
CA LEU B 310 14.98 32.24 8.85
C LEU B 310 14.41 31.60 10.11
N SER B 311 13.12 31.31 10.14
CA SER B 311 12.59 30.59 11.30
C SER B 311 11.49 29.59 10.94
N ALA B 312 11.27 28.62 11.82
CA ALA B 312 10.25 27.61 11.57
C ALA B 312 9.81 26.92 12.85
N GLY B 313 8.78 26.08 12.72
CA GLY B 313 8.26 25.30 13.82
C GLY B 313 7.26 26.06 14.66
N ALA B 314 6.89 25.48 15.79
CA ALA B 314 6.03 26.12 16.78
C ALA B 314 6.28 25.48 18.15
N ASP B 315 5.62 25.97 19.20
CA ASP B 315 5.91 25.54 20.58
C ASP B 315 5.79 24.04 20.87
N ASP B 316 4.96 23.34 20.10
CA ASP B 316 4.58 21.98 20.44
C ASP B 316 5.34 20.91 19.65
N VAL B 317 6.23 21.34 18.77
CA VAL B 317 6.96 20.40 17.92
C VAL B 317 8.46 20.73 17.90
N GLY B 318 8.79 21.98 18.15
CA GLY B 318 10.16 22.44 18.06
C GLY B 318 10.29 23.68 17.20
N ARG B 319 11.15 24.59 17.63
CA ARG B 319 11.42 25.79 16.86
C ARG B 319 12.85 25.76 16.31
N ALA B 320 13.07 26.53 15.24
CA ALA B 320 14.41 26.69 14.69
C ALA B 320 14.56 28.10 14.13
N GLU B 321 15.75 28.67 14.30
CA GLU B 321 16.06 29.94 13.64
C GLU B 321 17.53 30.03 13.25
N GLU B 322 17.79 30.75 12.16
CA GLU B 322 19.15 30.99 11.71
C GLU B 322 19.27 32.37 11.04
N ASP B 323 20.31 33.10 11.40
CA ASP B 323 20.59 34.43 10.83
C ASP B 323 21.58 34.38 9.68
N LEU B 324 21.23 34.99 8.56
CA LEU B 324 22.15 35.05 7.42
C LEU B 324 22.42 36.51 7.00
N PRO B 325 23.67 36.80 6.60
CA PRO B 325 23.95 38.08 5.96
C PRO B 325 23.25 38.18 4.60
N VAL B 326 22.70 39.34 4.28
CA VAL B 326 21.96 39.54 3.04
C VAL B 326 22.10 40.98 2.54
N ASP B 327 22.17 41.15 1.21
CA ASP B 327 22.15 42.46 0.58
C ASP B 327 20.69 42.83 0.28
N PHE B 328 20.11 43.66 1.13
CA PHE B 328 18.66 43.92 1.12
C PHE B 328 18.36 45.41 0.94
N ALA B 329 17.44 45.72 0.04
CA ALA B 329 17.02 47.10 -0.17
C ALA B 329 15.50 47.23 -0.11
N GLY B 330 15.02 48.32 0.48
CA GLY B 330 13.59 48.53 0.62
C GLY B 330 13.14 48.40 2.05
N GLU B 331 11.85 48.57 2.28
CA GLU B 331 11.31 48.47 3.63
C GLU B 331 11.32 47.02 4.08
N PRO B 332 11.67 46.80 5.36
CA PRO B 332 11.72 45.45 5.95
C PRO B 332 10.43 44.69 5.72
N LEU B 333 10.52 43.37 5.71
CA LEU B 333 9.40 42.51 5.36
CA LEU B 333 9.34 42.54 5.51
C LEU B 333 9.55 41.13 6.00
N THR B 334 8.46 40.52 6.44
CA THR B 334 8.45 39.14 6.89
C THR B 334 7.53 38.36 5.97
N ILE B 335 8.03 37.30 5.37
CA ILE B 335 7.26 36.56 4.36
C ILE B 335 7.52 35.06 4.50
N ALA B 336 6.48 34.24 4.34
CA ALA B 336 6.62 32.79 4.52
C ALA B 336 6.41 32.03 3.22
N PHE B 337 7.15 30.94 3.05
CA PHE B 337 6.99 30.05 1.91
C PHE B 337 6.96 28.58 2.30
N ASN B 338 6.36 27.76 1.44
CA ASN B 338 6.60 26.32 1.43
C ASN B 338 8.09 26.07 1.19
N PRO B 339 8.78 25.41 2.15
CA PRO B 339 10.24 25.31 1.97
C PRO B 339 10.67 24.41 0.81
N THR B 340 9.87 23.40 0.45
CA THR B 340 10.19 22.60 -0.71
C THR B 340 10.07 23.39 -2.03
N TYR B 341 8.97 24.12 -2.19
CA TYR B 341 8.80 25.00 -3.35
C TYR B 341 9.91 26.02 -3.45
N LEU B 342 10.40 26.45 -2.30
CA LEU B 342 11.43 27.47 -2.25
C LEU B 342 12.79 26.91 -2.63
N THR B 343 13.15 25.76 -2.08
CA THR B 343 14.41 25.13 -2.46
C THR B 343 14.33 24.56 -3.88
N ASP B 344 13.13 24.16 -4.32
CA ASP B 344 12.90 23.80 -5.74
C ASP B 344 13.28 24.97 -6.64
N GLY B 345 12.81 26.18 -6.28
CA GLY B 345 13.11 27.35 -7.07
C GLY B 345 14.58 27.67 -7.04
N LEU B 346 15.18 27.58 -5.85
CA LEU B 346 16.58 27.95 -5.71
C LEU B 346 17.47 26.98 -6.49
N GLY B 347 17.09 25.71 -6.52
CA GLY B 347 17.89 24.70 -7.17
C GLY B 347 17.86 24.80 -8.70
N SER B 348 16.87 25.51 -9.24
CA SER B 348 16.73 25.58 -10.68
C SER B 348 17.34 26.85 -11.29
N LEU B 349 17.99 27.65 -10.46
CA LEU B 349 18.58 28.90 -10.95
C LEU B 349 19.90 28.72 -11.69
N HIS B 350 20.71 27.77 -11.22
CA HIS B 350 22.06 27.54 -11.75
C HIS B 350 22.92 28.81 -11.78
N SER B 351 22.78 29.64 -10.76
CA SER B 351 23.64 30.80 -10.56
C SER B 351 24.27 30.75 -9.17
N GLU B 352 25.35 31.49 -8.96
CA GLU B 352 26.00 31.53 -7.66
CA GLU B 352 25.99 31.49 -7.67
C GLU B 352 25.09 32.19 -6.63
N ARG B 353 24.41 33.25 -7.05
CA ARG B 353 23.56 34.05 -6.18
C ARG B 353 22.14 34.21 -6.77
N VAL B 354 21.18 34.56 -5.91
CA VAL B 354 19.78 34.75 -6.26
C VAL B 354 19.31 36.15 -5.86
N THR B 355 18.49 36.77 -6.71
CA THR B 355 17.81 38.01 -6.30
C THR B 355 16.29 37.79 -6.17
N PHE B 356 15.77 38.06 -4.97
CA PHE B 356 14.33 38.03 -4.70
C PHE B 356 13.72 39.38 -5.02
N GLY B 357 12.50 39.39 -5.55
CA GLY B 357 11.75 40.62 -5.75
C GLY B 357 10.41 40.52 -5.03
N PHE B 358 10.20 41.38 -4.04
CA PHE B 358 9.01 41.33 -3.19
C PHE B 358 8.07 42.53 -3.35
N THR B 359 6.78 42.31 -3.07
CA THR B 359 5.86 43.41 -2.75
C THR B 359 5.38 43.16 -1.32
N THR B 360 4.20 42.56 -1.15
CA THR B 360 3.68 42.33 0.20
C THR B 360 3.88 40.87 0.64
N PRO B 361 3.71 40.60 1.94
CA PRO B 361 3.81 39.21 2.43
C PRO B 361 2.80 38.22 1.81
N SER B 362 1.71 38.68 1.19
CA SER B 362 0.76 37.74 0.58
C SER B 362 0.69 37.84 -0.94
N ARG B 363 1.75 38.36 -1.56
CA ARG B 363 1.79 38.47 -3.01
C ARG B 363 3.00 37.73 -3.55
N PRO B 364 2.95 37.28 -4.81
CA PRO B 364 3.99 36.40 -5.33
C PRO B 364 5.39 37.04 -5.22
N ALA B 365 6.40 36.22 -4.95
CA ALA B 365 7.77 36.68 -4.94
C ALA B 365 8.53 36.15 -6.16
N VAL B 366 9.36 37.00 -6.74
CA VAL B 366 10.17 36.65 -7.90
C VAL B 366 11.55 36.15 -7.48
N LEU B 367 11.94 34.98 -7.96
CA LEU B 367 13.33 34.53 -7.85
C LEU B 367 14.00 34.52 -9.21
N ARG B 368 15.09 35.27 -9.32
CA ARG B 368 15.93 35.28 -10.53
C ARG B 368 17.41 35.11 -10.17
N PRO B 369 18.20 34.55 -11.12
CA PRO B 369 19.66 34.57 -10.99
C PRO B 369 20.16 36.01 -10.86
N ALA B 370 21.07 36.26 -9.92
CA ALA B 370 21.35 37.62 -9.47
C ALA B 370 21.98 38.51 -10.53
N GLY B 371 22.79 37.91 -11.40
CA GLY B 371 23.51 38.70 -12.38
C GLY B 371 24.61 39.56 -11.79
N GLY B 379 19.15 52.74 -4.49
CA GLY B 379 18.67 51.63 -3.68
C GLY B 379 17.66 52.05 -2.64
N SER B 380 16.76 52.96 -3.02
CA SER B 380 15.70 53.42 -2.12
C SER B 380 14.39 52.65 -2.33
N GLY B 381 13.96 52.54 -3.59
CA GLY B 381 12.69 51.92 -3.93
C GLY B 381 11.79 52.91 -4.65
N PRO B 382 10.79 52.39 -5.40
CA PRO B 382 10.64 50.96 -5.69
C PRO B 382 11.63 50.54 -6.77
N PHE B 383 11.74 49.25 -7.01
CA PHE B 383 12.72 48.74 -7.95
C PHE B 383 12.01 48.04 -9.09
N PRO B 384 12.35 48.41 -10.33
CA PRO B 384 11.74 47.77 -11.49
C PRO B 384 12.23 46.34 -11.65
N ALA B 385 11.42 45.47 -12.25
CA ALA B 385 11.79 44.09 -12.47
C ALA B 385 13.05 43.97 -13.32
N ALA B 386 13.95 43.08 -12.93
CA ALA B 386 15.14 42.77 -13.72
C ALA B 386 14.76 41.92 -14.92
N LYS B 387 15.30 42.25 -16.09
CA LYS B 387 15.10 41.39 -17.26
C LYS B 387 16.10 40.25 -17.17
N THR B 388 15.60 39.02 -17.12
CA THR B 388 16.47 37.84 -17.10
C THR B 388 15.86 36.79 -18.03
N ASP B 389 16.64 35.80 -18.43
CA ASP B 389 16.13 34.75 -19.29
C ASP B 389 15.24 33.78 -18.50
N TYR B 390 15.54 33.61 -17.22
CA TYR B 390 14.81 32.68 -16.34
C TYR B 390 14.19 33.38 -15.13
N VAL B 391 12.97 32.99 -14.79
CA VAL B 391 12.33 33.46 -13.56
C VAL B 391 11.50 32.31 -12.94
N TYR B 392 11.50 32.28 -11.62
CA TYR B 392 10.70 31.36 -10.85
C TYR B 392 9.88 32.20 -9.88
N LEU B 393 8.59 32.26 -10.15
CA LEU B 393 7.64 33.05 -9.38
C LEU B 393 6.98 32.12 -8.37
N LEU B 394 7.00 32.53 -7.10
CA LEU B 394 6.54 31.68 -6.00
C LEU B 394 5.52 32.40 -5.13
N MET B 395 4.34 31.81 -4.95
CA MET B 395 3.35 32.33 -4.01
C MET B 395 3.76 32.08 -2.55
N PRO B 396 3.71 33.11 -1.71
CA PRO B 396 3.94 32.90 -0.28
C PRO B 396 2.79 32.12 0.36
N VAL B 397 2.99 31.65 1.58
CA VAL B 397 1.89 31.14 2.40
C VAL B 397 1.66 32.14 3.55
N ARG B 398 0.51 32.07 4.21
CA ARG B 398 0.19 33.06 5.24
C ARG B 398 0.86 32.78 6.56
N LEU B 399 1.37 33.84 7.17
CA LEU B 399 1.99 33.77 8.48
C LEU B 399 0.94 33.39 9.52
N PRO B 400 1.36 32.71 10.60
CA PRO B 400 0.42 32.30 11.64
C PRO B 400 -0.25 33.49 12.34
N LEU C 12 -19.13 42.43 11.77
CA LEU C 12 -20.35 41.77 11.33
C LEU C 12 -20.76 40.65 12.29
N THR C 13 -22.07 40.48 12.47
CA THR C 13 -22.66 39.63 13.49
C THR C 13 -22.18 38.16 13.53
N ASP C 14 -22.44 37.49 14.65
CA ASP C 14 -22.19 36.06 14.79
C ASP C 14 -23.42 35.25 14.38
N LEU C 15 -23.21 34.26 13.52
CA LEU C 15 -24.27 33.34 13.12
C LEU C 15 -24.78 32.53 14.32
N LYS C 16 -26.11 32.50 14.46
CA LYS C 16 -26.76 31.67 15.47
C LYS C 16 -28.09 31.15 14.91
N PHE C 17 -28.29 29.84 14.94
CA PHE C 17 -29.56 29.30 14.47
C PHE C 17 -29.97 28.01 15.19
N ARG C 18 -31.21 27.62 14.96
CA ARG C 18 -31.72 26.32 15.36
C ARG C 18 -32.24 25.61 14.11
N VAL C 19 -32.00 24.31 14.00
CA VAL C 19 -32.38 23.58 12.80
C VAL C 19 -32.82 22.17 13.19
N VAL C 20 -33.69 21.56 12.38
CA VAL C 20 -34.07 20.14 12.56
C VAL C 20 -32.87 19.23 12.21
N ARG C 21 -32.63 18.18 12.99
CA ARG C 21 -31.40 17.39 12.80
C ARG C 21 -31.39 16.69 11.43
N GLU C 22 -32.53 16.14 11.02
CA GLU C 22 -32.63 15.40 9.77
C GLU C 22 -32.28 16.30 8.58
N ASP C 23 -32.82 17.51 8.60
CA ASP C 23 -32.62 18.47 7.52
C ASP C 23 -31.17 18.90 7.44
N PHE C 24 -30.60 19.15 8.60
CA PHE C 24 -29.23 19.65 8.67
C PHE C 24 -28.25 18.55 8.24
N ALA C 25 -28.45 17.35 8.76
CA ALA C 25 -27.57 16.22 8.45
C ALA C 25 -27.62 15.83 6.98
N ASP C 26 -28.83 15.75 6.42
CA ASP C 26 -28.97 15.47 4.99
C ASP C 26 -28.24 16.53 4.14
N ALA C 27 -28.40 17.81 4.48
CA ALA C 27 -27.79 18.86 3.66
C ALA C 27 -26.28 18.81 3.72
N VAL C 28 -25.74 18.60 4.91
CA VAL C 28 -24.29 18.54 5.09
C VAL C 28 -23.71 17.32 4.38
N ALA C 29 -24.33 16.17 4.59
CA ALA C 29 -23.97 14.95 3.87
C ALA C 29 -23.90 15.21 2.36
N TRP C 30 -24.90 15.93 1.86
CA TRP C 30 -25.01 16.24 0.44
C TRP C 30 -23.84 17.07 -0.07
N VAL C 31 -23.47 18.09 0.70
CA VAL C 31 -22.35 18.95 0.34
C VAL C 31 -21.05 18.13 0.41
N ALA C 32 -20.92 17.36 1.48
CA ALA C 32 -19.69 16.68 1.83
C ALA C 32 -19.20 15.71 0.77
N ARG C 33 -20.14 15.09 0.06
CA ARG C 33 -19.80 14.18 -1.03
C ARG C 33 -18.97 14.86 -2.11
N SER C 34 -19.08 16.17 -2.21
CA SER C 34 -18.44 16.94 -3.27
C SER C 34 -17.19 17.67 -2.79
N LEU C 35 -16.87 17.53 -1.50
CA LEU C 35 -15.63 18.09 -0.95
C LEU C 35 -14.42 17.22 -1.32
N PRO C 36 -13.24 17.86 -1.45
CA PRO C 36 -12.00 17.10 -1.68
C PRO C 36 -11.51 16.48 -0.37
N THR C 37 -11.04 15.24 -0.44
CA THR C 37 -10.45 14.61 0.73
C THR C 37 -8.95 14.89 0.77
N PRO C 39 -6.77 17.83 1.14
CA PRO C 39 -6.44 18.66 -0.03
C PRO C 39 -5.16 19.47 0.16
N THR C 40 -4.50 19.81 -0.94
CA THR C 40 -3.29 20.64 -0.92
C THR C 40 -3.55 21.97 -0.19
N ILE C 41 -4.77 22.47 -0.29
CA ILE C 41 -5.25 23.60 0.49
C ILE C 41 -6.30 23.12 1.50
N PRO C 42 -5.93 23.04 2.78
CA PRO C 42 -6.81 22.55 3.87
C PRO C 42 -8.17 23.24 3.98
N VAL C 43 -8.18 24.55 3.81
CA VAL C 43 -9.40 25.31 3.97
C VAL C 43 -10.47 24.92 2.91
N LEU C 44 -10.03 24.33 1.80
CA LEU C 44 -10.96 23.90 0.76
C LEU C 44 -11.83 22.71 1.17
N ALA C 45 -11.46 22.05 2.26
CA ALA C 45 -12.31 21.00 2.82
C ALA C 45 -13.31 21.60 3.80
N GLY C 46 -13.37 22.93 3.81
CA GLY C 46 -14.27 23.63 4.71
C GLY C 46 -15.69 23.62 4.17
N VAL C 47 -16.66 23.77 5.06
CA VAL C 47 -18.03 23.97 4.66
C VAL C 47 -18.52 25.32 5.20
N LEU C 48 -19.09 26.12 4.31
CA LEU C 48 -19.57 27.46 4.64
C LEU C 48 -21.05 27.45 5.03
N LEU C 49 -21.35 27.92 6.23
CA LEU C 49 -22.72 28.07 6.72
C LEU C 49 -23.08 29.55 6.68
N THR C 50 -24.21 29.88 6.05
CA THR C 50 -24.67 31.26 5.98
C THR C 50 -26.11 31.35 6.44
N GLY C 51 -26.35 32.17 7.46
CA GLY C 51 -27.70 32.44 7.93
C GLY C 51 -28.24 33.72 7.32
N THR C 52 -29.38 33.62 6.66
CA THR C 52 -29.97 34.73 5.91
C THR C 52 -31.42 34.93 6.30
N ASP C 53 -32.15 35.69 5.47
CA ASP C 53 -33.58 35.96 5.67
C ASP C 53 -34.42 34.71 5.43
N GLU C 54 -34.09 33.97 4.39
CA GLU C 54 -34.85 32.78 4.00
C GLU C 54 -34.51 31.58 4.89
N GLY C 55 -33.38 31.65 5.59
CA GLY C 55 -32.94 30.55 6.42
C GLY C 55 -31.45 30.25 6.35
N LEU C 56 -31.11 28.99 6.09
CA LEU C 56 -29.74 28.56 6.19
C LEU C 56 -29.24 28.03 4.86
N THR C 57 -28.05 28.49 4.48
CA THR C 57 -27.37 28.02 3.27
C THR C 57 -26.10 27.28 3.65
N ILE C 58 -25.90 26.12 3.03
CA ILE C 58 -24.72 25.29 3.26
C ILE C 58 -23.99 25.05 1.93
N SER C 59 -22.67 25.28 1.92
CA SER C 59 -21.94 25.18 0.65
C SER C 59 -20.45 24.79 0.78
N GLY C 60 -19.93 24.21 -0.30
CA GLY C 60 -18.52 23.99 -0.44
C GLY C 60 -18.08 24.27 -1.86
N PHE C 61 -16.84 24.72 -1.99
CA PHE C 61 -16.21 25.06 -3.27
C PHE C 61 -14.72 24.85 -3.13
N ASP C 62 -14.10 24.24 -4.13
CA ASP C 62 -12.66 23.98 -4.09
C ASP C 62 -11.99 24.44 -5.37
N TYR C 63 -12.57 25.46 -6.02
CA TYR C 63 -12.18 25.98 -7.35
C TYR C 63 -12.63 25.15 -8.55
N GLU C 64 -13.08 23.92 -8.35
CA GLU C 64 -13.48 23.09 -9.51
C GLU C 64 -14.93 22.63 -9.46
N VAL C 65 -15.37 22.21 -8.28
CA VAL C 65 -16.75 21.82 -8.03
C VAL C 65 -17.32 22.64 -6.89
N SER C 66 -18.54 23.15 -7.07
CA SER C 66 -19.29 23.77 -5.97
C SER C 66 -20.63 23.08 -5.76
N ALA C 67 -21.10 23.14 -4.52
CA ALA C 67 -22.41 22.61 -4.16
C ALA C 67 -23.02 23.51 -3.11
N GLU C 68 -24.24 23.99 -3.38
CA GLU C 68 -24.93 24.85 -2.44
C GLU C 68 -26.34 24.33 -2.17
N VAL C 69 -26.71 24.26 -0.90
CA VAL C 69 -28.03 23.74 -0.53
C VAL C 69 -28.66 24.68 0.49
N LYS C 70 -29.95 24.96 0.32
CA LYS C 70 -30.68 25.79 1.24
C LYS C 70 -31.63 24.93 2.04
N VAL C 71 -31.63 25.08 3.37
CA VAL C 71 -32.59 24.38 4.22
C VAL C 71 -33.30 25.33 5.17
N SER C 72 -34.51 24.97 5.58
CA SER C 72 -35.25 25.73 6.58
C SER C 72 -34.57 25.75 7.94
N ALA C 73 -34.55 26.91 8.58
CA ALA C 73 -34.01 27.05 9.92
C ALA C 73 -34.51 28.32 10.59
N GLU C 74 -34.53 28.31 11.93
CA GLU C 74 -34.83 29.51 12.69
C GLU C 74 -33.54 30.28 12.91
N ILE C 75 -33.35 31.38 12.16
CA ILE C 75 -32.14 32.16 12.26
C ILE C 75 -32.26 33.18 13.38
N ALA C 76 -31.58 32.94 14.49
CA ALA C 76 -31.61 33.88 15.60
C ALA C 76 -30.73 35.08 15.27
N SER C 77 -29.64 34.84 14.55
CA SER C 77 -28.73 35.92 14.17
C SER C 77 -28.04 35.60 12.86
N ALA C 78 -28.09 36.57 11.95
CA ALA C 78 -27.54 36.43 10.62
C ALA C 78 -26.02 36.42 10.65
N GLY C 79 -25.42 35.75 9.66
CA GLY C 79 -23.96 35.73 9.55
C GLY C 79 -23.51 34.51 8.79
N SER C 80 -22.19 34.31 8.74
CA SER C 80 -21.65 33.12 8.11
C SER C 80 -20.37 32.69 8.81
N VAL C 81 -20.02 31.43 8.62
CA VAL C 81 -18.89 30.82 9.30
C VAL C 81 -18.40 29.62 8.49
N LEU C 82 -17.09 29.43 8.46
CA LEU C 82 -16.54 28.30 7.74
C LEU C 82 -15.98 27.26 8.72
N VAL C 83 -16.37 25.99 8.58
CA VAL C 83 -15.89 24.96 9.48
C VAL C 83 -15.43 23.74 8.70
N SER C 84 -14.67 22.87 9.36
CA SER C 84 -14.19 21.63 8.74
C SER C 84 -15.36 20.77 8.23
N GLY C 85 -15.35 20.48 6.93
CA GLY C 85 -16.43 19.72 6.33
C GLY C 85 -16.46 18.29 6.84
N ARG C 86 -15.29 17.67 6.93
CA ARG C 86 -15.15 16.34 7.50
C ARG C 86 -15.72 16.25 8.93
N LEU C 87 -15.32 17.19 9.76
CA LEU C 87 -15.71 17.16 11.16
C LEU C 87 -17.21 17.44 11.30
N LEU C 88 -17.71 18.42 10.56
CA LEU C 88 -19.13 18.74 10.65
C LEU C 88 -19.98 17.55 10.22
N SER C 89 -19.56 16.88 9.16
CA SER C 89 -20.30 15.76 8.62
C SER C 89 -20.33 14.58 9.58
N ASP C 90 -19.18 14.28 10.21
CA ASP C 90 -19.14 13.20 11.21
C ASP C 90 -20.02 13.53 12.42
N ILE C 91 -19.98 14.77 12.89
CA ILE C 91 -20.78 15.16 14.05
C ILE C 91 -22.28 15.04 13.77
N THR C 92 -22.72 15.59 12.64
CA THR C 92 -24.15 15.56 12.28
C THR C 92 -24.70 14.14 12.03
N LYS C 93 -23.85 13.22 11.59
CA LYS C 93 -24.31 11.83 11.40
C LYS C 93 -24.50 11.10 12.74
N ALA C 94 -24.02 11.68 13.82
CA ALA C 94 -24.04 10.99 15.12
C ALA C 94 -24.94 11.66 16.15
N LEU C 95 -25.57 12.76 15.78
CA LEU C 95 -26.44 13.47 16.71
C LEU C 95 -27.73 12.71 16.99
N PRO C 96 -28.26 12.82 18.21
CA PRO C 96 -29.57 12.22 18.48
C PRO C 96 -30.68 12.96 17.73
N ALA C 97 -31.85 12.36 17.62
CA ALA C 97 -32.98 13.00 16.96
C ALA C 97 -33.55 14.11 17.84
N LYS C 98 -32.83 15.23 17.89
CA LYS C 98 -33.24 16.40 18.66
C LYS C 98 -32.87 17.65 17.87
N PRO C 99 -33.50 18.80 18.19
CA PRO C 99 -33.14 20.06 17.54
C PRO C 99 -31.65 20.35 17.71
N VAL C 100 -31.03 20.94 16.70
CA VAL C 100 -29.61 21.26 16.75
C VAL C 100 -29.43 22.77 16.91
N GLU C 101 -28.73 23.16 17.96
CA GLU C 101 -28.46 24.56 18.21
C GLU C 101 -27.03 24.89 17.80
N VAL C 102 -26.90 25.83 16.87
CA VAL C 102 -25.59 26.23 16.39
C VAL C 102 -25.38 27.69 16.74
N SER C 103 -24.23 27.98 17.32
CA SER C 103 -23.93 29.33 17.78
C SER C 103 -22.43 29.58 17.61
N VAL C 104 -22.09 30.65 16.90
CA VAL C 104 -20.68 31.05 16.73
C VAL C 104 -20.23 31.98 17.85
N GLU C 105 -19.22 31.57 18.60
CA GLU C 105 -18.68 32.39 19.68
C GLU C 105 -17.17 32.55 19.62
N GLY C 106 -16.72 33.67 19.09
CA GLY C 106 -15.30 33.91 18.90
C GLY C 106 -14.76 33.00 17.81
N THR C 107 -13.68 32.30 18.11
CA THR C 107 -13.01 31.49 17.12
C THR C 107 -13.58 30.07 17.03
N ARG C 108 -14.68 29.83 17.73
CA ARG C 108 -15.29 28.50 17.71
C ARG C 108 -16.77 28.52 17.33
N VAL C 109 -17.27 27.37 16.87
CA VAL C 109 -18.67 27.18 16.59
C VAL C 109 -19.24 26.19 17.56
N SER C 110 -20.11 26.65 18.43
CA SER C 110 -20.76 25.77 19.38
C SER C 110 -21.89 25.02 18.67
N LEU C 111 -22.00 23.73 18.92
CA LEU C 111 -23.11 22.96 18.37
C LEU C 111 -23.67 22.08 19.47
N THR C 112 -24.94 22.31 19.83
CA THR C 112 -25.58 21.52 20.88
C THR C 112 -26.83 20.80 20.36
N CYS C 113 -27.05 19.61 20.88
CA CYS C 113 -28.14 18.74 20.47
C CYS C 113 -28.38 17.70 21.56
N GLY C 114 -29.51 17.80 22.24
CA GLY C 114 -29.76 16.96 23.41
C GLY C 114 -28.73 17.26 24.50
N SER C 115 -28.14 16.21 25.07
CA SER C 115 -27.08 16.40 26.05
C SER C 115 -25.68 16.59 25.42
N ALA C 116 -25.60 16.48 24.09
CA ALA C 116 -24.29 16.55 23.40
C ALA C 116 -23.89 17.97 23.05
N ARG C 117 -22.65 18.34 23.37
CA ARG C 117 -22.11 19.67 23.07
C ARG C 117 -20.77 19.61 22.34
N PHE C 118 -20.74 20.15 21.12
CA PHE C 118 -19.53 20.17 20.31
C PHE C 118 -18.99 21.58 20.12
N SER C 119 -17.69 21.71 19.90
CA SER C 119 -17.08 23.00 19.66
C SER C 119 -16.04 22.90 18.55
N LEU C 120 -16.42 23.30 17.34
CA LEU C 120 -15.52 23.26 16.18
C LEU C 120 -14.75 24.58 16.04
N PRO C 121 -13.45 24.51 15.72
CA PRO C 121 -12.76 25.78 15.43
C PRO C 121 -13.21 26.37 14.10
N THR C 122 -13.32 27.69 14.01
CA THR C 122 -13.74 28.34 12.78
C THR C 122 -12.56 28.44 11.82
N LEU C 123 -12.81 28.45 10.52
CA LEU C 123 -11.69 28.54 9.60
C LEU C 123 -11.57 29.94 9.03
N ALA C 124 -10.34 30.36 8.75
CA ALA C 124 -10.09 31.63 8.07
C ALA C 124 -10.72 31.60 6.68
N VAL C 125 -11.37 32.68 6.28
CA VAL C 125 -11.98 32.72 4.95
C VAL C 125 -11.19 33.55 3.93
N GLU C 126 -10.05 34.11 4.32
CA GLU C 126 -9.36 35.04 3.42
CA GLU C 126 -9.33 35.03 3.44
C GLU C 126 -8.79 34.34 2.18
N ASP C 127 -8.56 33.04 2.26
CA ASP C 127 -8.11 32.31 1.09
C ASP C 127 -9.14 31.28 0.70
N TYR C 128 -10.36 31.47 1.18
CA TYR C 128 -11.49 30.62 0.78
C TYR C 128 -12.19 31.25 -0.40
N PRO C 129 -12.21 30.55 -1.54
CA PRO C 129 -12.75 31.18 -2.75
C PRO C 129 -14.29 31.27 -2.71
N ALA C 130 -14.81 32.32 -3.31
CA ALA C 130 -16.25 32.55 -3.46
C ALA C 130 -16.90 31.66 -4.53
N LEU C 131 -18.07 31.11 -4.20
CA LEU C 131 -18.90 30.36 -5.16
C LEU C 131 -19.02 31.11 -6.49
N PRO C 132 -18.89 30.39 -7.60
CA PRO C 132 -19.05 31.00 -8.91
C PRO C 132 -20.52 31.14 -9.25
N ALA C 133 -20.88 32.12 -10.09
CA ALA C 133 -22.25 32.21 -10.54
C ALA C 133 -22.53 31.11 -11.57
N LEU C 134 -23.74 30.56 -11.56
CA LEU C 134 -24.13 29.61 -12.58
C LEU C 134 -24.26 30.33 -13.91
N PRO C 135 -23.91 29.66 -15.02
CA PRO C 135 -24.17 30.20 -16.36
C PRO C 135 -25.67 30.39 -16.55
N GLU C 136 -26.11 31.06 -17.61
CA GLU C 136 -27.53 31.11 -17.94
C GLU C 136 -28.10 29.69 -18.12
N GLU C 137 -29.32 29.48 -17.64
CA GLU C 137 -29.97 28.17 -17.73
C GLU C 137 -30.30 27.84 -19.19
N THR C 138 -30.07 26.60 -19.58
CA THR C 138 -30.11 26.24 -20.98
C THR C 138 -31.33 25.36 -21.26
N GLY C 139 -31.72 24.54 -20.29
CA GLY C 139 -32.85 23.67 -20.48
C GLY C 139 -33.26 22.95 -19.21
N VAL C 140 -34.45 22.36 -19.23
CA VAL C 140 -34.92 21.53 -18.12
C VAL C 140 -34.98 20.05 -18.54
N ILE C 141 -34.74 19.15 -17.59
CA ILE C 141 -34.64 17.72 -17.86
C ILE C 141 -35.10 16.94 -16.62
N ALA C 142 -35.61 15.72 -16.80
CA ALA C 142 -36.13 14.96 -15.65
C ALA C 142 -34.96 14.52 -14.76
N SER C 143 -35.07 14.72 -13.45
CA SER C 143 -33.92 14.56 -12.57
C SER C 143 -33.52 13.08 -12.48
N ASP C 144 -34.50 12.20 -12.42
CA ASP C 144 -34.22 10.77 -12.27
C ASP C 144 -33.56 10.18 -13.53
N LEU C 145 -34.09 10.55 -14.70
CA LEU C 145 -33.53 10.06 -15.95
C LEU C 145 -32.11 10.61 -16.16
N PHE C 146 -31.90 11.88 -15.81
CA PHE C 146 -30.58 12.48 -15.95
C PHE C 146 -29.57 11.72 -15.09
N ALA C 147 -29.87 11.54 -13.81
CA ALA C 147 -29.01 10.73 -12.92
C ALA C 147 -28.75 9.34 -13.48
N GLU C 148 -29.83 8.66 -13.87
CA GLU C 148 -29.71 7.36 -14.49
C GLU C 148 -28.80 7.35 -15.71
N ALA C 149 -28.96 8.33 -16.59
CA ALA C 149 -28.18 8.39 -17.82
C ALA C 149 -26.69 8.56 -17.52
N ILE C 150 -26.37 9.39 -16.53
CA ILE C 150 -24.98 9.64 -16.17
C ILE C 150 -24.31 8.38 -15.64
N GLY C 151 -25.02 7.67 -14.76
CA GLY C 151 -24.52 6.42 -14.19
C GLY C 151 -24.39 5.33 -15.24
N GLN C 152 -25.30 5.31 -16.21
CA GLN C 152 -25.17 4.43 -17.35
C GLN C 152 -23.85 4.65 -18.10
N VAL C 153 -23.63 5.87 -18.62
CA VAL C 153 -22.47 6.09 -19.48
C VAL C 153 -21.16 6.15 -18.70
N ALA C 154 -21.21 6.52 -17.42
CA ALA C 154 -19.99 6.73 -16.63
C ALA C 154 -19.20 5.44 -16.50
N VAL C 155 -19.87 4.30 -16.66
CA VAL C 155 -19.18 3.03 -16.52
C VAL C 155 -18.17 2.85 -17.67
N ALA C 156 -18.35 3.58 -18.76
CA ALA C 156 -17.48 3.39 -19.91
C ALA C 156 -16.32 4.39 -19.95
N ALA C 157 -16.31 5.36 -19.03
CA ALA C 157 -15.30 6.41 -19.06
C ALA C 157 -13.95 5.88 -18.59
N GLY C 158 -12.89 6.37 -19.24
CA GLY C 158 -11.54 6.12 -18.75
C GLY C 158 -11.33 6.66 -17.36
N ARG C 159 -10.45 6.04 -16.61
CA ARG C 159 -10.19 6.48 -15.25
C ARG C 159 -8.77 7.05 -15.11
N ASP C 160 -8.00 6.98 -16.19
CA ASP C 160 -6.58 7.32 -16.12
C ASP C 160 -6.25 8.71 -16.68
N ASP C 161 -5.85 9.61 -15.78
CA ASP C 161 -5.55 10.99 -16.16
C ASP C 161 -4.39 11.14 -17.15
N THR C 162 -3.67 10.05 -17.43
CA THR C 162 -2.72 10.01 -18.55
C THR C 162 -3.37 10.49 -19.84
N LEU C 163 -4.65 10.14 -20.00
CA LEU C 163 -5.44 10.57 -21.16
C LEU C 163 -6.71 11.32 -20.74
N PRO C 164 -6.62 12.65 -20.62
CA PRO C 164 -7.75 13.55 -20.30
C PRO C 164 -9.01 13.32 -21.11
N MET C 165 -8.92 13.20 -22.42
CA MET C 165 -10.15 13.17 -23.21
C MET C 165 -10.90 11.86 -23.13
N LEU C 166 -10.41 10.93 -22.30
CA LEU C 166 -11.19 9.72 -22.00
C LEU C 166 -11.82 9.82 -20.61
N THR C 167 -11.37 10.77 -19.79
CA THR C 167 -11.84 10.85 -18.42
C THR C 167 -13.16 11.63 -18.32
N GLY C 168 -13.68 12.09 -19.47
CA GLY C 168 -14.87 12.91 -19.47
C GLY C 168 -16.16 12.27 -19.94
N ILE C 169 -17.27 12.92 -19.60
CA ILE C 169 -18.57 12.59 -20.21
C ILE C 169 -18.94 13.72 -21.17
N ARG C 170 -19.08 13.36 -22.43
CA ARG C 170 -19.45 14.35 -23.41
C ARG C 170 -20.95 14.62 -23.29
N VAL C 171 -21.31 15.91 -23.33
CA VAL C 171 -22.71 16.34 -23.25
C VAL C 171 -23.05 17.12 -24.52
N GLU C 172 -23.73 16.43 -25.45
CA GLU C 172 -24.21 17.06 -26.69
C GLU C 172 -25.63 17.56 -26.46
N ILE C 173 -25.87 18.85 -26.74
CA ILE C 173 -27.22 19.35 -26.61
C ILE C 173 -27.80 19.83 -27.96
N SER C 174 -29.09 19.56 -28.12
CA SER C 174 -29.86 19.94 -29.30
C SER C 174 -31.19 20.49 -28.82
N GLY C 175 -31.99 21.02 -29.75
CA GLY C 175 -33.26 21.58 -29.36
C GLY C 175 -34.18 20.54 -28.75
N GLU C 176 -33.96 19.27 -29.12
CA GLU C 176 -34.87 18.19 -28.77
C GLU C 176 -34.34 17.28 -27.66
N SER C 177 -33.01 17.22 -27.52
CA SER C 177 -32.44 16.23 -26.62
C SER C 177 -31.05 16.55 -26.10
N VAL C 178 -30.68 15.78 -25.09
CA VAL C 178 -29.34 15.73 -24.55
C VAL C 178 -28.75 14.36 -24.84
N VAL C 179 -27.56 14.34 -25.45
CA VAL C 179 -26.84 13.09 -25.66
C VAL C 179 -25.61 13.02 -24.74
N LEU C 180 -25.49 11.94 -23.99
CA LEU C 180 -24.34 11.71 -23.11
C LEU C 180 -23.51 10.56 -23.67
N ALA C 181 -22.19 10.76 -23.74
CA ALA C 181 -21.28 9.73 -24.24
C ALA C 181 -19.98 9.67 -23.42
N ALA C 182 -19.44 8.47 -23.30
CA ALA C 182 -18.16 8.24 -22.63
C ALA C 182 -17.47 7.02 -23.24
N THR C 183 -16.15 7.03 -23.29
CA THR C 183 -15.42 5.87 -23.79
C THR C 183 -14.05 5.76 -23.13
N ASP C 184 -13.51 4.55 -23.07
CA ASP C 184 -12.17 4.36 -22.56
C ASP C 184 -11.32 3.64 -23.62
N ARG C 185 -11.82 3.66 -24.86
CA ARG C 185 -11.22 3.01 -26.04
C ARG C 185 -11.56 1.52 -26.15
N PHE C 186 -12.10 0.95 -25.08
CA PHE C 186 -12.53 -0.46 -25.12
C PHE C 186 -14.05 -0.60 -25.16
N ARG C 187 -14.75 0.28 -24.45
CA ARG C 187 -16.20 0.36 -24.59
C ARG C 187 -16.62 1.80 -24.88
N LEU C 188 -17.76 1.96 -25.54
CA LEU C 188 -18.39 3.27 -25.73
C LEU C 188 -19.82 3.13 -25.28
N ALA C 189 -20.26 4.06 -24.44
CA ALA C 189 -21.66 4.11 -24.03
C ALA C 189 -22.27 5.46 -24.40
N VAL C 190 -23.45 5.40 -25.00
CA VAL C 190 -24.15 6.59 -25.48
C VAL C 190 -25.60 6.52 -25.05
N ARG C 191 -26.02 7.55 -24.31
CA ARG C 191 -27.42 7.66 -23.89
C ARG C 191 -28.07 8.97 -24.40
N GLU C 192 -29.24 8.86 -25.02
CA GLU C 192 -29.99 10.05 -25.42
C GLU C 192 -31.21 10.26 -24.49
N LEU C 193 -31.48 11.52 -24.14
CA LEU C 193 -32.56 11.93 -23.25
C LEU C 193 -33.35 13.11 -23.83
N THR C 194 -34.65 13.09 -23.66
CA THR C 194 -35.47 14.25 -23.98
C THR C 194 -35.16 15.37 -22.97
N TRP C 195 -35.13 16.59 -23.45
CA TRP C 195 -35.23 17.75 -22.56
C TRP C 195 -35.94 18.88 -23.29
N VAL C 196 -36.20 19.98 -22.57
CA VAL C 196 -36.85 21.13 -23.15
C VAL C 196 -35.98 22.37 -22.93
N THR C 197 -35.45 22.92 -24.01
CA THR C 197 -34.59 24.11 -23.93
C THR C 197 -35.36 25.36 -23.57
N THR C 198 -34.71 26.26 -22.85
CA THR C 198 -35.31 27.56 -22.57
C THR C 198 -35.41 28.46 -23.81
N ALA C 199 -34.46 28.32 -24.73
CA ALA C 199 -34.40 29.26 -25.87
C ALA C 199 -34.80 28.65 -27.21
N GLY C 200 -35.20 27.40 -27.23
CA GLY C 200 -35.46 26.75 -28.49
C GLY C 200 -34.23 26.10 -29.09
N ASP C 201 -33.92 26.42 -30.34
CA ASP C 201 -32.87 25.73 -31.06
C ASP C 201 -31.47 25.99 -30.49
N VAL C 202 -30.71 24.91 -30.34
CA VAL C 202 -29.31 24.98 -29.92
C VAL C 202 -28.56 23.79 -30.50
N GLU C 203 -27.26 23.96 -30.73
CA GLU C 203 -26.44 22.86 -31.24
C GLU C 203 -25.02 23.00 -30.71
N ALA C 204 -24.71 22.27 -29.64
CA ALA C 204 -23.46 22.47 -28.95
C ALA C 204 -23.04 21.24 -28.17
N ALA C 205 -21.79 21.23 -27.72
CA ALA C 205 -21.25 20.12 -26.95
C ALA C 205 -20.15 20.57 -26.00
N VAL C 206 -20.17 20.03 -24.79
CA VAL C 206 -19.11 20.28 -23.82
C VAL C 206 -18.59 18.94 -23.24
N LEU C 207 -17.53 19.01 -22.45
CA LEU C 207 -16.94 17.81 -21.88
C LEU C 207 -16.78 18.03 -20.39
N VAL C 208 -17.26 17.08 -19.60
CA VAL C 208 -17.37 17.20 -18.15
C VAL C 208 -16.65 16.05 -17.49
N PRO C 209 -15.80 16.31 -16.47
CA PRO C 209 -15.15 15.16 -15.80
C PRO C 209 -16.20 14.13 -15.34
N ALA C 210 -16.01 12.88 -15.76
CA ALA C 210 -16.98 11.81 -15.52
C ALA C 210 -17.17 11.56 -14.02
N LYS C 211 -16.06 11.51 -13.29
CA LYS C 211 -16.05 11.26 -11.86
C LYS C 211 -16.87 12.28 -11.07
N THR C 212 -16.71 13.56 -11.39
CA THR C 212 -17.42 14.60 -10.64
C THR C 212 -18.89 14.66 -11.04
N LEU C 213 -19.19 14.45 -12.32
CA LEU C 213 -20.58 14.47 -12.77
C LEU C 213 -21.34 13.26 -12.19
N ALA C 214 -20.68 12.09 -12.16
CA ALA C 214 -21.30 10.89 -11.62
C ALA C 214 -21.57 11.04 -10.13
N GLU C 215 -20.68 11.75 -9.44
CA GLU C 215 -20.85 11.99 -8.02
C GLU C 215 -22.06 12.90 -7.77
N ALA C 216 -22.19 13.96 -8.58
CA ALA C 216 -23.32 14.87 -8.47
C ALA C 216 -24.66 14.14 -8.67
N ALA C 217 -24.62 13.06 -9.45
CA ALA C 217 -25.82 12.28 -9.78
C ALA C 217 -26.26 11.39 -8.62
N LYS C 218 -25.30 10.69 -8.02
CA LYS C 218 -25.57 9.79 -6.89
C LYS C 218 -26.03 10.57 -5.66
N ALA C 219 -25.53 11.80 -5.52
CA ALA C 219 -25.86 12.66 -4.39
C ALA C 219 -27.36 12.96 -4.34
N GLY C 220 -27.98 13.12 -5.51
CA GLY C 220 -29.43 13.17 -5.60
C GLY C 220 -30.09 14.52 -5.39
N THR C 221 -31.27 14.69 -5.99
CA THR C 221 -32.05 15.91 -5.85
C THR C 221 -33.44 15.62 -5.29
N ASP C 222 -34.09 16.65 -4.77
CA ASP C 222 -35.33 16.43 -4.04
C ASP C 222 -36.58 16.58 -4.91
N GLY C 223 -36.44 17.26 -6.04
CA GLY C 223 -37.55 17.46 -6.96
C GLY C 223 -37.55 16.49 -8.13
N ASN C 224 -38.30 16.82 -9.17
CA ASN C 224 -38.53 15.89 -10.27
C ASN C 224 -37.79 16.28 -11.54
N GLN C 225 -37.24 17.48 -11.56
CA GLN C 225 -36.53 17.95 -12.75
C GLN C 225 -35.35 18.76 -12.31
N VAL C 226 -34.37 18.91 -13.19
CA VAL C 226 -33.26 19.80 -12.93
C VAL C 226 -33.00 20.66 -14.16
N HIS C 227 -32.42 21.83 -13.93
CA HIS C 227 -32.08 22.73 -15.01
C HIS C 227 -30.58 22.72 -15.26
N LEU C 228 -30.20 22.48 -16.50
CA LEU C 228 -28.79 22.52 -16.89
C LEU C 228 -28.45 23.92 -17.38
N ALA C 229 -27.34 24.44 -16.86
CA ALA C 229 -26.87 25.80 -17.09
C ALA C 229 -25.52 25.77 -17.79
N LEU C 230 -25.55 26.02 -19.09
CA LEU C 230 -24.38 25.93 -19.96
C LEU C 230 -24.25 27.20 -20.78
N GLY C 231 -25.23 28.09 -20.62
CA GLY C 231 -25.30 29.29 -21.42
C GLY C 231 -26.34 29.15 -22.53
N SER C 232 -26.17 29.92 -23.58
CA SER C 232 -27.21 30.04 -24.61
C SER C 232 -26.66 30.59 -25.94
N GLY C 233 -27.00 29.93 -27.04
CA GLY C 233 -26.57 30.38 -28.35
C GLY C 233 -25.10 30.15 -28.62
N ALA C 234 -24.39 31.21 -29.01
CA ALA C 234 -22.96 31.10 -29.30
C ALA C 234 -22.14 31.04 -28.01
N SER C 235 -22.78 31.39 -26.91
CA SER C 235 -22.12 31.50 -25.60
C SER C 235 -22.20 30.21 -24.75
N VAL C 236 -22.60 29.09 -25.37
CA VAL C 236 -22.67 27.83 -24.64
C VAL C 236 -21.26 27.34 -24.33
N GLY C 237 -21.03 26.99 -23.07
CA GLY C 237 -19.71 26.54 -22.63
C GLY C 237 -18.70 27.68 -22.47
N LYS C 238 -19.11 28.90 -22.80
CA LYS C 238 -18.19 30.03 -22.71
C LYS C 238 -17.70 30.23 -21.28
N ASP C 239 -18.57 29.99 -20.29
CA ASP C 239 -18.17 30.20 -18.90
C ASP C 239 -17.20 29.15 -18.39
N GLY C 240 -17.05 28.05 -19.12
CA GLY C 240 -16.16 26.99 -18.68
C GLY C 240 -16.73 26.21 -17.50
N LEU C 241 -18.04 26.27 -17.34
CA LEU C 241 -18.74 25.65 -16.20
C LEU C 241 -19.98 24.94 -16.70
N LEU C 242 -20.34 23.83 -16.06
CA LEU C 242 -21.68 23.30 -16.19
C LEU C 242 -22.37 23.47 -14.85
N GLY C 243 -23.52 24.13 -14.87
CA GLY C 243 -24.30 24.35 -13.67
C GLY C 243 -25.50 23.42 -13.68
N ILE C 244 -25.87 22.94 -12.48
CA ILE C 244 -27.07 22.15 -12.30
C ILE C 244 -27.93 22.77 -11.20
N ARG C 245 -29.16 23.15 -11.55
CA ARG C 245 -30.06 23.77 -10.59
C ARG C 245 -31.29 22.90 -10.35
N SER C 246 -31.57 22.64 -9.08
CA SER C 246 -32.79 21.94 -8.64
C SER C 246 -33.39 22.67 -7.45
N GLU C 247 -34.46 22.12 -6.90
CA GLU C 247 -35.15 22.83 -5.81
C GLU C 247 -34.30 22.81 -4.55
N GLY C 248 -33.98 24.01 -4.08
CA GLY C 248 -33.15 24.22 -2.91
C GLY C 248 -31.66 23.95 -3.11
N LYS C 249 -31.25 23.60 -4.32
CA LYS C 249 -29.89 23.15 -4.55
C LYS C 249 -29.26 23.68 -5.84
N ARG C 250 -27.97 24.01 -5.77
CA ARG C 250 -27.26 24.28 -7.02
C ARG C 250 -25.82 23.83 -6.94
N SER C 251 -25.30 23.40 -8.08
CA SER C 251 -23.95 22.90 -8.15
C SER C 251 -23.29 23.35 -9.44
N THR C 252 -21.97 23.37 -9.44
CA THR C 252 -21.22 23.69 -10.64
C THR C 252 -20.03 22.78 -10.72
N THR C 253 -19.69 22.42 -11.94
CA THR C 253 -18.46 21.71 -12.17
C THR C 253 -17.81 22.25 -13.41
N ARG C 254 -16.51 22.45 -13.29
CA ARG C 254 -15.62 22.99 -14.30
C ARG C 254 -15.54 22.04 -15.49
N LEU C 255 -15.60 22.57 -16.70
CA LEU C 255 -15.56 21.75 -17.91
C LEU C 255 -14.16 21.23 -18.19
N LEU C 256 -14.08 20.07 -18.86
N LEU C 256 -14.10 20.05 -18.82
CA LEU C 256 -12.78 19.52 -19.22
CA LEU C 256 -12.83 19.52 -19.28
C LEU C 256 -12.32 20.02 -20.59
C LEU C 256 -12.41 20.27 -20.55
N ASP C 257 -11.14 20.61 -20.62
CA ASP C 257 -10.60 21.21 -21.83
C ASP C 257 -9.81 20.18 -22.67
N ALA C 258 -10.55 19.28 -23.30
CA ALA C 258 -9.99 18.25 -24.18
C ALA C 258 -11.01 17.94 -25.26
N GLU C 259 -10.56 17.38 -26.36
CA GLU C 259 -11.44 17.06 -27.47
C GLU C 259 -11.92 15.61 -27.38
N PHE C 260 -13.23 15.38 -27.43
CA PHE C 260 -13.76 14.04 -27.32
C PHE C 260 -13.59 13.30 -28.65
N PRO C 261 -13.33 11.99 -28.61
CA PRO C 261 -13.15 11.26 -29.87
C PRO C 261 -14.39 11.32 -30.75
N LYS C 262 -14.22 11.21 -32.06
CA LYS C 262 -15.36 11.14 -32.97
C LYS C 262 -15.96 9.73 -32.93
N PHE C 263 -17.10 9.60 -32.26
CA PHE C 263 -17.56 8.27 -31.84
C PHE C 263 -18.67 7.69 -32.70
N ARG C 264 -19.44 8.52 -33.40
CA ARG C 264 -20.62 8.02 -34.11
C ARG C 264 -20.24 7.10 -35.28
N GLN C 265 -19.03 7.27 -35.80
CA GLN C 265 -18.50 6.39 -36.84
C GLN C 265 -18.28 4.97 -36.34
N LEU C 266 -18.21 4.80 -35.01
CA LEU C 266 -17.98 3.48 -34.41
C LEU C 266 -19.23 2.63 -34.36
N LEU C 267 -20.39 3.29 -34.50
CA LEU C 267 -21.67 2.62 -34.33
C LEU C 267 -22.09 1.98 -35.65
N PRO C 268 -22.15 0.64 -35.67
CA PRO C 268 -22.39 -0.11 -36.91
C PRO C 268 -23.79 0.16 -37.46
N ALA C 269 -23.87 0.34 -38.78
CA ALA C 269 -25.15 0.56 -39.45
C ALA C 269 -25.93 -0.76 -39.57
N GLU C 270 -25.21 -1.88 -39.66
CA GLU C 270 -25.88 -3.18 -39.72
C GLU C 270 -25.11 -4.35 -39.09
N HIS C 271 -25.80 -5.47 -38.92
CA HIS C 271 -25.29 -6.62 -38.21
C HIS C 271 -25.49 -7.90 -39.00
N THR C 272 -24.48 -8.77 -38.99
CA THR C 272 -24.61 -10.08 -39.64
C THR C 272 -25.22 -11.09 -38.69
N ALA C 273 -25.32 -10.74 -37.42
CA ALA C 273 -25.96 -11.61 -36.43
C ALA C 273 -26.53 -10.82 -35.26
N VAL C 274 -27.56 -11.38 -34.65
CA VAL C 274 -28.26 -10.72 -33.56
C VAL C 274 -28.77 -11.76 -32.56
N ALA C 275 -28.65 -11.47 -31.28
CA ALA C 275 -29.09 -12.38 -30.24
C ALA C 275 -29.76 -11.64 -29.09
N THR C 276 -30.87 -12.19 -28.60
CA THR C 276 -31.58 -11.59 -27.47
C THR C 276 -31.66 -12.58 -26.32
N ILE C 277 -31.51 -12.08 -25.09
CA ILE C 277 -31.49 -12.97 -23.92
C ILE C 277 -31.75 -12.17 -22.64
N GLY C 278 -32.31 -12.83 -21.61
CA GLY C 278 -32.52 -12.19 -20.31
C GLY C 278 -31.22 -11.74 -19.65
N VAL C 279 -31.21 -10.52 -19.14
CA VAL C 279 -29.97 -9.96 -18.60
C VAL C 279 -29.54 -10.67 -17.33
N ALA C 280 -30.48 -10.90 -16.41
CA ALA C 280 -30.17 -11.55 -15.13
C ALA C 280 -29.59 -12.95 -15.31
N GLU C 281 -30.17 -13.75 -16.20
CA GLU C 281 -29.68 -15.10 -16.45
C GLU C 281 -28.26 -15.07 -17.03
N LEU C 282 -28.06 -14.27 -18.08
CA LEU C 282 -26.77 -14.23 -18.73
C LEU C 282 -25.71 -13.71 -17.76
N THR C 283 -26.05 -12.66 -17.01
CA THR C 283 -25.14 -12.10 -16.04
C THR C 283 -24.73 -13.09 -14.95
N GLU C 284 -25.70 -13.81 -14.38
CA GLU C 284 -25.40 -14.78 -13.34
C GLU C 284 -24.53 -15.89 -13.90
N ALA C 285 -24.72 -16.21 -15.17
CA ALA C 285 -23.97 -17.27 -15.82
C ALA C 285 -22.54 -16.82 -16.08
N ILE C 286 -22.38 -15.61 -16.62
CA ILE C 286 -21.05 -15.08 -16.84
C ILE C 286 -20.23 -15.07 -15.54
N LYS C 287 -20.84 -14.64 -14.44
CA LYS C 287 -20.10 -14.55 -13.20
C LYS C 287 -19.71 -15.95 -12.71
N ARG C 288 -20.54 -16.95 -12.99
CA ARG C 288 -20.19 -18.34 -12.66
C ARG C 288 -18.99 -18.85 -13.46
N VAL C 289 -19.09 -18.74 -14.79
CA VAL C 289 -18.10 -19.28 -15.70
C VAL C 289 -16.74 -18.58 -15.56
N ALA C 290 -16.77 -17.28 -15.25
CA ALA C 290 -15.57 -16.47 -15.17
C ALA C 290 -14.79 -16.70 -13.87
N LEU C 291 -15.30 -17.57 -13.00
CA LEU C 291 -14.57 -17.88 -11.78
C LEU C 291 -13.22 -18.53 -12.09
N VAL C 292 -13.11 -19.17 -13.24
CA VAL C 292 -11.88 -19.84 -13.61
C VAL C 292 -11.03 -18.99 -14.54
N ALA C 293 -11.48 -17.80 -14.85
CA ALA C 293 -10.75 -16.93 -15.75
C ALA C 293 -9.60 -16.23 -15.03
N ASP C 294 -8.37 -16.59 -15.41
CA ASP C 294 -7.18 -15.93 -14.87
C ASP C 294 -7.06 -14.51 -15.41
N ARG C 295 -6.81 -13.55 -14.52
CA ARG C 295 -6.83 -12.11 -14.84
C ARG C 295 -8.20 -11.66 -15.31
N ALA C 297 -8.36 -14.22 -18.82
CA ALA C 297 -8.84 -12.85 -18.83
C ALA C 297 -10.00 -12.64 -19.81
N GLN C 298 -10.60 -13.73 -20.28
CA GLN C 298 -11.70 -13.60 -21.23
C GLN C 298 -12.81 -14.65 -21.01
N ILE C 299 -13.98 -14.36 -21.54
CA ILE C 299 -15.03 -15.36 -21.55
C ILE C 299 -15.46 -15.53 -22.99
N ARG C 300 -15.72 -16.78 -23.38
CA ARG C 300 -16.02 -17.10 -24.77
C ARG C 300 -17.50 -17.39 -24.96
N MET C 301 -18.07 -16.82 -26.02
CA MET C 301 -19.50 -16.95 -26.33
C MET C 301 -19.65 -17.54 -27.71
N GLU C 302 -20.07 -18.80 -27.75
CA GLU C 302 -20.33 -19.51 -29.00
C GLU C 302 -21.84 -19.45 -29.26
N PHE C 303 -22.24 -18.76 -30.33
CA PHE C 303 -23.66 -18.59 -30.61
C PHE C 303 -24.07 -19.54 -31.70
N SER C 304 -25.08 -20.34 -31.39
CA SER C 304 -25.71 -21.19 -32.38
C SER C 304 -27.20 -20.88 -32.39
N ASP C 305 -27.94 -21.62 -33.19
CA ASP C 305 -29.38 -21.56 -33.13
C ASP C 305 -29.87 -22.06 -31.77
N ASP C 306 -30.61 -21.19 -31.08
CA ASP C 306 -31.33 -21.53 -29.84
C ASP C 306 -30.42 -21.67 -28.61
N THR C 307 -29.12 -21.79 -28.81
CA THR C 307 -28.23 -22.00 -27.67
C THR C 307 -26.94 -21.14 -27.69
N LEU C 308 -26.59 -20.63 -26.51
CA LEU C 308 -25.33 -19.95 -26.32
C LEU C 308 -24.48 -20.71 -25.30
N LYS C 309 -23.30 -21.18 -25.71
CA LYS C 309 -22.38 -21.82 -24.77
C LYS C 309 -21.32 -20.82 -24.30
N LEU C 310 -21.36 -20.51 -23.02
CA LEU C 310 -20.32 -19.72 -22.39
C LEU C 310 -19.21 -20.64 -21.94
N SER C 311 -17.97 -20.16 -22.03
CA SER C 311 -16.83 -20.94 -21.58
C SER C 311 -15.63 -20.05 -21.25
N ALA C 312 -14.79 -20.53 -20.34
CA ALA C 312 -13.59 -19.81 -19.94
C ALA C 312 -12.60 -20.75 -19.26
N GLY C 313 -11.37 -20.26 -19.09
CA GLY C 313 -10.36 -20.98 -18.35
C GLY C 313 -9.26 -21.57 -19.19
N ALA C 314 -8.47 -22.45 -18.57
CA ALA C 314 -7.32 -23.10 -19.20
C ALA C 314 -6.99 -24.41 -18.45
N ASP C 315 -6.17 -25.26 -19.09
CA ASP C 315 -5.80 -26.55 -18.51
C ASP C 315 -4.99 -26.46 -17.21
N ASP C 316 -4.39 -25.30 -16.96
CA ASP C 316 -3.50 -25.14 -15.80
C ASP C 316 -4.22 -24.61 -14.56
N VAL C 317 -5.37 -23.97 -14.75
CA VAL C 317 -6.09 -23.34 -13.66
C VAL C 317 -7.47 -23.97 -13.46
N GLY C 318 -8.07 -24.38 -14.58
CA GLY C 318 -9.41 -24.94 -14.56
C GLY C 318 -10.23 -24.40 -15.71
N ARG C 319 -11.20 -25.20 -16.15
CA ARG C 319 -12.10 -24.81 -17.23
C ARG C 319 -13.54 -24.84 -16.74
N ALA C 320 -14.38 -24.04 -17.36
CA ALA C 320 -15.79 -23.98 -17.00
C ALA C 320 -16.61 -23.65 -18.21
N GLU C 321 -17.81 -24.24 -18.29
CA GLU C 321 -18.71 -23.97 -19.40
C GLU C 321 -20.17 -24.12 -19.00
N GLU C 322 -21.03 -23.36 -19.65
CA GLU C 322 -22.44 -23.36 -19.31
C GLU C 322 -23.28 -23.00 -20.52
N ASP C 323 -24.42 -23.68 -20.69
CA ASP C 323 -25.28 -23.45 -21.83
CA ASP C 323 -25.31 -23.48 -21.82
C ASP C 323 -26.55 -22.71 -21.42
N LEU C 324 -26.94 -21.73 -22.24
CA LEU C 324 -28.16 -20.96 -22.01
C LEU C 324 -28.99 -20.92 -23.28
N PRO C 325 -30.31 -21.01 -23.12
CA PRO C 325 -31.19 -20.71 -24.25
C PRO C 325 -31.05 -19.24 -24.68
N VAL C 326 -30.90 -19.02 -25.97
CA VAL C 326 -30.83 -17.68 -26.54
C VAL C 326 -31.72 -17.60 -27.78
N ASP C 327 -32.34 -16.44 -27.99
CA ASP C 327 -33.03 -16.12 -29.23
C ASP C 327 -31.99 -15.55 -30.20
N PHE C 328 -31.56 -16.35 -31.16
CA PHE C 328 -30.43 -15.98 -32.01
C PHE C 328 -30.80 -16.03 -33.47
N ALA C 329 -30.25 -15.12 -34.26
CA ALA C 329 -30.52 -15.11 -35.69
C ALA C 329 -29.30 -14.65 -36.48
N GLY C 330 -29.14 -15.18 -37.69
CA GLY C 330 -28.06 -14.77 -38.55
C GLY C 330 -26.86 -15.71 -38.51
N GLU C 331 -25.69 -15.19 -38.87
CA GLU C 331 -24.48 -15.99 -38.98
C GLU C 331 -23.91 -16.35 -37.62
N PRO C 332 -23.87 -17.65 -37.31
CA PRO C 332 -23.27 -18.11 -36.06
C PRO C 332 -21.82 -17.66 -35.92
N LEU C 333 -21.41 -17.35 -34.69
CA LEU C 333 -20.02 -17.03 -34.45
C LEU C 333 -19.64 -17.33 -33.03
N THR C 334 -18.34 -17.38 -32.79
CA THR C 334 -17.78 -17.46 -31.46
C THR C 334 -16.95 -16.19 -31.27
N ILE C 335 -17.17 -15.52 -30.15
CA ILE C 335 -16.57 -14.22 -29.91
C ILE C 335 -16.22 -14.14 -28.42
N ALA C 336 -15.14 -13.46 -28.08
CA ALA C 336 -14.75 -13.42 -26.68
C ALA C 336 -14.68 -11.99 -26.16
N PHE C 337 -14.95 -11.82 -24.87
CA PHE C 337 -14.88 -10.53 -24.22
C PHE C 337 -14.13 -10.59 -22.91
N ASN C 338 -13.65 -9.41 -22.49
CA ASN C 338 -13.29 -9.16 -21.10
C ASN C 338 -14.57 -9.31 -20.28
N PRO C 339 -14.58 -10.24 -19.31
CA PRO C 339 -15.85 -10.52 -18.62
C PRO C 339 -16.39 -9.32 -17.85
N THR C 340 -15.48 -8.50 -17.33
CA THR C 340 -15.87 -7.34 -16.53
C THR C 340 -16.45 -6.23 -17.40
N TYR C 341 -15.89 -6.02 -18.60
CA TYR C 341 -16.46 -5.04 -19.52
C TYR C 341 -17.85 -5.51 -19.94
N LEU C 342 -18.05 -6.83 -19.97
CA LEU C 342 -19.31 -7.36 -20.45
C LEU C 342 -20.38 -7.17 -19.38
N THR C 343 -20.11 -7.58 -18.14
CA THR C 343 -21.09 -7.40 -17.08
C THR C 343 -21.29 -5.91 -16.72
N ASP C 344 -20.27 -5.08 -16.96
CA ASP C 344 -20.46 -3.63 -16.80
C ASP C 344 -21.56 -3.13 -17.76
N GLY C 345 -21.46 -3.53 -19.02
CA GLY C 345 -22.46 -3.15 -20.01
C GLY C 345 -23.82 -3.75 -19.71
N LEU C 346 -23.86 -5.03 -19.33
CA LEU C 346 -25.13 -5.67 -19.07
C LEU C 346 -25.81 -4.99 -17.89
N GLY C 347 -25.02 -4.56 -16.91
CA GLY C 347 -25.56 -3.92 -15.72
C GLY C 347 -25.97 -2.48 -15.91
N SER C 348 -25.62 -1.90 -17.06
CA SER C 348 -25.89 -0.52 -17.34
C SER C 348 -27.17 -0.41 -18.17
N LEU C 349 -27.77 -1.56 -18.48
CA LEU C 349 -28.89 -1.58 -19.42
C LEU C 349 -30.26 -1.25 -18.81
N HIS C 350 -30.44 -1.61 -17.54
CA HIS C 350 -31.71 -1.40 -16.84
C HIS C 350 -32.94 -2.01 -17.54
N SER C 351 -32.72 -2.89 -18.50
CA SER C 351 -33.83 -3.60 -19.11
C SER C 351 -33.76 -5.08 -18.76
N GLU C 352 -34.85 -5.76 -19.07
CA GLU C 352 -35.03 -7.17 -18.74
C GLU C 352 -34.23 -8.05 -19.68
N ARG C 353 -34.31 -7.72 -20.97
CA ARG C 353 -33.56 -8.45 -21.98
CA ARG C 353 -33.58 -8.45 -21.99
C ARG C 353 -32.56 -7.54 -22.68
N VAL C 354 -31.49 -8.14 -23.17
CA VAL C 354 -30.46 -7.45 -23.92
C VAL C 354 -30.49 -7.98 -25.33
N THR C 355 -30.29 -7.11 -26.32
CA THR C 355 -30.01 -7.59 -27.67
C THR C 355 -28.57 -7.27 -28.05
N PHE C 356 -27.86 -8.31 -28.48
CA PHE C 356 -26.53 -8.20 -29.03
C PHE C 356 -26.57 -8.01 -30.56
N GLY C 357 -25.79 -7.06 -31.06
CA GLY C 357 -25.60 -6.91 -32.49
C GLY C 357 -24.14 -7.17 -32.85
N PHE C 358 -23.92 -8.20 -33.65
CA PHE C 358 -22.58 -8.66 -34.01
C PHE C 358 -22.28 -8.50 -35.50
N THR C 359 -21.00 -8.38 -35.82
CA THR C 359 -20.57 -8.58 -37.21
C THR C 359 -19.55 -9.72 -37.29
N THR C 360 -18.32 -9.45 -36.85
CA THR C 360 -17.26 -10.47 -36.87
C THR C 360 -16.63 -10.64 -35.47
N PRO C 361 -15.96 -11.77 -35.22
CA PRO C 361 -15.31 -12.03 -33.92
C PRO C 361 -14.26 -11.01 -33.49
N SER C 362 -13.83 -10.13 -34.38
CA SER C 362 -12.81 -9.14 -34.00
C SER C 362 -13.27 -7.69 -34.20
N ARG C 363 -14.57 -7.49 -34.36
CA ARG C 363 -15.17 -6.18 -34.53
C ARG C 363 -16.17 -5.89 -33.39
N PRO C 364 -16.37 -4.60 -33.05
CA PRO C 364 -17.20 -4.23 -31.90
C PRO C 364 -18.58 -4.89 -31.89
N ALA C 365 -19.05 -5.23 -30.69
CA ALA C 365 -20.39 -5.76 -30.51
C ALA C 365 -21.30 -4.73 -29.83
N VAL C 366 -22.51 -4.61 -30.36
CA VAL C 366 -23.51 -3.68 -29.85
C VAL C 366 -24.38 -4.33 -28.80
N LEU C 367 -24.52 -3.68 -27.66
CA LEU C 367 -25.45 -4.10 -26.63
C LEU C 367 -26.52 -3.03 -26.49
N ARG C 368 -27.79 -3.45 -26.61
CA ARG C 368 -28.95 -2.54 -26.53
C ARG C 368 -30.05 -3.12 -25.64
N PRO C 369 -30.75 -2.27 -24.89
CA PRO C 369 -31.99 -2.70 -24.24
C PRO C 369 -32.87 -3.36 -25.29
N ALA C 370 -33.42 -4.52 -24.98
CA ALA C 370 -34.23 -5.21 -25.97
C ALA C 370 -35.64 -4.63 -26.00
N GLY C 371 -36.28 -4.71 -27.16
CA GLY C 371 -37.63 -4.20 -27.34
C GLY C 371 -38.62 -5.34 -27.41
N GLU C 372 -39.59 -5.24 -28.33
CA GLU C 372 -40.61 -6.28 -28.49
C GLU C 372 -40.65 -6.84 -29.90
N GLY C 378 -36.57 -13.54 -35.59
CA GLY C 378 -35.24 -13.46 -36.14
C GLY C 378 -35.15 -14.04 -37.54
N GLY C 379 -34.83 -13.21 -38.52
CA GLY C 379 -34.83 -13.63 -39.91
C GLY C 379 -33.52 -14.27 -40.38
N SER C 380 -33.07 -13.87 -41.57
CA SER C 380 -31.82 -14.38 -42.14
C SER C 380 -30.66 -13.38 -42.07
N GLY C 381 -30.97 -12.08 -42.12
CA GLY C 381 -29.96 -11.05 -42.12
C GLY C 381 -29.38 -10.72 -43.49
N PRO C 382 -28.61 -9.63 -43.60
CA PRO C 382 -28.12 -8.72 -42.55
C PRO C 382 -29.22 -7.89 -41.90
N PHE C 383 -28.99 -7.49 -40.65
CA PHE C 383 -30.00 -6.81 -39.85
C PHE C 383 -29.64 -5.34 -39.64
N PRO C 384 -30.55 -4.43 -40.02
CA PRO C 384 -30.39 -3.00 -39.73
C PRO C 384 -30.33 -2.75 -38.23
N ALA C 385 -29.44 -1.85 -37.82
CA ALA C 385 -29.26 -1.52 -36.42
C ALA C 385 -30.55 -0.94 -35.85
N ALA C 386 -30.81 -1.20 -34.58
CA ALA C 386 -32.03 -0.72 -33.93
C ALA C 386 -31.85 0.70 -33.39
N LYS C 387 -32.94 1.46 -33.40
CA LYS C 387 -32.94 2.78 -32.78
C LYS C 387 -33.34 2.60 -31.34
N THR C 388 -32.42 2.91 -30.42
CA THR C 388 -32.73 2.88 -29.01
C THR C 388 -32.20 4.15 -28.39
N ASP C 389 -32.65 4.48 -27.19
CA ASP C 389 -32.11 5.62 -26.44
C ASP C 389 -30.71 5.33 -25.87
N TYR C 390 -30.43 4.05 -25.65
CA TYR C 390 -29.13 3.68 -25.06
C TYR C 390 -28.41 2.61 -25.86
N VAL C 391 -27.07 2.72 -25.91
CA VAL C 391 -26.25 1.69 -26.54
C VAL C 391 -24.88 1.59 -25.87
N TYR C 392 -24.44 0.36 -25.65
CA TYR C 392 -23.11 0.09 -25.06
C TYR C 392 -22.31 -0.71 -26.06
N LEU C 393 -21.29 -0.07 -26.62
CA LEU C 393 -20.49 -0.68 -27.68
C LEU C 393 -19.22 -1.24 -27.05
N LEU C 394 -18.98 -2.53 -27.28
CA LEU C 394 -17.92 -3.27 -26.59
C LEU C 394 -17.00 -3.99 -27.57
N MET C 395 -15.69 -3.69 -27.50
CA MET C 395 -14.71 -4.34 -28.36
C MET C 395 -14.44 -5.74 -27.84
N PRO C 396 -14.36 -6.74 -28.73
CA PRO C 396 -14.01 -8.12 -28.32
C PRO C 396 -12.50 -8.29 -28.06
N VAL C 397 -12.10 -9.44 -27.53
CA VAL C 397 -10.70 -9.83 -27.44
C VAL C 397 -10.51 -11.05 -28.34
N ARG C 398 -9.30 -11.28 -28.84
CA ARG C 398 -9.12 -12.36 -29.80
C ARG C 398 -9.14 -13.72 -29.14
N LEU C 399 -9.79 -14.69 -29.79
CA LEU C 399 -9.77 -16.07 -29.34
C LEU C 399 -8.33 -16.59 -29.37
N PRO C 400 -8.00 -17.50 -28.43
CA PRO C 400 -6.69 -18.14 -28.48
C PRO C 400 -6.57 -19.00 -29.73
N THR D 13 -8.65 -46.24 -7.04
CA THR D 13 -10.07 -45.95 -7.09
C THR D 13 -10.33 -44.44 -7.24
N ASP D 14 -11.35 -44.07 -8.01
CA ASP D 14 -11.62 -42.66 -8.32
C ASP D 14 -12.86 -42.10 -7.62
N LEU D 15 -12.70 -41.02 -6.87
CA LEU D 15 -13.82 -40.41 -6.15
C LEU D 15 -14.93 -39.90 -7.09
N LYS D 16 -16.16 -40.32 -6.79
CA LYS D 16 -17.35 -39.83 -7.49
C LYS D 16 -18.52 -39.82 -6.52
N PHE D 17 -19.16 -38.66 -6.36
CA PHE D 17 -20.30 -38.52 -5.43
C PHE D 17 -21.31 -37.48 -5.89
N ARG D 18 -22.50 -37.55 -5.30
CA ARG D 18 -23.53 -36.53 -5.43
C ARG D 18 -23.81 -35.92 -4.05
N VAL D 19 -24.01 -34.61 -4.00
CA VAL D 19 -24.24 -33.93 -2.72
C VAL D 19 -25.19 -32.76 -2.91
N VAL D 20 -25.94 -32.41 -1.85
CA VAL D 20 -26.79 -31.23 -1.86
C VAL D 20 -25.92 -29.97 -1.98
N ARG D 21 -26.39 -28.96 -2.72
CA ARG D 21 -25.61 -27.74 -2.91
C ARG D 21 -25.35 -26.98 -1.61
N GLU D 22 -26.38 -26.86 -0.78
CA GLU D 22 -26.30 -26.12 0.47
C GLU D 22 -25.34 -26.70 1.49
N ASP D 23 -25.35 -28.03 1.64
CA ASP D 23 -24.51 -28.69 2.63
C ASP D 23 -23.05 -28.71 2.20
N PHE D 24 -22.84 -28.81 0.89
CA PHE D 24 -21.50 -28.81 0.31
C PHE D 24 -20.88 -27.42 0.45
N ALA D 25 -21.66 -26.39 0.13
CA ALA D 25 -21.17 -25.02 0.15
C ALA D 25 -20.80 -24.58 1.56
N ASP D 26 -21.70 -24.84 2.50
CA ASP D 26 -21.47 -24.50 3.89
C ASP D 26 -20.25 -25.22 4.49
N ALA D 27 -20.03 -26.48 4.11
CA ALA D 27 -18.91 -27.23 4.64
C ALA D 27 -17.59 -26.72 4.08
N VAL D 28 -17.57 -26.49 2.77
CA VAL D 28 -16.38 -25.97 2.12
C VAL D 28 -16.06 -24.57 2.64
N ALA D 29 -17.11 -23.80 2.95
CA ALA D 29 -16.95 -22.47 3.50
C ALA D 29 -16.33 -22.53 4.89
N TRP D 30 -16.78 -23.48 5.70
CA TRP D 30 -16.23 -23.70 7.03
C TRP D 30 -14.73 -24.00 6.98
N VAL D 31 -14.34 -24.90 6.08
CA VAL D 31 -12.93 -25.26 5.92
C VAL D 31 -12.10 -24.08 5.38
N ALA D 32 -12.65 -23.40 4.37
CA ALA D 32 -11.93 -22.34 3.65
C ALA D 32 -11.56 -21.18 4.57
N ARG D 33 -12.28 -21.03 5.67
CA ARG D 33 -11.96 -20.00 6.66
C ARG D 33 -10.56 -20.22 7.25
N SER D 34 -10.15 -21.47 7.35
CA SER D 34 -8.91 -21.79 8.04
C SER D 34 -7.75 -22.13 7.10
N LEU D 35 -7.95 -21.93 5.80
CA LEU D 35 -6.87 -22.12 4.82
C LEU D 35 -5.93 -20.89 4.84
N PRO D 36 -4.65 -21.08 4.48
CA PRO D 36 -3.73 -19.94 4.41
C PRO D 36 -3.94 -19.13 3.15
N THR D 37 -3.70 -17.83 3.22
CA THR D 37 -3.74 -16.99 2.03
C THR D 37 -2.34 -16.82 1.46
N ARG D 38 -2.19 -17.14 0.18
CA ARG D 38 -0.90 -17.07 -0.52
C ARG D 38 0.21 -17.83 0.22
N PRO D 39 0.03 -19.14 0.41
CA PRO D 39 1.00 -19.87 1.25
C PRO D 39 2.29 -20.20 0.50
N THR D 40 3.42 -20.05 1.19
CA THR D 40 4.73 -20.42 0.62
C THR D 40 4.74 -21.82 0.00
N ILE D 41 3.94 -22.71 0.56
CA ILE D 41 3.73 -24.05 0.00
C ILE D 41 2.33 -24.08 -0.58
N PRO D 42 2.20 -23.83 -1.89
CA PRO D 42 0.91 -23.57 -2.58
C PRO D 42 -0.14 -24.67 -2.40
N VAL D 43 0.33 -25.90 -2.24
CA VAL D 43 -0.58 -27.04 -2.11
C VAL D 43 -1.31 -26.99 -0.76
N LEU D 44 -0.78 -26.20 0.18
CA LEU D 44 -1.42 -26.04 1.49
C LEU D 44 -2.76 -25.28 1.41
N ALA D 45 -2.98 -24.56 0.31
CA ALA D 45 -4.25 -23.88 0.06
C ALA D 45 -5.29 -24.83 -0.54
N GLY D 46 -4.98 -26.12 -0.54
CA GLY D 46 -5.90 -27.10 -1.08
C GLY D 46 -6.95 -27.55 -0.09
N VAL D 47 -8.05 -28.07 -0.62
CA VAL D 47 -9.05 -28.72 0.20
CA VAL D 47 -9.09 -28.71 0.17
C VAL D 47 -9.10 -30.19 -0.16
N LEU D 48 -9.10 -31.04 0.86
CA LEU D 48 -9.09 -32.49 0.64
C LEU D 48 -10.51 -33.05 0.71
N LEU D 49 -10.91 -33.77 -0.32
CA LEU D 49 -12.22 -34.40 -0.33
C LEU D 49 -12.05 -35.90 -0.30
N THR D 50 -12.70 -36.57 0.65
CA THR D 50 -12.60 -38.02 0.78
C THR D 50 -13.98 -38.67 0.95
N GLY D 51 -14.26 -39.64 0.07
CA GLY D 51 -15.49 -40.38 0.14
C GLY D 51 -15.26 -41.70 0.85
N THR D 52 -16.07 -41.95 1.88
CA THR D 52 -15.94 -43.11 2.73
C THR D 52 -17.21 -43.92 2.70
N ASP D 53 -17.47 -44.65 3.78
CA ASP D 53 -18.73 -45.36 3.95
C ASP D 53 -19.80 -44.40 4.44
N GLU D 54 -19.46 -43.63 5.47
CA GLU D 54 -20.37 -42.67 6.09
C GLU D 54 -20.86 -41.62 5.09
N GLY D 55 -19.97 -41.18 4.21
CA GLY D 55 -20.30 -40.14 3.24
C GLY D 55 -19.06 -39.39 2.81
N LEU D 56 -19.15 -38.06 2.83
CA LEU D 56 -18.06 -37.20 2.37
C LEU D 56 -17.36 -36.43 3.50
N THR D 57 -16.03 -36.44 3.48
CA THR D 57 -15.22 -35.74 4.45
C THR D 57 -14.47 -34.59 3.76
N ILE D 58 -14.55 -33.38 4.33
CA ILE D 58 -13.87 -32.23 3.72
C ILE D 58 -12.85 -31.64 4.70
N SER D 59 -11.56 -31.66 4.33
CA SER D 59 -10.53 -31.18 5.26
C SER D 59 -9.53 -30.20 4.66
N GLY D 60 -8.95 -29.39 5.53
CA GLY D 60 -7.79 -28.59 5.19
C GLY D 60 -6.76 -28.64 6.30
N PHE D 61 -5.48 -28.56 5.94
CA PHE D 61 -4.36 -28.60 6.88
C PHE D 61 -3.15 -27.85 6.31
N ASP D 62 -2.49 -27.04 7.13
CA ASP D 62 -1.31 -26.30 6.66
C ASP D 62 -0.10 -26.50 7.56
N TYR D 63 -0.10 -27.62 8.30
CA TYR D 63 0.87 -27.98 9.34
C TYR D 63 0.62 -27.33 10.69
N GLU D 64 -0.22 -26.30 10.73
CA GLU D 64 -0.41 -25.56 11.97
C GLU D 64 -1.84 -25.69 12.49
N VAL D 65 -2.79 -25.49 11.57
CA VAL D 65 -4.21 -25.54 11.89
C VAL D 65 -4.86 -26.53 10.94
N SER D 66 -5.73 -27.39 11.47
CA SER D 66 -6.49 -28.33 10.63
C SER D 66 -7.98 -28.16 10.88
N ALA D 67 -8.77 -28.48 9.87
CA ALA D 67 -10.22 -28.41 10.00
C ALA D 67 -10.82 -29.53 9.17
N GLU D 68 -11.70 -30.30 9.78
CA GLU D 68 -12.31 -31.42 9.06
C GLU D 68 -13.79 -31.49 9.40
N VAL D 69 -14.61 -31.56 8.36
CA VAL D 69 -16.06 -31.64 8.54
C VAL D 69 -16.60 -32.83 7.74
N LYS D 70 -17.58 -33.53 8.30
CA LYS D 70 -18.26 -34.61 7.60
C LYS D 70 -19.63 -34.15 7.18
N VAL D 71 -19.99 -34.46 5.94
CA VAL D 71 -21.31 -34.13 5.41
C VAL D 71 -21.86 -35.37 4.70
N SER D 72 -23.17 -35.57 4.82
CA SER D 72 -23.81 -36.66 4.13
C SER D 72 -23.77 -36.40 2.63
N ALA D 73 -23.56 -37.48 1.87
CA ALA D 73 -23.44 -37.42 0.42
C ALA D 73 -23.68 -38.82 -0.13
N GLU D 74 -24.11 -38.92 -1.38
CA GLU D 74 -24.26 -40.23 -2.02
C GLU D 74 -22.95 -40.58 -2.72
N ILE D 75 -22.22 -41.54 -2.18
CA ILE D 75 -20.93 -41.89 -2.74
C ILE D 75 -21.11 -43.00 -3.78
N ALA D 76 -20.89 -42.67 -5.04
CA ALA D 76 -20.97 -43.66 -6.11
C ALA D 76 -19.66 -44.44 -6.19
N SER D 77 -18.60 -43.84 -5.68
CA SER D 77 -17.27 -44.45 -5.72
C SER D 77 -16.32 -43.81 -4.71
N ALA D 78 -15.75 -44.63 -3.82
CA ALA D 78 -14.83 -44.13 -2.81
C ALA D 78 -13.56 -43.56 -3.41
N GLY D 79 -12.87 -42.73 -2.64
CA GLY D 79 -11.64 -42.14 -3.11
C GLY D 79 -11.36 -40.81 -2.43
N SER D 80 -10.22 -40.22 -2.77
CA SER D 80 -9.89 -38.90 -2.27
C SER D 80 -9.26 -38.09 -3.39
N VAL D 81 -9.35 -36.76 -3.26
CA VAL D 81 -8.77 -35.87 -4.23
C VAL D 81 -8.50 -34.54 -3.55
N LEU D 82 -7.43 -33.87 -3.98
CA LEU D 82 -7.09 -32.55 -3.48
C LEU D 82 -7.28 -31.54 -4.59
N VAL D 83 -8.00 -30.47 -4.28
CA VAL D 83 -8.32 -29.44 -5.27
C VAL D 83 -8.12 -28.07 -4.64
N SER D 84 -7.96 -27.05 -5.46
CA SER D 84 -7.67 -25.71 -4.96
C SER D 84 -8.81 -25.13 -4.09
N GLY D 85 -8.42 -24.63 -2.91
CA GLY D 85 -9.37 -24.25 -1.88
C GLY D 85 -10.26 -23.08 -2.24
N ARG D 86 -9.64 -21.96 -2.61
CA ARG D 86 -10.40 -20.76 -2.90
C ARG D 86 -11.29 -20.93 -4.14
N LEU D 87 -10.81 -21.67 -5.12
CA LEU D 87 -11.59 -21.89 -6.32
C LEU D 87 -12.83 -22.74 -6.02
N LEU D 88 -12.65 -23.82 -5.24
CA LEU D 88 -13.76 -24.68 -4.85
C LEU D 88 -14.80 -23.89 -4.07
N SER D 89 -14.36 -23.12 -3.08
CA SER D 89 -15.30 -22.31 -2.30
C SER D 89 -16.03 -21.27 -3.15
N ASP D 90 -15.33 -20.67 -4.11
CA ASP D 90 -15.94 -19.67 -5.00
C ASP D 90 -16.96 -20.31 -5.95
N ILE D 91 -16.58 -21.44 -6.52
CA ILE D 91 -17.51 -22.21 -7.34
C ILE D 91 -18.74 -22.62 -6.56
N THR D 92 -18.54 -23.29 -5.42
CA THR D 92 -19.67 -23.83 -4.67
C THR D 92 -20.59 -22.73 -4.18
N LYS D 93 -20.04 -21.55 -3.89
CA LYS D 93 -20.88 -20.43 -3.46
C LYS D 93 -21.69 -19.87 -4.63
N ALA D 94 -21.28 -20.18 -5.85
CA ALA D 94 -21.90 -19.58 -7.03
C ALA D 94 -22.85 -20.52 -7.76
N LEU D 95 -22.93 -21.77 -7.33
CA LEU D 95 -23.75 -22.75 -8.02
C LEU D 95 -25.24 -22.53 -7.76
N PRO D 96 -26.12 -23.03 -8.65
CA PRO D 96 -27.56 -22.97 -8.37
C PRO D 96 -27.95 -23.93 -7.24
N ALA D 97 -29.17 -23.79 -6.72
CA ALA D 97 -29.68 -24.71 -5.70
C ALA D 97 -30.20 -25.98 -6.35
N LYS D 98 -29.25 -26.78 -6.84
CA LYS D 98 -29.53 -28.05 -7.51
C LYS D 98 -28.60 -29.11 -6.89
N PRO D 99 -28.76 -30.38 -7.28
CA PRO D 99 -27.73 -31.31 -6.81
C PRO D 99 -26.38 -31.07 -7.47
N VAL D 100 -25.30 -31.40 -6.77
CA VAL D 100 -23.96 -31.23 -7.28
C VAL D 100 -23.31 -32.58 -7.51
N GLU D 101 -22.81 -32.80 -8.73
CA GLU D 101 -22.15 -34.06 -9.08
C GLU D 101 -20.64 -33.91 -9.27
N VAL D 102 -19.86 -34.53 -8.39
CA VAL D 102 -18.41 -34.42 -8.45
C VAL D 102 -17.81 -35.77 -8.84
N SER D 103 -16.86 -35.74 -9.78
CA SER D 103 -16.35 -36.98 -10.38
C SER D 103 -14.89 -36.82 -10.77
N VAL D 104 -14.02 -37.64 -10.19
CA VAL D 104 -12.60 -37.55 -10.53
C VAL D 104 -12.26 -38.42 -11.73
N GLU D 105 -11.67 -37.82 -12.74
CA GLU D 105 -11.26 -38.53 -13.96
C GLU D 105 -9.87 -38.09 -14.42
N GLY D 106 -8.88 -38.92 -14.13
CA GLY D 106 -7.50 -38.64 -14.53
C GLY D 106 -6.85 -37.60 -13.66
N THR D 107 -6.45 -36.50 -14.27
CA THR D 107 -5.85 -35.40 -13.52
C THR D 107 -6.85 -34.24 -13.35
N ARG D 108 -8.11 -34.50 -13.66
CA ARG D 108 -9.15 -33.49 -13.53
C ARG D 108 -10.24 -33.91 -12.55
N VAL D 109 -10.89 -32.92 -11.95
N VAL D 109 -10.91 -32.94 -11.94
CA VAL D 109 -12.10 -33.14 -11.15
CA VAL D 109 -12.10 -33.23 -11.15
C VAL D 109 -13.26 -32.43 -11.82
C VAL D 109 -13.28 -32.45 -11.74
N SER D 110 -14.28 -33.20 -12.19
CA SER D 110 -15.45 -32.62 -12.82
C SER D 110 -16.52 -32.28 -11.79
N LEU D 111 -17.01 -31.06 -11.82
CA LEU D 111 -18.09 -30.67 -10.94
C LEU D 111 -19.22 -30.12 -11.80
N THR D 112 -20.34 -30.84 -11.80
CA THR D 112 -21.50 -30.46 -12.60
CA THR D 112 -21.49 -30.42 -12.58
C THR D 112 -22.69 -30.16 -11.68
N CYS D 113 -23.46 -29.13 -12.03
CA CYS D 113 -24.61 -28.72 -11.24
C CYS D 113 -25.55 -27.93 -12.12
N GLY D 114 -26.70 -28.51 -12.42
CA GLY D 114 -27.61 -27.93 -13.37
C GLY D 114 -26.92 -27.78 -14.71
N SER D 115 -27.01 -26.58 -15.28
CA SER D 115 -26.42 -26.32 -16.58
C SER D 115 -24.92 -26.01 -16.51
N ALA D 116 -24.39 -25.85 -15.30
CA ALA D 116 -23.00 -25.43 -15.10
C ALA D 116 -22.03 -26.59 -14.92
N ARG D 117 -20.94 -26.57 -15.70
CA ARG D 117 -19.96 -27.65 -15.67
C ARG D 117 -18.55 -27.10 -15.46
N PHE D 118 -17.89 -27.54 -14.38
CA PHE D 118 -16.51 -27.15 -14.09
C PHE D 118 -15.56 -28.33 -14.24
N SER D 119 -14.33 -28.02 -14.64
CA SER D 119 -13.29 -29.02 -14.80
C SER D 119 -11.98 -28.51 -14.21
N LEU D 120 -11.72 -28.88 -12.95
CA LEU D 120 -10.57 -28.40 -12.19
C LEU D 120 -9.40 -29.39 -12.18
N PRO D 121 -8.17 -28.86 -12.15
CA PRO D 121 -7.03 -29.78 -12.07
C PRO D 121 -6.87 -30.37 -10.66
N THR D 122 -6.42 -31.62 -10.58
CA THR D 122 -6.12 -32.21 -9.27
C THR D 122 -4.77 -31.69 -8.77
N LEU D 123 -4.67 -31.50 -7.46
CA LEU D 123 -3.39 -31.16 -6.85
C LEU D 123 -2.65 -32.42 -6.40
N ALA D 124 -1.33 -32.40 -6.49
CA ALA D 124 -0.50 -33.52 -6.04
C ALA D 124 -0.49 -33.58 -4.52
N VAL D 125 -0.55 -34.79 -3.97
CA VAL D 125 -0.63 -34.97 -2.53
C VAL D 125 0.69 -35.42 -1.89
N GLU D 126 1.73 -35.59 -2.70
CA GLU D 126 3.02 -36.09 -2.21
CA GLU D 126 3.01 -36.11 -2.19
C GLU D 126 3.60 -35.22 -1.11
N ASP D 127 3.40 -33.91 -1.24
CA ASP D 127 3.94 -32.97 -0.26
C ASP D 127 2.82 -32.32 0.55
N TYR D 128 1.68 -33.00 0.61
CA TYR D 128 0.54 -32.52 1.39
C TYR D 128 0.46 -33.31 2.70
N PRO D 129 0.62 -32.62 3.84
CA PRO D 129 0.71 -33.29 5.14
C PRO D 129 -0.60 -33.97 5.55
N ALA D 130 -0.50 -35.03 6.33
CA ALA D 130 -1.68 -35.72 6.82
C ALA D 130 -2.22 -35.03 8.07
N LEU D 131 -3.55 -35.00 8.22
CA LEU D 131 -4.20 -34.50 9.42
C LEU D 131 -3.58 -35.14 10.67
N PRO D 132 -3.35 -34.33 11.70
CA PRO D 132 -2.85 -34.89 12.97
C PRO D 132 -3.97 -35.55 13.76
N ALA D 133 -3.61 -36.55 14.56
CA ALA D 133 -4.59 -37.16 15.43
C ALA D 133 -4.85 -36.20 16.57
N LEU D 134 -6.13 -36.03 16.91
CA LEU D 134 -6.54 -35.18 18.03
C LEU D 134 -6.11 -35.80 19.36
N PRO D 135 -5.73 -34.97 20.33
CA PRO D 135 -5.35 -35.51 21.64
C PRO D 135 -6.52 -36.23 22.32
N GLU D 136 -6.27 -36.85 23.47
CA GLU D 136 -7.35 -37.42 24.26
C GLU D 136 -8.26 -36.31 24.79
N GLU D 137 -9.54 -36.62 24.92
CA GLU D 137 -10.52 -35.64 25.35
C GLU D 137 -10.27 -35.23 26.80
N THR D 138 -10.41 -33.94 27.06
CA THR D 138 -10.18 -33.40 28.39
C THR D 138 -11.50 -32.99 29.05
N GLY D 139 -12.35 -32.29 28.29
CA GLY D 139 -13.59 -31.78 28.84
C GLY D 139 -14.59 -31.28 27.79
N VAL D 140 -15.82 -31.07 28.24
CA VAL D 140 -16.94 -30.65 27.41
C VAL D 140 -17.54 -29.35 27.94
N ILE D 141 -17.85 -28.43 27.04
CA ILE D 141 -18.50 -27.19 27.44
C ILE D 141 -19.59 -26.83 26.42
N ALA D 142 -20.65 -26.21 26.90
CA ALA D 142 -21.75 -25.79 26.04
C ALA D 142 -21.20 -24.88 24.95
N SER D 143 -21.82 -24.95 23.78
CA SER D 143 -21.29 -24.26 22.61
C SER D 143 -21.44 -22.75 22.73
N ASP D 144 -22.60 -22.30 23.19
CA ASP D 144 -22.86 -20.87 23.29
C ASP D 144 -21.96 -20.21 24.34
N LEU D 145 -21.68 -20.93 25.43
CA LEU D 145 -20.77 -20.43 26.45
C LEU D 145 -19.35 -20.32 25.91
N PHE D 146 -18.97 -21.31 25.12
CA PHE D 146 -17.63 -21.37 24.55
C PHE D 146 -17.37 -20.21 23.59
N ALA D 147 -18.30 -19.99 22.66
CA ALA D 147 -18.22 -18.87 21.73
C ALA D 147 -18.11 -17.53 22.47
N GLU D 148 -19.02 -17.31 23.41
CA GLU D 148 -19.06 -16.08 24.19
C GLU D 148 -17.76 -15.81 24.97
N ALA D 149 -17.26 -16.84 25.65
CA ALA D 149 -16.10 -16.67 26.52
C ALA D 149 -14.85 -16.42 25.70
N ILE D 150 -14.61 -17.23 24.68
CA ILE D 150 -13.48 -17.00 23.77
C ILE D 150 -13.57 -15.60 23.17
N GLY D 151 -14.79 -15.21 22.77
CA GLY D 151 -15.03 -13.93 22.16
C GLY D 151 -14.76 -12.77 23.10
N GLN D 152 -15.11 -12.95 24.37
CA GLN D 152 -14.79 -11.97 25.40
C GLN D 152 -13.31 -11.74 25.54
N VAL D 153 -12.57 -12.81 25.79
CA VAL D 153 -11.17 -12.74 26.18
C VAL D 153 -10.27 -12.36 24.99
N ALA D 154 -10.58 -12.86 23.80
CA ALA D 154 -9.73 -12.61 22.62
C ALA D 154 -9.59 -11.12 22.30
N VAL D 155 -10.55 -10.30 22.71
CA VAL D 155 -10.49 -8.89 22.39
C VAL D 155 -9.26 -8.22 23.02
N ALA D 156 -8.74 -8.81 24.09
CA ALA D 156 -7.60 -8.23 24.81
C ALA D 156 -6.22 -8.78 24.37
N ALA D 157 -6.20 -9.75 23.45
CA ALA D 157 -4.94 -10.35 23.03
C ALA D 157 -4.11 -9.38 22.20
N GLY D 158 -2.78 -9.46 22.33
CA GLY D 158 -1.92 -8.67 21.45
C GLY D 158 -1.97 -9.21 20.04
N ARG D 159 -1.62 -8.39 19.06
CA ARG D 159 -1.39 -8.86 17.70
C ARG D 159 0.09 -8.80 17.39
N ASP D 160 0.89 -9.03 18.44
CA ASP D 160 2.32 -8.65 18.48
C ASP D 160 2.64 -7.41 17.65
N LEU D 163 6.12 -10.15 20.01
CA LEU D 163 5.62 -10.40 21.35
C LEU D 163 4.74 -11.65 21.45
N PRO D 164 5.34 -12.85 21.34
CA PRO D 164 4.58 -14.09 21.21
C PRO D 164 3.71 -14.41 22.43
N MET D 165 4.25 -14.14 23.62
CA MET D 165 3.52 -14.39 24.86
C MET D 165 2.25 -13.54 25.03
N LEU D 166 2.08 -12.51 24.20
CA LEU D 166 0.87 -11.69 24.22
C LEU D 166 -0.14 -12.09 23.16
N THR D 167 0.24 -12.98 22.24
CA THR D 167 -0.66 -13.32 21.12
C THR D 167 -1.56 -14.52 21.38
N GLY D 168 -1.42 -15.10 22.57
CA GLY D 168 -2.18 -16.30 22.88
C GLY D 168 -3.35 -16.08 23.83
N ILE D 169 -4.17 -17.10 23.99
CA ILE D 169 -5.12 -17.16 25.10
C ILE D 169 -4.69 -18.24 26.08
N ARG D 170 -4.50 -17.85 27.33
CA ARG D 170 -4.18 -18.81 28.38
C ARG D 170 -5.41 -19.61 28.79
N VAL D 171 -5.26 -20.92 28.88
CA VAL D 171 -6.34 -21.80 29.30
C VAL D 171 -5.90 -22.56 30.57
N GLU D 172 -6.39 -22.14 31.73
CA GLU D 172 -6.07 -22.84 32.98
C GLU D 172 -7.19 -23.78 33.32
N ILE D 173 -6.84 -25.04 33.60
CA ILE D 173 -7.84 -26.02 34.01
C ILE D 173 -7.58 -26.55 35.40
N SER D 174 -8.56 -26.39 36.28
CA SER D 174 -8.48 -26.96 37.62
C SER D 174 -9.73 -27.78 37.90
N GLY D 175 -9.70 -29.04 37.49
CA GLY D 175 -10.86 -29.91 37.60
C GLY D 175 -12.02 -29.38 36.80
N GLU D 176 -13.13 -29.10 37.49
CA GLU D 176 -14.34 -28.59 36.85
C GLU D 176 -14.20 -27.15 36.33
N SER D 177 -13.28 -26.39 36.90
CA SER D 177 -13.20 -24.97 36.57
C SER D 177 -12.24 -24.70 35.41
N VAL D 178 -12.60 -23.73 34.57
CA VAL D 178 -11.72 -23.27 33.50
C VAL D 178 -11.56 -21.76 33.59
N VAL D 179 -10.34 -21.28 33.39
CA VAL D 179 -10.07 -19.85 33.33
C VAL D 179 -9.42 -19.52 32.00
N LEU D 180 -10.00 -18.56 31.29
CA LEU D 180 -9.44 -18.03 30.05
C LEU D 180 -8.90 -16.62 30.30
N ALA D 181 -7.72 -16.32 29.77
CA ALA D 181 -7.13 -15.00 29.94
C ALA D 181 -6.30 -14.56 28.73
N ALA D 182 -6.23 -13.25 28.53
CA ALA D 182 -5.43 -12.66 27.49
C ALA D 182 -5.14 -11.21 27.85
N THR D 183 -3.99 -10.71 27.40
CA THR D 183 -3.61 -9.34 27.66
C THR D 183 -2.72 -8.85 26.53
N ASP D 184 -2.68 -7.53 26.33
CA ASP D 184 -1.75 -6.95 25.36
C ASP D 184 -0.90 -5.89 26.05
N ARG D 185 -0.88 -5.97 27.39
CA ARG D 185 -0.21 -5.02 28.29
C ARG D 185 -1.02 -3.74 28.57
N PHE D 186 -2.08 -3.49 27.81
CA PHE D 186 -2.91 -2.32 28.07
C PHE D 186 -4.25 -2.67 28.70
N ARG D 187 -4.83 -3.77 28.26
CA ARG D 187 -5.99 -4.36 28.91
C ARG D 187 -5.70 -5.83 29.21
N LEU D 188 -6.48 -6.37 30.14
CA LEU D 188 -6.44 -7.78 30.51
C LEU D 188 -7.87 -8.27 30.64
N ALA D 189 -8.23 -9.31 29.90
CA ALA D 189 -9.55 -9.91 30.04
C ALA D 189 -9.45 -11.32 30.62
N VAL D 190 -10.26 -11.58 31.64
CA VAL D 190 -10.27 -12.89 32.29
C VAL D 190 -11.70 -13.38 32.43
N ARG D 191 -11.96 -14.57 31.90
CA ARG D 191 -13.27 -15.19 32.04
C ARG D 191 -13.15 -16.56 32.70
N GLU D 192 -13.93 -16.75 33.74
CA GLU D 192 -13.98 -18.02 34.44
C GLU D 192 -15.28 -18.74 34.10
N LEU D 193 -15.20 -20.04 33.88
CA LEU D 193 -16.38 -20.83 33.58
C LEU D 193 -16.26 -22.24 34.16
N THR D 194 -17.35 -22.98 34.15
CA THR D 194 -17.33 -24.36 34.61
CA THR D 194 -17.34 -24.35 34.61
C THR D 194 -17.56 -25.27 33.42
N TRP D 195 -16.92 -26.43 33.43
CA TRP D 195 -17.11 -27.37 32.35
C TRP D 195 -17.25 -28.78 32.93
N VAL D 196 -17.52 -29.75 32.05
CA VAL D 196 -17.64 -31.14 32.45
C VAL D 196 -16.39 -31.92 32.02
N THR D 197 -15.60 -32.36 33.01
CA THR D 197 -14.39 -33.13 32.74
C THR D 197 -14.72 -34.46 32.08
N THR D 198 -13.89 -34.87 31.13
CA THR D 198 -14.10 -36.12 30.41
C THR D 198 -13.38 -37.28 31.10
N ALA D 199 -12.10 -37.10 31.39
CA ALA D 199 -11.35 -38.13 32.10
C ALA D 199 -11.33 -37.83 33.60
N GLY D 200 -10.14 -37.87 34.19
CA GLY D 200 -9.99 -37.64 35.61
C GLY D 200 -9.74 -36.18 35.93
N ASP D 201 -9.46 -35.87 37.20
CA ASP D 201 -9.15 -34.52 37.61
C ASP D 201 -7.89 -34.03 36.90
N VAL D 202 -7.87 -32.77 36.50
CA VAL D 202 -6.74 -32.22 35.77
C VAL D 202 -6.34 -30.85 36.33
N GLU D 203 -5.04 -30.67 36.56
CA GLU D 203 -4.50 -29.39 36.98
C GLU D 203 -3.42 -28.92 36.01
N ALA D 204 -3.79 -28.06 35.06
CA ALA D 204 -2.87 -27.68 33.99
C ALA D 204 -3.20 -26.36 33.31
N ALA D 205 -2.27 -25.89 32.49
CA ALA D 205 -2.44 -24.66 31.73
C ALA D 205 -1.69 -24.71 30.40
N VAL D 206 -2.35 -24.27 29.35
CA VAL D 206 -1.74 -24.15 28.03
C VAL D 206 -1.91 -22.73 27.47
N LEU D 207 -1.25 -22.44 26.36
CA LEU D 207 -1.37 -21.14 25.71
C LEU D 207 -1.71 -21.39 24.25
N VAL D 208 -2.89 -20.93 23.85
CA VAL D 208 -3.44 -21.15 22.52
C VAL D 208 -3.42 -19.84 21.71
N PRO D 209 -2.95 -19.89 20.45
CA PRO D 209 -2.95 -18.71 19.56
C PRO D 209 -4.35 -18.10 19.45
N ALA D 210 -4.46 -16.81 19.79
CA ALA D 210 -5.75 -16.16 20.00
C ALA D 210 -6.59 -15.97 18.75
N LYS D 211 -5.97 -15.51 17.67
CA LYS D 211 -6.72 -15.27 16.44
C LYS D 211 -7.32 -16.58 15.96
N THR D 212 -6.55 -17.67 16.09
CA THR D 212 -6.97 -19.00 15.65
C THR D 212 -8.11 -19.56 16.49
N LEU D 213 -7.98 -19.46 17.80
CA LEU D 213 -9.01 -19.93 18.71
C LEU D 213 -10.28 -19.08 18.58
N ALA D 214 -10.10 -17.77 18.39
CA ALA D 214 -11.25 -16.87 18.25
C ALA D 214 -12.00 -17.12 16.97
N GLU D 215 -11.27 -17.48 15.91
CA GLU D 215 -11.91 -17.75 14.62
C GLU D 215 -12.66 -19.07 14.66
N ALA D 216 -12.09 -20.04 15.36
CA ALA D 216 -12.74 -21.35 15.53
C ALA D 216 -14.06 -21.21 16.30
N ALA D 217 -14.06 -20.35 17.33
CA ALA D 217 -15.24 -20.12 18.15
C ALA D 217 -16.37 -19.43 17.38
N LYS D 218 -16.02 -18.41 16.58
CA LYS D 218 -17.00 -17.67 15.79
C LYS D 218 -17.77 -18.59 14.86
N ALA D 219 -17.09 -19.63 14.37
CA ALA D 219 -17.71 -20.64 13.52
C ALA D 219 -18.82 -21.41 14.23
N GLY D 220 -19.48 -22.31 13.50
CA GLY D 220 -20.73 -22.90 13.93
C GLY D 220 -20.72 -23.83 15.14
N THR D 221 -20.01 -24.95 15.00
CA THR D 221 -20.03 -26.04 15.99
C THR D 221 -21.44 -26.50 16.33
N GLY D 223 -25.18 -28.85 16.89
CA GLY D 223 -24.11 -28.95 17.87
C GLY D 223 -24.36 -28.10 19.11
N ASN D 224 -24.77 -28.74 20.19
CA ASN D 224 -25.01 -28.03 21.44
C ASN D 224 -23.78 -28.06 22.34
N GLN D 225 -22.79 -28.86 21.97
CA GLN D 225 -21.59 -29.03 22.79
C GLN D 225 -20.27 -28.94 22.02
N VAL D 226 -19.25 -28.49 22.74
CA VAL D 226 -17.89 -28.39 22.22
C VAL D 226 -16.95 -29.21 23.09
N HIS D 227 -16.27 -30.18 22.48
CA HIS D 227 -15.33 -31.04 23.20
C HIS D 227 -13.91 -30.53 23.01
N LEU D 228 -13.21 -30.31 24.13
CA LEU D 228 -11.85 -29.80 24.12
C LEU D 228 -10.87 -30.92 24.41
N ALA D 229 -9.95 -31.17 23.48
CA ALA D 229 -9.00 -32.26 23.62
C ALA D 229 -7.58 -31.73 23.80
N LEU D 230 -7.07 -31.88 25.01
CA LEU D 230 -5.72 -31.44 25.40
C LEU D 230 -4.90 -32.59 25.99
N GLY D 231 -5.47 -33.78 26.04
CA GLY D 231 -4.86 -34.89 26.74
C GLY D 231 -5.36 -35.00 28.17
N SER D 232 -4.76 -35.92 28.92
CA SER D 232 -5.24 -36.22 30.27
C SER D 232 -4.15 -36.80 31.16
N GLY D 233 -4.25 -36.55 32.46
CA GLY D 233 -3.28 -37.05 33.40
C GLY D 233 -2.01 -36.22 33.39
N ALA D 234 -0.88 -36.89 33.21
CA ALA D 234 0.40 -36.18 33.18
C ALA D 234 0.77 -35.75 31.77
N SER D 235 -0.08 -36.08 30.81
CA SER D 235 0.19 -35.73 29.41
C SER D 235 -0.73 -34.61 28.89
N VAL D 236 -1.27 -33.79 29.79
CA VAL D 236 -2.04 -32.65 29.35
C VAL D 236 -1.09 -31.62 28.73
N GLY D 237 -1.21 -31.41 27.43
CA GLY D 237 -0.35 -30.48 26.71
C GLY D 237 0.79 -31.17 25.98
N LYS D 238 0.83 -32.49 26.09
CA LYS D 238 1.98 -33.27 25.60
C LYS D 238 2.06 -33.36 24.08
N ASP D 239 0.93 -33.62 23.43
CA ASP D 239 0.89 -33.69 21.97
C ASP D 239 1.22 -32.34 21.30
N GLY D 240 1.15 -31.26 22.07
CA GLY D 240 1.47 -29.93 21.57
C GLY D 240 0.29 -29.32 20.81
N LEU D 241 -0.88 -29.87 21.06
CA LEU D 241 -2.06 -29.61 20.26
C LEU D 241 -3.29 -29.32 21.11
N LEU D 242 -4.15 -28.44 20.62
CA LEU D 242 -5.50 -28.35 21.12
C LEU D 242 -6.43 -28.87 20.03
N GLY D 243 -7.23 -29.89 20.38
CA GLY D 243 -8.23 -30.40 19.48
C GLY D 243 -9.57 -29.84 19.89
N ILE D 244 -10.40 -29.51 18.90
CA ILE D 244 -11.75 -29.01 19.16
C ILE D 244 -12.71 -29.86 18.37
N ARG D 245 -13.68 -30.46 19.07
CA ARG D 245 -14.65 -31.37 18.45
CA ARG D 245 -14.65 -31.33 18.41
C ARG D 245 -16.09 -30.91 18.67
N SER D 246 -16.89 -30.90 17.61
CA SER D 246 -18.32 -30.69 17.71
C SER D 246 -18.98 -31.72 16.80
N GLU D 247 -20.30 -31.71 16.73
CA GLU D 247 -21.01 -32.69 15.92
C GLU D 247 -20.56 -32.64 14.46
N GLY D 248 -19.84 -33.67 14.03
CA GLY D 248 -19.41 -33.80 12.65
C GLY D 248 -18.24 -32.92 12.23
N LYS D 249 -17.63 -32.23 13.20
CA LYS D 249 -16.50 -31.35 12.94
C LYS D 249 -15.35 -31.60 13.92
N ARG D 250 -14.12 -31.59 13.39
CA ARG D 250 -12.94 -31.69 14.25
CA ARG D 250 -12.92 -31.75 14.20
C ARG D 250 -11.84 -30.75 13.74
N SER D 251 -11.22 -30.05 14.70
CA SER D 251 -10.17 -29.11 14.35
C SER D 251 -9.03 -29.15 15.36
N THR D 252 -7.82 -28.85 14.89
CA THR D 252 -6.63 -28.83 15.73
C THR D 252 -5.91 -27.49 15.57
N THR D 253 -5.30 -27.00 16.66
CA THR D 253 -4.33 -25.93 16.55
C THR D 253 -3.10 -26.23 17.42
N ARG D 254 -1.93 -25.93 16.86
CA ARG D 254 -0.69 -25.99 17.60
C ARG D 254 -0.73 -25.03 18.81
N LEU D 255 -0.21 -25.46 19.95
CA LEU D 255 -0.15 -24.60 21.14
C LEU D 255 0.99 -23.59 20.97
N LEU D 256 0.91 -22.50 21.72
CA LEU D 256 1.88 -21.44 21.58
C LEU D 256 2.96 -21.66 22.60
N ASP D 257 4.20 -21.52 22.15
CA ASP D 257 5.34 -21.79 23.00
C ASP D 257 5.86 -20.46 23.53
N ALA D 258 5.29 -20.05 24.67
CA ALA D 258 5.69 -18.83 25.38
C ALA D 258 5.04 -18.85 26.74
N GLU D 259 5.69 -18.22 27.71
CA GLU D 259 5.13 -18.13 29.06
C GLU D 259 4.22 -16.92 29.20
N PHE D 260 2.96 -17.17 29.54
CA PHE D 260 1.99 -16.12 29.83
C PHE D 260 2.40 -15.35 31.08
N PRO D 261 2.23 -14.02 31.08
CA PRO D 261 2.60 -13.22 32.26
C PRO D 261 1.74 -13.56 33.47
N LYS D 262 2.25 -13.38 34.69
CA LYS D 262 1.45 -13.59 35.88
C LYS D 262 0.47 -12.43 36.05
N PHE D 263 -0.82 -12.72 35.90
CA PHE D 263 -1.82 -11.66 35.73
C PHE D 263 -2.68 -11.42 36.99
N ARG D 264 -2.75 -12.41 37.88
CA ARG D 264 -3.68 -12.33 38.98
C ARG D 264 -3.32 -11.27 40.00
N GLN D 265 -2.04 -10.94 40.11
CA GLN D 265 -1.63 -9.91 41.05
C GLN D 265 -2.19 -8.55 40.63
N LEU D 266 -2.57 -8.43 39.36
CA LEU D 266 -3.06 -7.15 38.79
C LEU D 266 -4.47 -6.76 39.23
N LEU D 267 -5.23 -7.74 39.68
CA LEU D 267 -6.64 -7.50 40.00
C LEU D 267 -6.79 -6.93 41.40
N PRO D 268 -7.26 -5.68 41.50
CA PRO D 268 -7.43 -4.95 42.75
C PRO D 268 -8.39 -5.64 43.70
N ALA D 269 -8.02 -5.72 44.97
CA ALA D 269 -8.89 -6.26 45.99
C ALA D 269 -9.97 -5.27 46.40
N GLU D 270 -9.71 -3.98 46.23
CA GLU D 270 -10.70 -2.96 46.57
C GLU D 270 -10.52 -1.64 45.80
N HIS D 271 -11.53 -0.79 45.86
CA HIS D 271 -11.58 0.46 45.09
C HIS D 271 -11.88 1.66 45.97
N THR D 272 -11.49 2.85 45.52
CA THR D 272 -11.82 4.07 46.24
C THR D 272 -13.07 4.71 45.65
N ALA D 273 -13.43 4.31 44.43
CA ALA D 273 -14.65 4.80 43.80
C ALA D 273 -15.24 3.74 42.89
N VAL D 274 -16.56 3.62 42.92
CA VAL D 274 -17.23 2.71 41.99
C VAL D 274 -18.36 3.42 41.28
N ALA D 275 -18.59 3.04 40.03
CA ALA D 275 -19.61 3.68 39.21
C ALA D 275 -20.37 2.64 38.40
N THR D 276 -21.69 2.69 38.46
CA THR D 276 -22.52 1.79 37.67
C THR D 276 -23.36 2.61 36.71
N ILE D 277 -23.39 2.18 35.45
CA ILE D 277 -24.11 2.89 34.40
CA ILE D 277 -24.16 2.87 34.41
C ILE D 277 -24.57 1.88 33.33
N GLY D 278 -25.56 2.27 32.51
CA GLY D 278 -25.98 1.44 31.41
C GLY D 278 -24.88 1.34 30.35
N VAL D 279 -24.68 0.16 29.80
CA VAL D 279 -23.64 -0.07 28.80
C VAL D 279 -24.01 0.61 27.47
N ALA D 280 -25.27 0.47 27.07
CA ALA D 280 -25.78 1.10 25.85
C ALA D 280 -25.67 2.63 25.92
N GLU D 281 -26.27 3.23 26.96
CA GLU D 281 -26.13 4.65 27.20
C GLU D 281 -24.67 5.10 27.06
N LEU D 282 -23.78 4.50 27.85
CA LEU D 282 -22.37 4.89 27.87
C LEU D 282 -21.67 4.72 26.52
N THR D 283 -21.96 3.62 25.83
CA THR D 283 -21.27 3.34 24.57
C THR D 283 -21.66 4.34 23.48
N GLU D 284 -22.96 4.55 23.30
CA GLU D 284 -23.47 5.46 22.28
C GLU D 284 -22.92 6.86 22.50
N ALA D 285 -22.76 7.22 23.77
CA ALA D 285 -22.25 8.54 24.16
C ALA D 285 -20.75 8.63 23.93
N ILE D 286 -20.04 7.54 24.17
CA ILE D 286 -18.59 7.49 23.94
C ILE D 286 -18.32 7.67 22.45
N LYS D 287 -19.17 7.10 21.62
CA LYS D 287 -18.96 7.18 20.19
C LYS D 287 -19.18 8.61 19.69
N ARG D 288 -20.13 9.33 20.29
CA ARG D 288 -20.37 10.72 19.91
C ARG D 288 -19.18 11.60 20.29
N VAL D 289 -18.74 11.47 21.54
CA VAL D 289 -17.72 12.35 22.08
C VAL D 289 -16.34 12.11 21.42
N ALA D 290 -16.00 10.85 21.18
CA ALA D 290 -14.71 10.48 20.59
C ALA D 290 -14.56 10.93 19.13
N LEU D 291 -15.64 11.40 18.52
CA LEU D 291 -15.61 11.92 17.14
C LEU D 291 -14.53 12.97 16.89
N VAL D 292 -14.17 13.72 17.93
CA VAL D 292 -13.26 14.85 17.74
C VAL D 292 -11.85 14.50 18.21
N ALA D 293 -11.66 13.29 18.71
CA ALA D 293 -10.37 12.88 19.25
C ALA D 293 -9.36 12.68 18.11
N ASP D 294 -8.41 13.60 18.02
CA ASP D 294 -7.36 13.57 17.02
C ASP D 294 -6.56 12.27 17.10
N ARG D 295 -6.66 11.46 16.04
CA ARG D 295 -6.07 10.11 15.97
C ARG D 295 -6.70 9.16 16.98
N GLY D 296 -7.87 9.52 17.51
CA GLY D 296 -8.51 8.75 18.55
C GLY D 296 -7.60 8.63 19.75
N ALA D 297 -7.07 9.76 20.21
CA ALA D 297 -6.15 9.80 21.33
C ALA D 297 -6.81 9.34 22.63
N GLN D 298 -7.68 10.17 23.19
CA GLN D 298 -8.24 9.87 24.49
C GLN D 298 -9.62 10.47 24.74
N ILE D 299 -10.38 9.79 25.59
CA ILE D 299 -11.62 10.34 26.11
C ILE D 299 -11.52 10.44 27.63
N ARG D 300 -12.03 11.54 28.16
CA ARG D 300 -11.97 11.82 29.60
C ARG D 300 -13.30 11.52 30.30
N MET D 301 -13.19 10.99 31.52
CA MET D 301 -14.37 10.64 32.31
C MET D 301 -14.31 11.32 33.67
N GLU D 302 -15.15 12.33 33.86
CA GLU D 302 -15.23 13.03 35.13
C GLU D 302 -16.44 12.57 35.92
N PHE D 303 -16.17 11.93 37.06
CA PHE D 303 -17.21 11.40 37.94
C PHE D 303 -17.40 12.29 39.17
N SER D 304 -18.65 12.61 39.48
CA SER D 304 -19.00 13.31 40.72
C SER D 304 -20.51 13.30 40.92
N ASP D 305 -20.93 13.22 42.18
CA ASP D 305 -22.35 13.23 42.52
C ASP D 305 -23.07 12.13 41.79
N ASP D 306 -24.04 12.51 40.96
CA ASP D 306 -24.79 11.53 40.18
C ASP D 306 -24.61 11.74 38.68
N THR D 307 -23.50 12.37 38.27
CA THR D 307 -23.31 12.61 36.85
C THR D 307 -21.90 12.27 36.36
N LEU D 308 -21.84 11.71 35.16
CA LEU D 308 -20.58 11.46 34.49
C LEU D 308 -20.44 12.44 33.33
N LYS D 309 -19.33 13.20 33.31
CA LYS D 309 -19.07 14.07 32.17
C LYS D 309 -17.99 13.47 31.27
N LEU D 310 -18.37 13.15 30.04
CA LEU D 310 -17.44 12.70 29.03
C LEU D 310 -16.91 13.89 28.25
N SER D 311 -15.62 13.87 27.90
CA SER D 311 -15.09 14.89 26.97
C SER D 311 -13.90 14.36 26.19
N ALA D 312 -13.64 14.99 25.06
CA ALA D 312 -12.51 14.63 24.22
C ALA D 312 -12.13 15.81 23.34
N GLY D 313 -11.01 15.65 22.63
CA GLY D 313 -10.57 16.62 21.67
C GLY D 313 -9.65 17.64 22.30
N ALA D 314 -9.24 18.60 21.51
CA ALA D 314 -8.40 19.69 22.00
C ALA D 314 -8.79 21.00 21.31
N ASP D 315 -8.26 22.11 21.80
CA ASP D 315 -8.56 23.42 21.24
C ASP D 315 -8.38 23.53 19.71
N ASP D 316 -7.32 22.92 19.18
CA ASP D 316 -6.99 23.12 17.78
C ASP D 316 -7.76 22.22 16.83
N VAL D 317 -8.36 21.15 17.35
CA VAL D 317 -9.02 20.16 16.50
C VAL D 317 -10.53 20.12 16.68
N GLY D 318 -11.02 20.63 17.80
CA GLY D 318 -12.42 20.48 18.13
C GLY D 318 -12.60 19.77 19.45
N ARG D 319 -13.60 20.21 20.20
CA ARG D 319 -13.88 19.62 21.50
C ARG D 319 -15.29 19.07 21.51
N ALA D 320 -15.55 18.14 22.42
CA ALA D 320 -16.88 17.59 22.58
C ALA D 320 -17.07 17.20 24.03
N GLU D 321 -18.31 17.26 24.50
CA GLU D 321 -18.60 16.79 25.85
C GLU D 321 -20.06 16.38 26.01
N GLU D 322 -20.31 15.45 26.92
CA GLU D 322 -21.65 14.95 27.16
C GLU D 322 -21.82 14.52 28.62
N ASP D 323 -22.95 14.88 29.21
CA ASP D 323 -23.28 14.53 30.58
C ASP D 323 -24.24 13.35 30.65
N LEU D 324 -23.90 12.36 31.47
CA LEU D 324 -24.76 11.20 31.70
C LEU D 324 -25.09 11.04 33.18
N PRO D 325 -26.31 10.59 33.48
CA PRO D 325 -26.66 10.14 34.84
C PRO D 325 -25.90 8.87 35.15
N VAL D 326 -25.38 8.75 36.37
CA VAL D 326 -24.57 7.60 36.76
C VAL D 326 -24.71 7.33 38.25
N ASP D 327 -24.72 6.05 38.62
CA ASP D 327 -24.68 5.67 40.04
C ASP D 327 -23.21 5.61 40.46
N PHE D 328 -22.80 6.57 41.29
CA PHE D 328 -21.41 6.75 41.67
C PHE D 328 -21.24 6.88 43.18
N ALA D 329 -20.20 6.25 43.71
CA ALA D 329 -19.89 6.35 45.13
C ALA D 329 -18.38 6.46 45.36
N GLY D 330 -18.01 7.16 46.42
CA GLY D 330 -16.61 7.34 46.75
C GLY D 330 -16.08 8.71 46.37
N GLU D 331 -14.75 8.81 46.38
CA GLU D 331 -14.06 10.05 46.05
C GLU D 331 -14.11 10.33 44.55
N PRO D 332 -14.64 11.50 44.19
CA PRO D 332 -14.79 11.94 42.79
C PRO D 332 -13.45 11.92 42.07
N LEU D 333 -13.47 11.70 40.76
CA LEU D 333 -12.24 11.63 40.01
C LEU D 333 -12.45 11.81 38.52
N THR D 334 -11.37 12.19 37.85
CA THR D 334 -11.36 12.31 36.42
C THR D 334 -10.28 11.40 35.89
N ILE D 335 -10.65 10.56 34.93
CA ILE D 335 -9.75 9.53 34.44
C ILE D 335 -9.94 9.39 32.93
N ALA D 336 -8.86 9.13 32.22
CA ALA D 336 -8.95 9.08 30.76
C ALA D 336 -8.58 7.70 30.22
N PHE D 337 -9.12 7.38 29.05
CA PHE D 337 -8.89 6.09 28.43
C PHE D 337 -8.73 6.21 26.93
N ASN D 338 -8.03 5.25 26.34
CA ASN D 338 -8.15 4.97 24.92
C ASN D 338 -9.61 4.59 24.63
N PRO D 339 -10.28 5.38 23.77
CA PRO D 339 -11.71 5.19 23.49
C PRO D 339 -12.01 3.81 22.91
N THR D 340 -11.15 3.33 22.02
CA THR D 340 -11.33 2.00 21.42
C THR D 340 -11.16 0.87 22.46
N TYR D 341 -10.07 0.91 23.23
CA TYR D 341 -9.88 -0.02 24.33
C TYR D 341 -11.10 -0.02 25.25
N LEU D 342 -11.69 1.17 25.45
CA LEU D 342 -12.83 1.29 26.36
C LEU D 342 -14.10 0.67 25.77
N THR D 343 -14.39 0.97 24.51
CA THR D 343 -15.57 0.39 23.89
C THR D 343 -15.34 -1.11 23.65
N ASP D 344 -14.09 -1.52 23.43
CA ASP D 344 -13.75 -2.95 23.35
C ASP D 344 -14.18 -3.65 24.65
N GLY D 345 -13.86 -3.04 25.78
CA GLY D 345 -14.22 -3.63 27.06
C GLY D 345 -15.72 -3.68 27.22
N LEU D 346 -16.36 -2.53 26.98
CA LEU D 346 -17.81 -2.39 27.17
C LEU D 346 -18.59 -3.38 26.34
N GLY D 347 -18.14 -3.60 25.11
CA GLY D 347 -18.80 -4.52 24.21
C GLY D 347 -18.60 -5.98 24.55
N SER D 348 -17.69 -6.30 25.45
CA SER D 348 -17.48 -7.71 25.78
C SER D 348 -18.20 -8.14 27.08
N LEU D 349 -18.97 -7.23 27.67
CA LEU D 349 -19.57 -7.53 28.97
C LEU D 349 -20.82 -8.40 28.86
N HIS D 350 -21.64 -8.12 27.85
CA HIS D 350 -22.91 -8.83 27.62
C HIS D 350 -23.85 -8.70 28.83
N SER D 351 -23.89 -7.50 29.38
CA SER D 351 -24.79 -7.16 30.48
C SER D 351 -25.47 -5.83 30.21
N GLU D 352 -26.53 -5.55 30.94
CA GLU D 352 -27.28 -4.32 30.76
C GLU D 352 -26.48 -3.13 31.31
N ARG D 353 -25.80 -3.35 32.43
CA ARG D 353 -25.02 -2.29 33.05
CA ARG D 353 -25.03 -2.30 33.08
C ARG D 353 -23.57 -2.72 33.29
N VAL D 354 -22.69 -1.74 33.50
CA VAL D 354 -21.31 -1.99 33.82
C VAL D 354 -21.00 -1.36 35.16
N THR D 355 -20.19 -2.03 35.97
CA THR D 355 -19.65 -1.37 37.15
C THR D 355 -18.15 -1.14 37.00
N PHE D 356 -17.73 0.12 37.02
CA PHE D 356 -16.31 0.47 37.05
C PHE D 356 -15.78 0.48 38.49
N GLY D 357 -14.56 -0.04 38.70
CA GLY D 357 -13.90 0.07 39.99
C GLY D 357 -12.59 0.82 39.80
N PHE D 358 -12.44 1.96 40.48
CA PHE D 358 -11.27 2.82 40.33
C PHE D 358 -10.42 2.92 41.61
N THR D 359 -9.15 3.29 41.46
CA THR D 359 -8.39 3.79 42.61
C THR D 359 -7.94 5.22 42.30
N THR D 360 -6.94 5.38 41.42
CA THR D 360 -6.46 6.71 41.03
C THR D 360 -6.49 6.85 39.49
N PRO D 361 -6.46 8.09 38.99
CA PRO D 361 -6.43 8.35 37.54
C PRO D 361 -5.34 7.61 36.76
N SER D 362 -4.30 7.14 37.44
CA SER D 362 -3.18 6.54 36.71
C SER D 362 -2.98 5.06 37.02
N ARG D 363 -4.00 4.42 37.57
CA ARG D 363 -3.91 3.00 37.92
C ARG D 363 -5.07 2.27 37.24
N PRO D 364 -4.91 0.95 36.97
CA PRO D 364 -5.89 0.18 36.20
C PRO D 364 -7.33 0.38 36.64
N ALA D 365 -8.26 0.39 35.70
CA ALA D 365 -9.67 0.43 36.07
C ALA D 365 -10.33 -0.91 35.76
N VAL D 366 -11.17 -1.37 36.67
CA VAL D 366 -11.90 -2.61 36.50
C VAL D 366 -13.28 -2.36 35.87
N LEU D 367 -13.58 -3.07 34.77
CA LEU D 367 -14.94 -3.12 34.25
C LEU D 367 -15.54 -4.52 34.46
N ARG D 368 -16.68 -4.60 35.13
CA ARG D 368 -17.38 -5.86 35.36
C ARG D 368 -18.83 -5.73 34.92
N PRO D 369 -19.44 -6.86 34.50
CA PRO D 369 -20.89 -6.83 34.31
C PRO D 369 -21.54 -6.50 35.65
N ALA D 370 -22.58 -5.68 35.64
CA ALA D 370 -23.28 -5.32 36.87
C ALA D 370 -24.50 -6.19 37.08
N GLY D 378 -22.72 2.94 47.92
CA GLY D 378 -22.69 2.10 49.11
C GLY D 378 -21.79 2.64 50.21
N GLY D 379 -22.09 3.84 50.66
CA GLY D 379 -21.27 4.52 51.65
C GLY D 379 -20.22 5.39 51.00
N SER D 380 -19.11 5.62 51.73
CA SER D 380 -18.02 6.48 51.25
C SER D 380 -16.78 5.71 50.83
N GLY D 381 -16.76 4.41 51.12
CA GLY D 381 -15.64 3.56 50.72
C GLY D 381 -14.59 3.38 51.80
N PRO D 382 -13.56 2.56 51.53
CA PRO D 382 -13.29 1.85 50.26
C PRO D 382 -14.26 0.69 49.97
N PHE D 383 -14.26 0.22 48.74
CA PHE D 383 -15.25 -0.75 48.29
C PHE D 383 -14.62 -2.06 47.85
N PRO D 384 -15.11 -3.18 48.41
CA PRO D 384 -14.57 -4.49 48.02
C PRO D 384 -14.82 -4.79 46.54
N ALA D 385 -13.87 -5.45 45.89
CA ALA D 385 -14.04 -5.85 44.51
C ALA D 385 -15.18 -6.85 44.39
N ALA D 386 -15.99 -6.72 43.34
CA ALA D 386 -17.11 -7.63 43.11
C ALA D 386 -16.63 -8.94 42.50
N LYS D 387 -17.25 -10.05 42.91
CA LYS D 387 -16.96 -11.36 42.33
C LYS D 387 -17.81 -11.60 41.10
N THR D 388 -17.16 -11.66 39.94
CA THR D 388 -17.86 -11.90 38.69
C THR D 388 -17.09 -12.92 37.85
N ASP D 389 -17.79 -13.60 36.96
CA ASP D 389 -17.17 -14.59 36.10
C ASP D 389 -16.27 -13.92 35.06
N TYR D 390 -16.59 -12.68 34.73
CA TYR D 390 -15.84 -11.94 33.73
C TYR D 390 -15.30 -10.63 34.28
N VAL D 391 -14.09 -10.28 33.87
CA VAL D 391 -13.49 -9.00 34.23
C VAL D 391 -12.61 -8.48 33.10
N TYR D 392 -12.68 -7.17 32.88
CA TYR D 392 -11.86 -6.48 31.88
C TYR D 392 -11.07 -5.34 32.57
N LEU D 393 -9.79 -5.57 32.81
CA LEU D 393 -8.92 -4.60 33.47
C LEU D 393 -8.30 -3.67 32.44
N LEU D 394 -8.57 -2.37 32.55
CA LEU D 394 -8.13 -1.41 31.54
C LEU D 394 -7.16 -0.38 32.13
N MET D 395 -5.98 -0.27 31.54
CA MET D 395 -5.05 0.76 32.01
C MET D 395 -5.52 2.12 31.48
N PRO D 396 -5.50 3.15 32.34
CA PRO D 396 -5.80 4.51 31.86
C PRO D 396 -4.63 5.14 31.09
N VAL D 397 -4.91 6.21 30.35
CA VAL D 397 -3.86 7.06 29.80
C VAL D 397 -3.85 8.36 30.60
N ARG D 398 -2.78 9.13 30.50
CA ARG D 398 -2.70 10.35 31.31
C ARG D 398 -3.46 11.51 30.70
N LEU D 399 -4.18 12.24 31.55
CA LEU D 399 -4.77 13.51 31.18
C LEU D 399 -3.69 14.47 30.66
N PRO D 400 -4.04 15.33 29.70
CA PRO D 400 -3.07 16.29 29.17
C PRO D 400 -2.60 17.25 30.25
N GLY D 401 -1.29 17.49 30.30
CA GLY D 401 -0.72 18.37 31.31
C GLY D 401 0.50 19.10 30.76
C ACE E 1 6.99 -28.48 -4.06
O ACE E 1 8.14 -28.26 -4.40
CH3 ACE E 1 6.08 -29.33 -4.91
N MVA E 2 6.50 -27.89 -2.91
CN MVA E 2 5.41 -28.68 -2.31
CA MVA E 2 7.56 -27.49 -1.95
CB MVA E 2 7.22 -26.06 -1.59
CG1 MVA E 2 8.41 -25.31 -1.00
CG2 MVA E 2 6.77 -25.32 -2.83
C MVA E 2 7.63 -28.35 -0.70
O MVA E 2 7.11 -27.95 0.35
C MP8 E 3 9.28 -29.43 1.56
N MP8 E 3 8.20 -29.62 -0.75
O MP8 E 3 10.05 -28.54 1.22
CA MP8 E 3 8.55 -30.28 0.54
CB MP8 E 3 9.48 -31.41 0.09
CD MP8 E 3 9.26 -29.85 -1.75
CE MP8 E 3 10.68 -31.99 -2.05
CG MP8 E 3 10.22 -30.86 -1.12
N NZC E 4 9.03 -29.64 2.92
O NZC E 4 11.33 -31.12 4.01
OG1 NZC E 4 8.76 -29.46 5.77
C NZC E 4 11.22 -29.93 4.28
CA NZC E 4 10.07 -29.04 3.80
CB NZC E 4 9.33 -28.42 5.01
CG2 NZC E 4 8.16 -27.53 4.57
C40 NZC E 4 8.52 -30.99 3.27
N LEU E 5 12.15 -29.31 5.00
CA LEU E 5 13.19 -30.04 5.73
C LEU E 5 12.53 -31.00 6.68
C MP8 E 6 12.16 -32.85 9.19
N MP8 E 6 13.20 -32.12 7.15
O MP8 E 6 12.58 -33.64 9.99
CA MP8 E 6 12.27 -33.12 7.72
CB MP8 E 6 12.96 -34.46 7.53
CD MP8 E 6 14.10 -32.80 6.20
CE MP8 E 6 14.80 -35.23 5.96
CG MP8 E 6 14.32 -34.13 6.90
N LEU E 7 11.63 -31.71 9.58
CA LEU E 7 11.59 -31.43 10.99
C LEU E 7 10.48 -32.23 11.63
N MVA E 8 10.76 -33.09 12.67
CN MVA E 8 11.63 -32.42 13.66
CA MVA E 8 9.51 -33.65 13.26
CB MVA E 8 9.68 -35.17 13.32
CG1 MVA E 8 10.08 -35.73 11.96
CG2 MVA E 8 8.42 -35.86 13.85
C MVA E 8 9.21 -33.11 14.64
O MVA E 8 9.72 -33.61 15.64
N PRO E 9 8.40 -32.01 14.81
CA PRO E 9 7.20 -31.90 13.91
C PRO E 9 7.49 -30.80 12.92
N MLU E 10 6.82 -30.62 11.73
CN MLU E 10 5.40 -31.01 11.66
CA MLU E 10 7.01 -29.21 11.27
C MLU E 10 7.25 -29.28 9.81
O MLU E 10 6.66 -28.53 9.05
CB MLU E 10 5.79 -28.33 11.49
CG MLU E 10 6.01 -27.27 12.57
CD1 MLU E 10 4.89 -26.23 12.51
CD2 MLU E 10 7.39 -26.65 12.46
N GLY E 11 8.09 -30.22 9.39
CA GLY E 11 8.17 -30.48 7.98
C GLY E 11 8.77 -29.33 7.21
C ACE F 1 -2.43 29.47 3.41
O ACE F 1 -1.26 29.78 3.29
CH3 ACE F 1 -3.23 29.94 4.59
N MVA F 2 -3.00 28.62 2.47
CN MVA F 2 -4.43 28.91 2.27
CA MVA F 2 -2.22 28.57 1.20
CB MVA F 2 -2.01 27.09 0.89
CG1 MVA F 2 -1.01 26.84 -0.25
CG2 MVA F 2 -1.63 26.32 2.15
C MVA F 2 -2.88 29.24 0.01
O MVA F 2 -3.50 28.56 -0.80
C MP8 F 3 -2.65 30.62 -2.68
N MP8 F 3 -2.85 30.61 -0.11
O MP8 F 3 -1.54 30.11 -2.72
CA MP8 F 3 -3.24 31.20 -1.42
CB MP8 F 3 -2.84 32.65 -1.20
CD MP8 F 3 -1.65 31.32 0.41
CE MP8 F 3 -1.29 33.87 0.36
CG MP8 F 3 -1.54 32.59 -0.43
N NZC F 4 -3.45 30.62 -3.83
O NZC F 4 -2.60 32.88 -5.48
OG1 NZC F 4 -4.66 30.34 -6.41
C NZC F 4 -2.20 31.76 -5.79
CA NZC F 4 -2.66 30.49 -5.10
CB NZC F 4 -3.47 29.64 -6.07
CG2 NZC F 4 -3.89 28.33 -5.40
C40 NZC F 4 -4.61 31.55 -3.83
N LEU F 5 -1.30 31.55 -6.77
CA LEU F 5 -0.99 32.57 -7.78
C LEU F 5 -2.26 33.11 -8.37
C MP8 F 6 -4.04 34.76 -10.48
N MP8 F 6 -2.27 34.37 -8.94
O MP8 F 6 -4.14 35.73 -11.20
CA MP8 F 6 -3.64 34.94 -9.05
CB MP8 F 6 -3.50 36.41 -8.74
CD MP8 F 6 -1.42 35.36 -8.25
CE MP8 F 6 -1.55 37.88 -7.98
CG MP8 F 6 -2.00 36.67 -8.79
N LEU F 7 -4.22 33.50 -10.88
CA LEU F 7 -4.70 33.15 -12.20
C LEU F 7 -6.19 33.34 -12.31
N MVA F 8 -6.72 34.23 -13.25
CN MVA F 8 -6.00 34.15 -14.54
CA MVA F 8 -8.19 34.06 -13.39
CB MVA F 8 -8.81 35.46 -13.33
CG1 MVA F 8 -8.10 36.30 -12.26
CG2 MVA F 8 -10.32 35.40 -13.08
C MVA F 8 -8.60 33.33 -14.65
O MVA F 8 -8.74 33.91 -15.72
N PRO F 9 -8.82 31.97 -14.62
CA PRO F 9 -9.52 31.51 -13.40
C PRO F 9 -8.60 30.56 -12.68
N MLU F 10 -8.63 30.32 -11.31
CN MLU F 10 -9.96 30.12 -10.69
CA MLU F 10 -7.79 29.14 -11.01
C MLU F 10 -7.21 29.38 -9.67
O MLU F 10 -7.20 28.50 -8.84
CB MLU F 10 -8.58 27.83 -10.93
CG MLU F 10 -8.32 26.95 -12.14
CD1 MLU F 10 -8.96 25.57 -11.94
CD2 MLU F 10 -6.83 26.85 -12.44
N GLY F 11 -6.76 30.60 -9.49
CA GLY F 11 -6.27 31.01 -8.20
C GLY F 11 -5.10 30.17 -7.75
C ACE G 1 -6.08 -9.05 -27.83
O ACE G 1 -7.23 -9.39 -27.70
CH3 ACE G 1 -5.07 -10.00 -28.44
N MVA G 2 -5.68 -7.82 -27.35
CN MVA G 2 -4.61 -7.24 -28.19
CA MVA G 2 -6.85 -6.91 -27.10
CB MVA G 2 -7.04 -6.73 -25.58
CG1 MVA G 2 -6.02 -7.54 -24.77
CG2 MVA G 2 -7.15 -5.33 -25.00
C MVA G 2 -6.80 -5.67 -27.98
O MVA G 2 -6.24 -4.64 -27.61
C MP8 G 3 -8.37 -3.44 -29.29
N MP8 G 3 -7.31 -5.78 -29.26
O MP8 G 3 -9.13 -3.68 -28.36
CA MP8 G 3 -7.66 -4.55 -30.04
CB MP8 G 3 -8.57 -5.09 -31.14
CD MP8 G 3 -8.37 -6.81 -29.44
CE MP8 G 3 -9.60 -7.35 -31.63
CG MP8 G 3 -9.29 -6.30 -30.56
N NZC G 4 -8.08 -2.12 -29.65
O NZC G 4 -10.21 -1.36 -31.41
OG1 NZC G 4 -7.99 0.82 -30.11
C NZC G 4 -10.26 -0.95 -30.26
CA NZC G 4 -9.14 -1.13 -29.28
CB NZC G 4 -8.52 0.23 -28.94
CG2 NZC G 4 -7.35 0.06 -27.98
C40 NZC G 4 -7.47 -1.97 -31.02
N LEU G 5 -11.34 -0.29 -29.80
CA LEU G 5 -12.31 0.36 -30.68
C LEU G 5 -11.66 1.10 -31.82
C MP8 G 6 -11.43 3.28 -34.06
N MP8 G 6 -12.27 1.29 -33.04
O MP8 G 6 -11.90 3.89 -35.01
CA MP8 G 6 -11.32 1.79 -34.07
CB MP8 G 6 -11.84 1.22 -35.39
CD MP8 G 6 -12.98 0.13 -33.59
CE MP8 G 6 -13.75 -0.41 -35.96
CG MP8 G 6 -13.20 0.65 -35.01
N LEU G 7 -11.03 3.89 -32.96
CA LEU G 7 -10.98 5.33 -32.89
C LEU G 7 -9.93 5.84 -33.84
N MVA G 8 -10.24 6.77 -34.81
CN MVA G 8 -11.23 7.76 -34.33
CA MVA G 8 -9.00 7.38 -35.40
CB MVA G 8 -9.19 7.32 -36.90
CG1 MVA G 8 -9.50 5.88 -37.34
CG2 MVA G 8 -7.97 7.87 -37.65
C MVA G 8 -8.77 8.82 -35.00
O MVA G 8 -9.31 9.73 -35.60
N PRO G 9 -7.95 9.17 -33.95
CA PRO G 9 -6.76 8.31 -33.77
C PRO G 9 -6.94 7.63 -32.45
N MLU G 10 -5.90 6.95 -31.82
CN MLU G 10 -5.27 5.93 -32.69
CA MLU G 10 -6.37 6.44 -30.51
C MLU G 10 -6.57 4.95 -30.47
O MLU G 10 -5.94 4.30 -29.65
CB MLU G 10 -5.29 6.74 -29.48
CG MLU G 10 -5.53 8.04 -28.75
CD1 MLU G 10 -4.27 8.41 -27.98
CD2 MLU G 10 -6.74 7.95 -27.83
N GLY G 11 -7.45 4.39 -31.27
CA GLY G 11 -7.43 2.94 -31.38
C GLY G 11 -8.02 2.25 -30.15
C ACE H 1 0.52 8.14 28.34
O ACE H 1 -0.64 7.97 28.68
CH3 ACE H 1 1.19 9.48 28.52
N MVA H 2 1.21 7.12 27.70
CN MVA H 2 2.66 7.10 28.02
CA MVA H 2 0.57 5.78 27.81
CB MVA H 2 0.58 5.29 26.38
CG1 MVA H 2 -0.19 3.98 26.16
CG2 MVA H 2 0.05 6.39 25.45
C MVA H 2 1.32 4.82 28.73
O MVA H 2 2.13 4.04 28.25
C MP8 H 3 1.25 2.35 30.53
N MP8 H 3 1.16 4.87 30.11
O MP8 H 3 0.17 2.20 29.97
CA MP8 H 3 1.70 3.74 30.93
CB MP8 H 3 1.16 4.08 32.32
CD MP8 H 3 -0.18 5.23 30.62
CE MP8 H 3 -0.57 5.67 33.13
CG MP8 H 3 -0.22 4.67 32.05
N NZC H 4 2.04 1.23 30.77
O NZC H 4 0.91 -0.15 33.14
OG1 NZC H 4 3.23 -1.35 30.92
C NZC H 4 0.67 -0.60 32.03
CA NZC H 4 1.24 -0.05 30.73
CB NZC H 4 2.12 -1.13 30.07
CG2 NZC H 4 2.70 -0.71 28.73
C40 NZC H 4 3.03 1.35 31.87
N LEU H 5 -0.12 -1.66 31.93
CA LEU H 5 -0.51 -2.49 33.05
C LEU H 5 0.72 -2.92 33.83
C MP8 H 6 2.44 -4.72 35.78
N MP8 H 6 0.66 -3.23 35.18
O MP8 H 6 2.51 -5.35 36.82
CA MP8 H 6 2.00 -3.28 35.80
CB MP8 H 6 1.80 -2.79 37.22
CD MP8 H 6 -0.19 -2.39 36.03
CE MP8 H 6 -0.18 -1.87 38.53
CG MP8 H 6 0.30 -2.80 37.41
N LEU H 7 2.70 -5.26 34.60
CA LEU H 7 3.20 -6.61 34.47
C LEU H 7 4.65 -6.64 34.89
N MVA H 8 5.08 -7.47 35.91
CN MVA H 8 4.40 -8.79 35.85
CA MVA H 8 6.56 -7.57 35.90
CB MVA H 8 7.10 -7.27 37.30
CG1 MVA H 8 6.24 -6.24 38.01
CG2 MVA H 8 8.56 -6.82 37.24
C MVA H 8 7.08 -8.91 35.45
O MVA H 8 7.21 -9.83 36.25
N PRO H 9 7.37 -9.12 34.12
CA PRO H 9 8.14 -8.00 33.54
C PRO H 9 7.29 -7.42 32.45
N MLU H 10 7.37 -6.11 32.01
CN MLU H 10 8.73 -5.54 31.94
CA MLU H 10 6.64 -5.94 30.72
C MLU H 10 5.95 -4.62 30.76
O MLU H 10 6.02 -3.85 29.81
CB MLU H 10 7.57 -5.93 29.51
CG MLU H 10 7.52 -7.23 28.71
CD1 MLU H 10 8.48 -7.17 27.53
CD2 MLU H 10 6.10 -7.54 28.27
N GLY H 11 5.30 -4.34 31.89
CA GLY H 11 4.71 -3.03 32.09
C GLY H 11 3.65 -2.72 31.05
NA NA I . 15.06 -24.33 -20.30
NA NA J . -22.46 29.63 0.39
#